data_6TVC
#
_entry.id   6TVC
#
_cell.length_a   64.380
_cell.length_b   214.950
_cell.length_c   74.670
_cell.angle_alpha   90.000
_cell.angle_beta   97.580
_cell.angle_gamma   90.000
#
_symmetry.space_group_name_H-M   'P 1 21 1'
#
loop_
_entity.id
_entity.type
_entity.pdbx_description
1 polymer 'Haemagglutinin HA1'
2 polymer 'Haemagglutinin HA2'
3 non-polymer 2-acetamido-2-deoxy-beta-D-glucopyranose
4 water water
#
loop_
_entity_poly.entity_id
_entity_poly.type
_entity_poly.pdbx_seq_one_letter_code
_entity_poly.pdbx_strand_id
1 'polypeptide(L)'
;PDKICLGHHAVANGTIVKTLTNEQEEVTNATETVESTSLNRLCMKGRNHKDLGNCHPIGMLIGTPACDLHLTGTWDTLIE
RKNAIAYCYPGATVNEKALRQKIMESGGISKINTGFTYGSSINSAGTTKACMRNGGNSFYAELKWLVSKNKGQNFPQTTN
TYRNADTAEHLIMWGIHHPSSTQEKNDLYGTQSLSISVGSSTYKNSFVPVVGARPQVNGLSGRIDFHWTLVQPGDKIIFS
HNGGLIAPSRVSKLIGRGLGIQSEAPIDNSCESKCFWRGGSINTRLPFQNLSPRTVGQCPKYVNKKSLMLATGMRNVPE
;
A,C,E
2 'polypeptide(L)'
;GLFGAIAGFIENGWEGMVDGWYGFRHQNAQGTGQAADYKSTQAAIDQITGKLNRIIKKTNTEFESIESEFSEIDHQIGNV
INWTKDSITDIWTYQAELLVAMENQHTIDMADSEMLNLYERVRKQLRQNAEEDGKGCFEIYHACDDSCMESIRNNTYNHS
QYREEALLNRLN
;
B,D,F
#
# COMPACT_ATOMS: atom_id res chain seq x y z
N PRO A 1 10.42 6.43 -65.54
CA PRO A 1 10.48 5.15 -64.82
C PRO A 1 9.14 4.75 -64.17
N ASP A 2 8.92 3.44 -64.06
CA ASP A 2 7.80 2.90 -63.29
C ASP A 2 8.03 3.13 -61.80
N LYS A 3 7.04 2.86 -60.97
CA LYS A 3 7.23 3.05 -59.53
C LYS A 3 6.37 2.15 -58.67
N ILE A 4 6.89 1.85 -57.49
CA ILE A 4 6.17 1.11 -56.48
C ILE A 4 6.29 1.93 -55.20
N CYS A 5 5.15 2.13 -54.54
CA CYS A 5 5.03 3.00 -53.37
C CYS A 5 4.66 2.16 -52.17
N LEU A 6 5.31 2.42 -51.04
CA LEU A 6 5.01 1.75 -49.78
C LEU A 6 4.13 2.67 -48.95
N GLY A 7 3.16 2.06 -48.26
CA GLY A 7 2.24 2.82 -47.44
C GLY A 7 1.55 1.98 -46.39
N HIS A 8 0.76 2.68 -45.59
CA HIS A 8 0.00 2.08 -44.49
C HIS A 8 -1.44 2.55 -44.55
N HIS A 9 -2.31 1.85 -43.83
CA HIS A 9 -3.74 2.18 -43.82
C HIS A 9 -4.04 3.42 -42.94
N ALA A 10 -5.27 3.88 -43.03
CA ALA A 10 -5.78 4.93 -42.18
C ALA A 10 -7.30 4.87 -42.17
N VAL A 11 -7.92 5.60 -41.25
CA VAL A 11 -9.38 5.63 -41.13
C VAL A 11 -9.86 7.07 -41.13
N ALA A 12 -11.11 7.27 -41.54
CA ALA A 12 -11.72 8.60 -41.59
C ALA A 12 -11.68 9.27 -40.22
N ASN A 13 -12.22 8.57 -39.22
CA ASN A 13 -12.26 9.07 -37.85
C ASN A 13 -11.50 8.14 -36.89
N GLY A 14 -10.37 8.64 -36.38
CA GLY A 14 -9.55 7.91 -35.41
C GLY A 14 -10.02 8.11 -33.98
N THR A 15 -9.30 7.49 -33.06
CA THR A 15 -9.57 7.59 -31.62
C THR A 15 -8.39 8.29 -30.94
N ILE A 16 -8.70 9.10 -29.93
CA ILE A 16 -7.69 9.84 -29.19
C ILE A 16 -7.19 8.98 -28.01
N VAL A 17 -5.87 8.89 -27.86
CA VAL A 17 -5.24 8.23 -26.72
C VAL A 17 -4.14 9.11 -26.16
N LYS A 18 -3.67 8.75 -24.96
CA LYS A 18 -2.53 9.43 -24.33
C LYS A 18 -1.28 8.55 -24.42
N THR A 19 -0.14 9.18 -24.71
CA THR A 19 1.17 8.52 -24.73
C THR A 19 2.05 9.18 -23.65
N LEU A 20 3.32 8.79 -23.58
CA LEU A 20 4.28 9.41 -22.66
C LEU A 20 4.52 10.89 -23.00
N THR A 21 4.48 11.23 -24.29
CA THR A 21 4.83 12.56 -24.78
C THR A 21 3.65 13.41 -25.30
N ASN A 22 2.45 12.83 -25.42
CA ASN A 22 1.33 13.49 -26.12
C ASN A 22 0.00 13.07 -25.50
N GLU A 23 -0.76 14.06 -25.02
CA GLU A 23 -2.09 13.82 -24.45
C GLU A 23 -3.19 13.66 -25.51
N GLN A 24 -2.94 14.15 -26.73
CA GLN A 24 -3.94 14.17 -27.82
C GLN A 24 -3.40 13.44 -29.05
N GLU A 25 -3.07 12.16 -28.88
CA GLU A 25 -2.51 11.35 -29.95
C GLU A 25 -3.62 10.58 -30.66
N GLU A 26 -3.76 10.80 -31.97
CA GLU A 26 -4.80 10.12 -32.76
C GLU A 26 -4.26 8.82 -33.34
N VAL A 27 -4.95 7.71 -33.04
CA VAL A 27 -4.62 6.38 -33.55
C VAL A 27 -5.82 5.78 -34.29
N THR A 28 -5.59 4.70 -35.02
CA THR A 28 -6.63 4.10 -35.87
C THR A 28 -7.71 3.39 -35.09
N ASN A 29 -7.36 2.90 -33.90
CA ASN A 29 -8.30 2.15 -33.06
C ASN A 29 -7.76 2.10 -31.63
N ALA A 30 -8.67 1.91 -30.67
CA ALA A 30 -8.29 1.79 -29.27
C ALA A 30 -9.37 1.08 -28.49
N THR A 31 -9.01 0.62 -27.28
CA THR A 31 -9.95 -0.10 -26.43
C THR A 31 -9.86 0.38 -24.98
N GLU A 32 -10.97 0.26 -24.27
CA GLU A 32 -11.09 0.75 -22.91
C GLU A 32 -10.47 -0.23 -21.92
N THR A 33 -9.77 0.29 -20.91
CA THR A 33 -9.18 -0.53 -19.83
C THR A 33 -9.84 -0.35 -18.46
N VAL A 34 -10.65 0.69 -18.29
CA VAL A 34 -11.36 0.96 -17.03
C VAL A 34 -12.84 0.66 -17.23
N GLU A 35 -13.38 -0.28 -16.45
CA GLU A 35 -14.79 -0.64 -16.53
C GLU A 35 -15.64 0.40 -15.83
N SER A 36 -16.65 0.90 -16.54
CA SER A 36 -17.57 1.93 -16.03
C SER A 36 -18.97 1.42 -15.66
N THR A 37 -19.34 0.24 -16.15
CA THR A 37 -20.69 -0.30 -15.99
C THR A 37 -20.70 -1.50 -15.05
N SER A 38 -21.75 -1.60 -14.25
CA SER A 38 -21.99 -2.73 -13.37
C SER A 38 -23.32 -3.37 -13.74
N LEU A 39 -23.46 -4.65 -13.44
CA LEU A 39 -24.74 -5.32 -13.48
C LEU A 39 -25.44 -4.97 -12.18
N ASN A 40 -26.68 -4.49 -12.26
CA ASN A 40 -27.42 -4.04 -11.06
C ASN A 40 -28.15 -5.19 -10.34
N ARG A 41 -27.47 -6.33 -10.23
CA ARG A 41 -28.00 -7.53 -9.60
C ARG A 41 -26.84 -8.26 -8.90
N LEU A 42 -27.18 -9.08 -7.91
CA LEU A 42 -26.22 -10.00 -7.32
C LEU A 42 -26.31 -11.30 -8.09
N CYS A 43 -25.29 -11.54 -8.92
CA CYS A 43 -25.23 -12.72 -9.77
C CYS A 43 -24.84 -13.94 -8.96
N MET A 44 -25.85 -14.76 -8.62
CA MET A 44 -25.68 -15.85 -7.68
C MET A 44 -25.68 -17.26 -8.30
N LYS A 45 -25.51 -17.36 -9.62
CA LYS A 45 -25.48 -18.69 -10.25
C LYS A 45 -24.23 -19.47 -9.83
N GLY A 46 -24.42 -20.76 -9.55
CA GLY A 46 -23.36 -21.61 -9.02
C GLY A 46 -22.96 -21.33 -7.57
N ARG A 47 -23.81 -20.65 -6.81
CA ARG A 47 -23.54 -20.34 -5.39
C ARG A 47 -24.73 -20.77 -4.53
N ASN A 48 -24.44 -21.50 -3.46
CA ASN A 48 -25.41 -21.80 -2.41
C ASN A 48 -25.48 -20.55 -1.52
N HIS A 49 -26.42 -19.66 -1.82
CA HIS A 49 -26.49 -18.34 -1.18
C HIS A 49 -27.66 -18.23 -0.20
N LYS A 50 -27.48 -17.36 0.80
CA LYS A 50 -28.54 -16.97 1.74
C LYS A 50 -28.64 -15.47 1.71
N ASP A 51 -29.80 -14.95 1.29
CA ASP A 51 -30.14 -13.54 1.39
C ASP A 51 -30.83 -13.36 2.74
N LEU A 52 -30.20 -12.59 3.63
CA LEU A 52 -30.73 -12.39 4.98
C LEU A 52 -31.96 -11.45 5.06
N GLY A 53 -32.21 -10.64 4.04
CA GLY A 53 -33.32 -9.69 4.09
C GLY A 53 -33.17 -8.74 5.25
N ASN A 54 -34.22 -8.60 6.07
CA ASN A 54 -34.18 -7.70 7.25
C ASN A 54 -33.57 -8.34 8.52
N CYS A 55 -32.96 -9.51 8.40
CA CYS A 55 -32.25 -10.18 9.51
C CYS A 55 -30.77 -9.78 9.56
N HIS A 56 -30.34 -9.16 10.65
CA HIS A 56 -28.94 -8.83 10.87
C HIS A 56 -28.19 -10.11 11.28
N PRO A 57 -26.92 -10.29 10.84
CA PRO A 57 -26.14 -11.50 11.18
C PRO A 57 -26.13 -11.91 12.67
N ILE A 58 -25.96 -10.94 13.56
CA ILE A 58 -25.98 -11.18 15.01
C ILE A 58 -27.34 -11.72 15.48
N GLY A 59 -28.42 -11.26 14.86
CA GLY A 59 -29.76 -11.80 15.11
C GLY A 59 -29.92 -13.29 14.84
N MET A 60 -29.10 -13.84 13.95
CA MET A 60 -29.08 -15.29 13.68
C MET A 60 -28.62 -16.10 14.91
N LEU A 61 -27.73 -15.51 15.71
CA LEU A 61 -27.19 -16.18 16.89
C LEU A 61 -28.10 -16.09 18.11
N ILE A 62 -28.69 -14.92 18.34
CA ILE A 62 -29.61 -14.70 19.48
C ILE A 62 -31.08 -15.05 19.16
N GLY A 63 -31.44 -15.08 17.88
CA GLY A 63 -32.79 -15.48 17.46
C GLY A 63 -33.82 -14.38 17.57
N THR A 64 -33.49 -13.21 17.05
CA THR A 64 -34.47 -12.13 16.84
C THR A 64 -35.55 -12.66 15.88
N PRO A 65 -36.84 -12.29 16.10
CA PRO A 65 -37.92 -12.79 15.22
C PRO A 65 -37.70 -12.64 13.71
N ALA A 66 -37.10 -11.52 13.31
CA ALA A 66 -36.73 -11.28 11.91
C ALA A 66 -35.79 -12.36 11.35
N CYS A 67 -35.04 -13.05 12.22
CA CYS A 67 -34.10 -14.10 11.84
C CYS A 67 -34.59 -15.54 11.99
N ASP A 68 -35.89 -15.75 12.24
CA ASP A 68 -36.46 -17.09 12.44
C ASP A 68 -36.22 -18.09 11.29
N LEU A 69 -36.07 -17.60 10.06
CA LEU A 69 -35.73 -18.45 8.91
C LEU A 69 -34.22 -18.66 8.71
N HIS A 70 -33.40 -17.99 9.53
CA HIS A 70 -31.95 -17.98 9.38
C HIS A 70 -31.22 -18.36 10.69
N LEU A 71 -31.83 -19.20 11.51
CA LEU A 71 -31.22 -19.64 12.77
C LEU A 71 -30.17 -20.73 12.54
N THR A 72 -30.40 -21.55 11.52
CA THR A 72 -29.40 -22.53 11.06
C THR A 72 -29.34 -22.49 9.54
N GLY A 73 -28.33 -23.16 8.98
CA GLY A 73 -28.20 -23.34 7.54
C GLY A 73 -26.77 -23.54 7.09
N THR A 74 -26.60 -23.68 5.78
CA THR A 74 -25.28 -23.66 5.14
C THR A 74 -25.32 -22.78 3.89
N TRP A 75 -24.17 -22.18 3.58
CA TRP A 75 -24.04 -21.27 2.45
C TRP A 75 -22.57 -21.07 2.12
N ASP A 76 -22.27 -20.75 0.86
CA ASP A 76 -20.94 -20.24 0.50
C ASP A 76 -20.94 -18.72 0.33
N THR A 77 -22.14 -18.12 0.28
CA THR A 77 -22.31 -16.68 0.10
C THR A 77 -23.43 -16.18 1.01
N LEU A 78 -23.14 -15.18 1.83
CA LEU A 78 -24.12 -14.62 2.77
C LEU A 78 -24.33 -13.14 2.47
N ILE A 79 -25.59 -12.77 2.20
CA ILE A 79 -25.90 -11.40 1.78
C ILE A 79 -26.60 -10.64 2.92
N GLU A 80 -25.96 -9.56 3.38
CA GLU A 80 -26.51 -8.67 4.40
C GLU A 80 -27.10 -7.43 3.73
N ARG A 81 -28.22 -6.95 4.27
CA ARG A 81 -28.94 -5.81 3.71
C ARG A 81 -28.95 -4.62 4.65
N LYS A 82 -29.24 -3.45 4.07
CA LYS A 82 -29.31 -2.19 4.81
C LYS A 82 -30.45 -2.24 5.83
N ASN A 83 -30.23 -1.62 6.98
CA ASN A 83 -31.24 -1.53 8.07
C ASN A 83 -31.79 -2.89 8.54
N ALA A 84 -30.95 -3.92 8.50
CA ALA A 84 -31.30 -5.23 9.03
C ALA A 84 -31.40 -5.14 10.56
N ILE A 85 -32.24 -5.98 11.14
CA ILE A 85 -32.60 -5.90 12.56
C ILE A 85 -31.83 -6.96 13.35
N ALA A 86 -31.14 -6.51 14.40
CA ALA A 86 -30.45 -7.39 15.35
C ALA A 86 -31.22 -7.50 16.68
N TYR A 87 -31.64 -6.35 17.21
CA TYR A 87 -32.21 -6.27 18.57
C TYR A 87 -33.66 -5.84 18.56
N CYS A 88 -34.55 -6.67 19.08
CA CYS A 88 -35.96 -6.31 19.24
C CYS A 88 -36.13 -5.57 20.57
N TYR A 89 -35.65 -6.16 21.66
CA TYR A 89 -35.52 -5.45 22.95
C TYR A 89 -34.30 -4.50 22.84
N PRO A 90 -34.39 -3.26 23.36
CA PRO A 90 -33.25 -2.35 23.15
C PRO A 90 -31.95 -2.78 23.83
N GLY A 91 -30.84 -2.50 23.18
CA GLY A 91 -29.52 -2.86 23.70
C GLY A 91 -28.45 -2.94 22.63
N ALA A 92 -27.34 -3.59 22.97
CA ALA A 92 -26.19 -3.69 22.08
C ALA A 92 -25.32 -4.89 22.45
N THR A 93 -24.42 -5.25 21.54
CA THR A 93 -23.49 -6.35 21.75
C THR A 93 -22.10 -5.75 21.93
N VAL A 94 -21.39 -6.22 22.95
CA VAL A 94 -19.99 -5.82 23.18
C VAL A 94 -19.15 -6.59 22.16
N ASN A 95 -18.21 -5.91 21.51
CA ASN A 95 -17.36 -6.50 20.48
C ASN A 95 -18.20 -6.99 19.28
N GLU A 96 -19.16 -6.16 18.85
CA GLU A 96 -20.13 -6.52 17.80
C GLU A 96 -19.55 -6.57 16.38
N LYS A 97 -18.54 -5.75 16.10
CA LYS A 97 -17.96 -5.66 14.75
C LYS A 97 -17.17 -6.93 14.44
N ALA A 98 -16.35 -7.37 15.39
CA ALA A 98 -15.65 -8.64 15.29
C ALA A 98 -16.60 -9.82 15.16
N LEU A 99 -17.70 -9.79 15.92
CA LEU A 99 -18.73 -10.85 15.84
C LEU A 99 -19.43 -10.89 14.49
N ARG A 100 -19.86 -9.72 13.99
CA ARG A 100 -20.50 -9.65 12.68
C ARG A 100 -19.58 -10.17 11.58
N GLN A 101 -18.31 -9.78 11.64
CA GLN A 101 -17.29 -10.24 10.68
C GLN A 101 -17.12 -11.76 10.68
N LYS A 102 -17.08 -12.36 11.87
CA LYS A 102 -16.97 -13.82 11.99
C LYS A 102 -18.14 -14.55 11.34
N ILE A 103 -19.35 -14.05 11.57
CA ILE A 103 -20.55 -14.64 10.97
C ILE A 103 -20.51 -14.49 9.45
N MET A 104 -20.13 -13.30 8.98
CA MET A 104 -20.05 -13.02 7.53
C MET A 104 -18.90 -13.72 6.79
N GLU A 105 -17.91 -14.23 7.53
CA GLU A 105 -16.86 -15.09 6.96
C GLU A 105 -17.23 -16.58 6.98
N SER A 106 -18.34 -16.93 7.62
CA SER A 106 -18.70 -18.34 7.83
C SER A 106 -19.39 -18.96 6.62
N GLY A 107 -19.49 -20.29 6.62
CA GLY A 107 -20.23 -21.03 5.61
C GLY A 107 -21.45 -21.77 6.12
N GLY A 108 -22.01 -21.31 7.25
CA GLY A 108 -23.16 -21.98 7.86
C GLY A 108 -23.20 -21.80 9.36
N ILE A 109 -24.36 -22.12 9.94
CA ILE A 109 -24.56 -22.10 11.40
C ILE A 109 -25.32 -23.36 11.80
N SER A 110 -24.84 -24.03 12.84
CA SER A 110 -25.57 -25.10 13.52
C SER A 110 -25.86 -24.63 14.94
N LYS A 111 -26.90 -25.20 15.55
CA LYS A 111 -27.29 -24.86 16.92
C LYS A 111 -27.26 -26.11 17.80
N ILE A 112 -26.73 -25.96 19.01
CA ILE A 112 -26.62 -27.05 19.99
C ILE A 112 -27.20 -26.56 21.32
N ASN A 113 -28.02 -27.39 21.96
CA ASN A 113 -28.66 -27.03 23.22
C ASN A 113 -27.64 -26.93 24.37
N THR A 114 -27.81 -25.92 25.22
CA THR A 114 -26.99 -25.78 26.43
C THR A 114 -27.43 -26.74 27.53
N GLY A 115 -28.71 -27.07 27.54
CA GLY A 115 -29.31 -27.94 28.55
C GLY A 115 -29.60 -27.29 29.90
N PHE A 116 -29.50 -25.96 30.00
CA PHE A 116 -29.68 -25.29 31.28
C PHE A 116 -31.11 -25.46 31.77
N THR A 117 -31.25 -25.73 33.07
CA THR A 117 -32.54 -25.85 33.74
C THR A 117 -32.57 -24.92 34.95
N TYR A 118 -33.77 -24.67 35.46
CA TYR A 118 -33.99 -23.65 36.47
C TYR A 118 -35.02 -24.12 37.46
N GLY A 119 -34.84 -23.75 38.72
CA GLY A 119 -35.72 -24.19 39.80
C GLY A 119 -37.09 -23.55 39.77
N SER A 120 -38.00 -24.09 40.57
CA SER A 120 -39.41 -23.68 40.59
C SER A 120 -39.66 -22.20 40.95
N SER A 121 -38.74 -21.56 41.65
CA SER A 121 -38.88 -20.14 41.97
C SER A 121 -38.41 -19.19 40.85
N ILE A 122 -37.84 -19.74 39.78
CA ILE A 122 -37.46 -18.95 38.60
C ILE A 122 -38.53 -19.09 37.51
N ASN A 123 -38.95 -17.96 36.95
CA ASN A 123 -39.73 -17.93 35.71
C ASN A 123 -38.70 -17.72 34.59
N SER A 124 -38.54 -18.75 33.74
CA SER A 124 -37.59 -18.70 32.62
C SER A 124 -38.25 -18.37 31.27
N ALA A 125 -39.55 -18.03 31.31
CA ALA A 125 -40.34 -17.78 30.09
C ALA A 125 -40.77 -16.32 29.98
N GLY A 126 -39.90 -15.39 30.41
CA GLY A 126 -40.19 -13.96 30.31
C GLY A 126 -40.29 -13.52 28.86
N THR A 127 -41.35 -12.79 28.53
CA THR A 127 -41.58 -12.26 27.18
C THR A 127 -41.74 -10.75 27.22
N THR A 128 -41.75 -10.14 26.04
CA THR A 128 -41.85 -8.69 25.92
C THR A 128 -42.61 -8.28 24.66
N LYS A 129 -43.30 -7.14 24.77
CA LYS A 129 -44.02 -6.50 23.65
C LYS A 129 -43.08 -6.13 22.50
N ALA A 130 -41.85 -5.76 22.82
CA ALA A 130 -40.84 -5.37 21.83
C ALA A 130 -40.40 -6.50 20.88
N CYS A 131 -40.58 -7.76 21.27
CA CYS A 131 -40.17 -8.92 20.47
C CYS A 131 -41.39 -9.77 20.13
N MET A 132 -42.09 -9.39 19.06
CA MET A 132 -43.31 -10.07 18.64
C MET A 132 -43.01 -11.26 17.74
N ARG A 133 -43.74 -12.34 17.96
CA ARG A 133 -43.66 -13.54 17.14
C ARG A 133 -45.04 -14.23 17.09
N ASN A 134 -45.45 -14.67 15.89
CA ASN A 134 -46.77 -15.31 15.66
C ASN A 134 -47.96 -14.49 16.21
N GLY A 135 -47.86 -13.17 16.11
CA GLY A 135 -48.88 -12.26 16.65
C GLY A 135 -49.01 -12.26 18.17
N GLY A 136 -47.88 -12.36 18.88
CA GLY A 136 -47.87 -12.40 20.35
C GLY A 136 -46.53 -12.06 20.98
N ASN A 137 -46.56 -11.66 22.25
CA ASN A 137 -45.34 -11.33 23.01
C ASN A 137 -44.39 -12.53 23.06
N SER A 138 -43.10 -12.25 22.88
CA SER A 138 -42.09 -13.30 22.78
C SER A 138 -40.73 -12.79 23.24
N PHE A 139 -39.69 -13.53 22.90
CA PHE A 139 -38.33 -13.16 23.26
C PHE A 139 -37.37 -13.76 22.25
N TYR A 140 -36.12 -13.30 22.30
CA TYR A 140 -35.03 -13.91 21.54
C TYR A 140 -35.11 -15.44 21.65
N ALA A 141 -35.19 -16.12 20.51
CA ALA A 141 -35.43 -17.58 20.46
C ALA A 141 -34.33 -18.42 21.10
N GLU A 142 -33.10 -17.92 21.09
CA GLU A 142 -31.94 -18.67 21.58
C GLU A 142 -31.56 -18.35 23.02
N LEU A 143 -32.33 -17.49 23.68
CA LEU A 143 -32.05 -17.06 25.04
C LEU A 143 -33.30 -17.14 25.90
N LYS A 144 -33.12 -16.99 27.21
CA LYS A 144 -34.23 -17.01 28.16
C LYS A 144 -34.07 -15.88 29.16
N TRP A 145 -35.13 -15.09 29.32
CA TRP A 145 -35.16 -14.03 30.32
C TRP A 145 -35.62 -14.64 31.64
N LEU A 146 -34.67 -14.81 32.56
CA LEU A 146 -34.92 -15.44 33.84
C LEU A 146 -35.31 -14.38 34.85
N VAL A 147 -36.45 -14.55 35.52
CA VAL A 147 -36.87 -13.67 36.62
C VAL A 147 -37.46 -14.50 37.76
N SER A 148 -37.64 -13.88 38.93
CA SER A 148 -38.28 -14.55 40.06
C SER A 148 -39.75 -14.79 39.74
N LYS A 149 -40.24 -15.98 40.06
CA LYS A 149 -41.63 -16.35 39.76
C LYS A 149 -42.62 -15.54 40.58
N ASN A 150 -42.28 -15.27 41.84
CA ASN A 150 -43.06 -14.41 42.74
C ASN A 150 -42.43 -13.02 42.79
N LYS A 151 -43.20 -12.01 42.40
CA LYS A 151 -42.70 -10.63 42.28
C LYS A 151 -42.18 -10.13 43.63
N GLY A 152 -40.98 -9.55 43.62
CA GLY A 152 -40.31 -9.07 44.83
C GLY A 152 -39.32 -10.05 45.44
N GLN A 153 -39.55 -11.35 45.25
CA GLN A 153 -38.74 -12.41 45.87
C GLN A 153 -37.34 -12.45 45.26
N ASN A 154 -36.33 -12.64 46.11
CA ASN A 154 -34.94 -12.74 45.64
C ASN A 154 -34.77 -13.92 44.68
N PHE A 155 -34.12 -13.65 43.56
CA PHE A 155 -33.81 -14.66 42.55
C PHE A 155 -32.73 -15.58 43.15
N PRO A 156 -32.94 -16.91 43.11
CA PRO A 156 -32.01 -17.82 43.81
C PRO A 156 -30.64 -17.94 43.13
N GLN A 157 -29.60 -18.08 43.93
CA GLN A 157 -28.23 -18.27 43.41
C GLN A 157 -28.20 -19.53 42.55
N THR A 158 -27.74 -19.38 41.31
CA THR A 158 -27.84 -20.42 40.28
C THR A 158 -26.51 -20.57 39.54
N THR A 159 -26.13 -21.81 39.26
CA THR A 159 -24.93 -22.11 38.49
C THR A 159 -25.27 -23.12 37.39
N ASN A 160 -24.94 -22.77 36.14
CA ASN A 160 -25.19 -23.61 34.97
C ASN A 160 -23.91 -23.73 34.16
N THR A 161 -23.67 -24.91 33.56
CA THR A 161 -22.45 -25.18 32.81
C THR A 161 -22.78 -25.75 31.44
N TYR A 162 -22.21 -25.15 30.39
CA TYR A 162 -22.24 -25.73 29.06
C TYR A 162 -20.86 -26.35 28.77
N ARG A 163 -20.86 -27.64 28.45
CA ARG A 163 -19.66 -28.32 27.99
C ARG A 163 -19.71 -28.49 26.46
N ASN A 164 -18.63 -28.10 25.79
CA ASN A 164 -18.47 -28.35 24.37
C ASN A 164 -18.01 -29.80 24.18
N ALA A 165 -18.96 -30.67 23.85
CA ALA A 165 -18.68 -32.09 23.55
C ALA A 165 -18.30 -32.35 22.09
N ASP A 166 -18.13 -31.29 21.30
CA ASP A 166 -17.80 -31.38 19.87
C ASP A 166 -16.28 -31.27 19.68
N THR A 167 -15.82 -31.46 18.45
CA THR A 167 -14.38 -31.38 18.10
C THR A 167 -13.95 -30.01 17.54
N ALA A 168 -14.90 -29.09 17.34
CA ALA A 168 -14.62 -27.73 16.90
C ALA A 168 -15.22 -26.73 17.89
N GLU A 169 -14.74 -25.50 17.81
CA GLU A 169 -15.14 -24.44 18.72
C GLU A 169 -16.62 -24.05 18.50
N HIS A 170 -17.30 -23.77 19.62
CA HIS A 170 -18.66 -23.26 19.60
C HIS A 170 -18.65 -21.81 20.07
N LEU A 171 -19.67 -21.06 19.68
CA LEU A 171 -19.81 -19.65 20.01
C LEU A 171 -21.03 -19.53 20.91
N ILE A 172 -20.83 -18.99 22.10
CA ILE A 172 -21.90 -18.87 23.09
C ILE A 172 -22.16 -17.40 23.35
N MET A 173 -23.44 -17.03 23.36
CA MET A 173 -23.84 -15.67 23.67
C MET A 173 -24.70 -15.65 24.91
N TRP A 174 -24.65 -14.53 25.64
CA TRP A 174 -25.58 -14.29 26.74
C TRP A 174 -25.82 -12.80 26.84
N GLY A 175 -26.86 -12.44 27.59
CA GLY A 175 -27.18 -11.03 27.84
C GLY A 175 -27.19 -10.70 29.31
N ILE A 176 -27.03 -9.41 29.61
CA ILE A 176 -27.20 -8.89 30.96
C ILE A 176 -28.31 -7.86 30.87
N HIS A 177 -29.33 -8.01 31.72
CA HIS A 177 -30.42 -7.05 31.78
C HIS A 177 -30.07 -5.91 32.73
N HIS A 178 -30.25 -4.68 32.25
CA HIS A 178 -30.00 -3.47 33.01
C HIS A 178 -31.35 -2.77 33.18
N PRO A 179 -32.01 -2.95 34.36
CA PRO A 179 -33.36 -2.40 34.53
C PRO A 179 -33.43 -0.87 34.53
N SER A 180 -34.62 -0.36 34.25
CA SER A 180 -34.85 1.09 34.18
C SER A 180 -34.94 1.77 35.56
N SER A 181 -35.35 1.01 36.59
CA SER A 181 -35.48 1.54 37.95
C SER A 181 -35.21 0.49 39.01
N THR A 182 -35.05 0.96 40.24
CA THR A 182 -34.87 0.10 41.41
C THR A 182 -36.12 -0.75 41.66
N GLN A 183 -37.30 -0.14 41.46
CA GLN A 183 -38.58 -0.86 41.60
C GLN A 183 -38.68 -2.03 40.63
N GLU A 184 -38.29 -1.83 39.37
CA GLU A 184 -38.27 -2.91 38.37
C GLU A 184 -37.28 -4.01 38.76
N LYS A 185 -36.05 -3.61 39.10
CA LYS A 185 -34.99 -4.51 39.54
C LYS A 185 -35.44 -5.37 40.73
N ASN A 186 -36.05 -4.72 41.73
CA ASN A 186 -36.59 -5.42 42.90
C ASN A 186 -37.74 -6.37 42.53
N ASP A 187 -38.64 -5.96 41.64
CA ASP A 187 -39.75 -6.82 41.20
C ASP A 187 -39.26 -8.12 40.51
N LEU A 188 -38.26 -7.99 39.66
CA LEU A 188 -37.76 -9.13 38.86
C LEU A 188 -36.76 -10.01 39.59
N TYR A 189 -35.85 -9.38 40.34
CA TYR A 189 -34.69 -10.07 40.94
C TYR A 189 -34.55 -9.97 42.47
N GLY A 190 -35.37 -9.14 43.12
CA GLY A 190 -35.27 -8.90 44.57
C GLY A 190 -34.29 -7.82 44.97
N THR A 191 -34.26 -7.53 46.27
CA THR A 191 -33.47 -6.42 46.82
C THR A 191 -31.97 -6.73 46.98
N GLN A 192 -31.59 -8.01 46.87
CA GLN A 192 -30.17 -8.41 46.96
C GLN A 192 -29.33 -7.73 45.89
N SER A 193 -28.06 -7.47 46.19
CA SER A 193 -27.13 -6.96 45.17
C SER A 193 -26.84 -8.07 44.15
N LEU A 194 -26.90 -7.71 42.87
CA LEU A 194 -26.88 -8.69 41.78
C LEU A 194 -25.49 -8.82 41.19
N SER A 195 -25.11 -10.06 40.87
CA SER A 195 -23.81 -10.34 40.28
C SER A 195 -23.88 -11.56 39.36
N ILE A 196 -23.31 -11.44 38.16
CA ILE A 196 -23.17 -12.54 37.22
C ILE A 196 -21.69 -12.75 36.97
N SER A 197 -21.25 -14.02 37.00
CA SER A 197 -19.88 -14.37 36.62
C SER A 197 -19.88 -15.49 35.58
N VAL A 198 -18.91 -15.43 34.68
CA VAL A 198 -18.78 -16.36 33.55
C VAL A 198 -17.33 -16.78 33.46
N GLY A 199 -17.07 -18.08 33.46
CA GLY A 199 -15.72 -18.61 33.46
C GLY A 199 -15.56 -19.90 32.69
N SER A 200 -14.59 -19.93 31.79
CA SER A 200 -14.14 -21.14 31.11
C SER A 200 -12.63 -21.28 31.36
N SER A 201 -11.98 -22.18 30.63
CA SER A 201 -10.52 -22.29 30.63
C SER A 201 -9.82 -21.13 29.90
N THR A 202 -10.53 -20.51 28.95
CA THR A 202 -9.96 -19.46 28.10
C THR A 202 -10.59 -18.08 28.30
N TYR A 203 -11.66 -17.98 29.09
CA TYR A 203 -12.40 -16.73 29.27
C TYR A 203 -12.84 -16.58 30.73
N LYS A 204 -12.80 -15.35 31.21
CA LYS A 204 -13.30 -15.01 32.54
C LYS A 204 -13.85 -13.58 32.50
N ASN A 205 -15.02 -13.38 33.10
CA ASN A 205 -15.57 -12.04 33.29
C ASN A 205 -16.68 -12.05 34.33
N SER A 206 -16.97 -10.87 34.87
CA SER A 206 -18.11 -10.67 35.77
C SER A 206 -18.92 -9.45 35.34
N PHE A 207 -20.19 -9.43 35.72
CA PHE A 207 -21.15 -8.41 35.28
C PHE A 207 -22.08 -8.04 36.41
N VAL A 208 -22.48 -6.76 36.45
CA VAL A 208 -23.42 -6.26 37.45
C VAL A 208 -24.52 -5.47 36.73
N PRO A 209 -25.80 -5.87 36.91
CA PRO A 209 -26.91 -5.07 36.38
C PRO A 209 -26.90 -3.64 36.92
N VAL A 210 -26.95 -2.69 36.00
CA VAL A 210 -26.90 -1.26 36.30
C VAL A 210 -28.33 -0.75 36.25
N VAL A 211 -28.80 -0.22 37.36
CA VAL A 211 -30.10 0.43 37.44
C VAL A 211 -29.89 1.92 37.20
N GLY A 212 -30.59 2.47 36.22
CA GLY A 212 -30.46 3.89 35.89
C GLY A 212 -31.55 4.38 34.96
N ALA A 213 -31.97 5.64 35.14
CA ALA A 213 -33.01 6.24 34.32
C ALA A 213 -32.51 6.44 32.89
N ARG A 214 -33.36 6.12 31.93
CA ARG A 214 -33.01 6.13 30.51
C ARG A 214 -34.25 6.42 29.65
N PRO A 215 -34.07 7.08 28.49
CA PRO A 215 -35.20 7.22 27.56
C PRO A 215 -35.62 5.89 26.95
N GLN A 216 -36.89 5.81 26.55
CA GLN A 216 -37.49 4.61 26.00
C GLN A 216 -37.08 4.43 24.54
N VAL A 217 -36.77 3.19 24.18
CA VAL A 217 -36.53 2.77 22.81
C VAL A 217 -37.50 1.61 22.57
N ASN A 218 -38.31 1.71 21.53
CA ASN A 218 -39.47 0.83 21.32
C ASN A 218 -40.37 0.79 22.57
N GLY A 219 -40.52 1.93 23.24
CA GLY A 219 -41.32 2.04 24.46
C GLY A 219 -40.77 1.35 25.71
N LEU A 220 -39.45 1.18 25.80
CA LEU A 220 -38.81 0.48 26.92
C LEU A 220 -37.50 1.16 27.35
N SER A 221 -37.42 1.52 28.64
CA SER A 221 -36.21 2.16 29.21
C SER A 221 -35.15 1.15 29.66
N GLY A 222 -35.54 -0.11 29.85
CA GLY A 222 -34.59 -1.19 30.13
C GLY A 222 -33.67 -1.45 28.96
N ARG A 223 -32.57 -2.16 29.22
CA ARG A 223 -31.60 -2.55 28.19
C ARG A 223 -31.11 -3.97 28.43
N ILE A 224 -30.87 -4.71 27.36
CA ILE A 224 -30.20 -6.01 27.41
C ILE A 224 -28.96 -5.93 26.56
N ASP A 225 -27.79 -6.00 27.21
CA ASP A 225 -26.50 -5.99 26.51
C ASP A 225 -25.94 -7.40 26.36
N PHE A 226 -25.50 -7.72 25.15
CA PHE A 226 -25.04 -9.07 24.81
C PHE A 226 -23.52 -9.21 24.86
N HIS A 227 -23.08 -10.39 25.29
CA HIS A 227 -21.65 -10.72 25.37
C HIS A 227 -21.46 -12.08 24.74
N TRP A 228 -20.24 -12.33 24.26
CA TRP A 228 -19.96 -13.59 23.57
C TRP A 228 -18.52 -14.06 23.75
N THR A 229 -18.32 -15.36 23.61
CA THR A 229 -16.99 -15.93 23.57
C THR A 229 -17.02 -17.27 22.85
N LEU A 230 -15.84 -17.74 22.48
CA LEU A 230 -15.68 -19.05 21.86
C LEU A 230 -15.39 -20.09 22.96
N VAL A 231 -16.11 -21.21 22.92
CA VAL A 231 -15.87 -22.34 23.82
C VAL A 231 -15.11 -23.40 23.04
N GLN A 232 -13.86 -23.66 23.44
CA GLN A 232 -12.99 -24.60 22.72
C GLN A 232 -13.46 -26.05 22.90
N PRO A 233 -13.09 -26.95 21.96
CA PRO A 233 -13.54 -28.35 22.05
C PRO A 233 -13.15 -28.98 23.38
N GLY A 234 -14.11 -29.64 24.03
CA GLY A 234 -13.86 -30.29 25.32
C GLY A 234 -13.95 -29.42 26.57
N ASP A 235 -13.99 -28.10 26.40
CA ASP A 235 -13.99 -27.17 27.54
C ASP A 235 -15.40 -26.94 28.09
N LYS A 236 -15.46 -26.50 29.34
CA LYS A 236 -16.69 -26.09 30.02
C LYS A 236 -16.72 -24.57 30.11
N ILE A 237 -17.92 -23.98 30.06
CA ILE A 237 -18.12 -22.57 30.44
C ILE A 237 -19.24 -22.51 31.49
N ILE A 238 -18.94 -21.84 32.62
CA ILE A 238 -19.81 -21.90 33.82
C ILE A 238 -20.41 -20.54 34.09
N PHE A 239 -21.73 -20.49 34.24
CA PHE A 239 -22.46 -19.25 34.55
C PHE A 239 -22.96 -19.29 35.98
N SER A 240 -22.56 -18.32 36.80
CA SER A 240 -23.02 -18.16 38.18
C SER A 240 -23.74 -16.83 38.30
N HIS A 241 -25.00 -16.87 38.74
CA HIS A 241 -25.87 -15.70 38.69
C HIS A 241 -26.98 -15.74 39.73
N ASN A 242 -27.43 -14.55 40.14
CA ASN A 242 -28.55 -14.40 41.07
C ASN A 242 -29.57 -13.32 40.64
N GLY A 243 -29.68 -13.10 39.32
CA GLY A 243 -30.64 -12.15 38.76
C GLY A 243 -29.95 -11.22 37.77
N GLY A 244 -30.54 -11.07 36.59
CA GLY A 244 -29.99 -10.21 35.54
C GLY A 244 -29.45 -10.94 34.32
N LEU A 245 -29.15 -12.23 34.46
CA LEU A 245 -28.64 -13.02 33.33
C LEU A 245 -29.76 -13.34 32.35
N ILE A 246 -29.50 -13.04 31.09
CA ILE A 246 -30.31 -13.52 29.98
C ILE A 246 -29.52 -14.70 29.45
N ALA A 247 -29.99 -15.91 29.75
CA ALA A 247 -29.19 -17.13 29.61
C ALA A 247 -29.37 -17.81 28.26
N PRO A 248 -28.30 -18.41 27.72
CA PRO A 248 -28.44 -19.16 26.45
C PRO A 248 -29.15 -20.49 26.62
N SER A 249 -30.12 -20.74 25.76
CA SER A 249 -30.74 -22.07 25.63
C SER A 249 -30.06 -22.88 24.53
N ARG A 250 -29.36 -22.19 23.62
CA ARG A 250 -28.53 -22.83 22.60
C ARG A 250 -27.24 -22.06 22.38
N VAL A 251 -26.23 -22.76 21.87
CA VAL A 251 -24.98 -22.16 21.38
C VAL A 251 -24.90 -22.38 19.88
N SER A 252 -24.03 -21.62 19.23
CA SER A 252 -23.86 -21.69 17.78
C SER A 252 -22.54 -22.34 17.42
N LYS A 253 -22.53 -23.04 16.29
CA LYS A 253 -21.27 -23.47 15.66
C LYS A 253 -21.22 -22.86 14.25
N LEU A 254 -20.21 -22.03 14.01
CA LEU A 254 -19.95 -21.49 12.68
C LEU A 254 -19.21 -22.54 11.87
N ILE A 255 -19.71 -22.84 10.68
CA ILE A 255 -19.23 -23.97 9.86
C ILE A 255 -18.53 -23.46 8.61
N GLY A 256 -17.26 -23.83 8.45
CA GLY A 256 -16.51 -23.54 7.22
C GLY A 256 -16.35 -22.06 6.91
N ARG A 257 -16.13 -21.77 5.63
CA ARG A 257 -15.92 -20.40 5.15
C ARG A 257 -16.92 -20.05 4.04
N GLY A 258 -17.16 -18.76 3.89
CA GLY A 258 -18.02 -18.24 2.82
C GLY A 258 -17.74 -16.76 2.59
N LEU A 259 -18.28 -16.24 1.48
CA LEU A 259 -18.11 -14.83 1.11
C LEU A 259 -19.29 -14.00 1.64
N GLY A 260 -18.97 -13.00 2.47
CA GLY A 260 -19.96 -12.07 2.98
C GLY A 260 -20.08 -10.85 2.08
N ILE A 261 -21.30 -10.57 1.60
CA ILE A 261 -21.61 -9.41 0.77
C ILE A 261 -22.59 -8.49 1.48
N GLN A 262 -22.28 -7.19 1.51
CA GLN A 262 -23.21 -6.13 1.88
C GLN A 262 -23.62 -5.40 0.61
N SER A 263 -24.89 -5.50 0.24
CA SER A 263 -25.36 -4.95 -1.04
C SER A 263 -26.83 -4.60 -1.03
N GLU A 264 -27.17 -3.63 -1.89
CA GLU A 264 -28.56 -3.19 -2.11
C GLU A 264 -29.20 -3.82 -3.35
N ALA A 265 -28.46 -4.64 -4.10
CA ALA A 265 -28.92 -5.16 -5.39
C ALA A 265 -29.68 -6.48 -5.24
N PRO A 266 -30.74 -6.70 -6.06
CA PRO A 266 -31.50 -7.95 -5.97
C PRO A 266 -30.77 -9.17 -6.52
N ILE A 267 -31.19 -10.37 -6.09
CA ILE A 267 -30.58 -11.63 -6.51
C ILE A 267 -30.98 -11.95 -7.95
N ASP A 268 -30.02 -12.43 -8.74
CA ASP A 268 -30.29 -13.03 -10.04
C ASP A 268 -29.56 -14.37 -10.11
N ASN A 269 -30.33 -15.46 -10.10
CA ASN A 269 -29.78 -16.82 -10.14
C ASN A 269 -29.38 -17.32 -11.52
N SER A 270 -29.58 -16.51 -12.57
CA SER A 270 -29.23 -16.90 -13.93
C SER A 270 -27.85 -16.42 -14.41
N CYS A 271 -27.20 -15.47 -13.69
CA CYS A 271 -25.84 -15.01 -14.02
C CYS A 271 -24.81 -15.38 -12.95
N GLU A 272 -23.56 -15.57 -13.39
CA GLU A 272 -22.41 -15.83 -12.51
C GLU A 272 -21.59 -14.58 -12.33
N SER A 273 -20.91 -14.48 -11.19
CA SER A 273 -19.94 -13.42 -10.93
C SER A 273 -18.95 -13.81 -9.84
N LYS A 274 -17.79 -13.16 -9.86
CA LYS A 274 -16.78 -13.30 -8.81
C LYS A 274 -16.55 -12.00 -8.03
N CYS A 275 -17.15 -10.89 -8.47
CA CYS A 275 -16.86 -9.57 -7.89
C CYS A 275 -18.17 -8.87 -7.57
N PHE A 276 -18.29 -8.40 -6.32
CA PHE A 276 -19.52 -7.79 -5.83
C PHE A 276 -19.25 -6.48 -5.10
N TRP A 277 -20.24 -5.60 -5.12
CA TRP A 277 -20.19 -4.33 -4.40
C TRP A 277 -21.62 -3.91 -4.02
N ARG A 278 -21.75 -2.74 -3.38
CA ARG A 278 -23.06 -2.19 -2.97
C ARG A 278 -24.11 -2.26 -4.09
N GLY A 279 -23.72 -1.80 -5.27
CA GLY A 279 -24.60 -1.71 -6.43
C GLY A 279 -24.80 -2.95 -7.29
N GLY A 280 -24.06 -4.03 -7.01
CA GLY A 280 -24.32 -5.31 -7.67
C GLY A 280 -23.07 -6.11 -7.98
N SER A 281 -22.93 -6.54 -9.24
CA SER A 281 -21.85 -7.42 -9.69
C SER A 281 -21.05 -6.79 -10.82
N ILE A 282 -19.75 -7.08 -10.86
CA ILE A 282 -18.85 -6.62 -11.91
C ILE A 282 -18.29 -7.84 -12.65
N ASN A 283 -18.75 -8.05 -13.89
CA ASN A 283 -18.31 -9.18 -14.74
C ASN A 283 -17.48 -8.72 -15.93
N THR A 284 -16.52 -7.83 -15.67
CA THR A 284 -15.65 -7.32 -16.72
C THR A 284 -14.38 -8.15 -16.84
N ARG A 285 -13.82 -8.16 -18.05
CA ARG A 285 -12.49 -8.72 -18.32
C ARG A 285 -11.39 -7.66 -18.17
N LEU A 286 -11.78 -6.40 -17.99
CA LEU A 286 -10.84 -5.29 -17.92
C LEU A 286 -10.10 -5.24 -16.58
N PRO A 287 -8.86 -4.71 -16.59
CA PRO A 287 -8.03 -4.71 -15.38
C PRO A 287 -8.44 -3.72 -14.29
N PHE A 288 -9.11 -2.64 -14.69
CA PHE A 288 -9.47 -1.56 -13.77
C PHE A 288 -10.98 -1.28 -13.80
N GLN A 289 -11.47 -0.62 -12.76
CA GLN A 289 -12.87 -0.20 -12.67
C GLN A 289 -12.98 1.09 -11.86
N ASN A 290 -14.02 1.88 -12.16
CA ASN A 290 -14.26 3.16 -11.47
C ASN A 290 -15.61 3.19 -10.73
N LEU A 291 -16.17 2.03 -10.45
CA LEU A 291 -17.47 1.91 -9.77
C LEU A 291 -17.35 2.19 -8.28
N SER A 292 -16.41 1.52 -7.61
CA SER A 292 -16.22 1.69 -6.15
C SER A 292 -14.88 1.14 -5.65
N PRO A 293 -14.25 1.82 -4.67
CA PRO A 293 -13.11 1.23 -3.97
C PRO A 293 -13.52 0.12 -2.98
N ARG A 294 -14.80 0.02 -2.64
CA ARG A 294 -15.31 -1.06 -1.79
C ARG A 294 -15.91 -2.19 -2.64
N THR A 295 -15.12 -3.23 -2.86
CA THR A 295 -15.59 -4.45 -3.52
C THR A 295 -15.13 -5.69 -2.73
N VAL A 296 -15.78 -6.82 -2.99
CA VAL A 296 -15.38 -8.10 -2.43
C VAL A 296 -15.31 -9.15 -3.52
N GLY A 297 -14.46 -10.15 -3.30
CA GLY A 297 -14.22 -11.23 -4.26
C GLY A 297 -12.99 -10.97 -5.12
N GLN A 298 -13.02 -11.49 -6.34
CA GLN A 298 -11.93 -11.36 -7.30
C GLN A 298 -12.29 -10.24 -8.27
N CYS A 299 -11.64 -9.08 -8.09
CA CYS A 299 -12.11 -7.85 -8.70
C CYS A 299 -11.04 -7.11 -9.49
N PRO A 300 -11.46 -6.32 -10.50
CA PRO A 300 -10.53 -5.33 -11.08
C PRO A 300 -10.20 -4.27 -10.05
N LYS A 301 -9.05 -3.62 -10.20
CA LYS A 301 -8.57 -2.65 -9.24
C LYS A 301 -9.24 -1.30 -9.45
N TYR A 302 -9.63 -0.66 -8.34
CA TYR A 302 -10.27 0.65 -8.41
C TYR A 302 -9.26 1.73 -8.79
N VAL A 303 -9.65 2.62 -9.70
CA VAL A 303 -8.86 3.77 -10.11
C VAL A 303 -9.73 5.03 -10.18
N ASN A 304 -9.17 6.18 -9.84
CA ASN A 304 -9.85 7.48 -10.00
C ASN A 304 -9.74 7.95 -11.46
N LYS A 305 -10.44 7.27 -12.37
CA LYS A 305 -10.38 7.59 -13.80
C LYS A 305 -11.69 7.26 -14.50
N LYS A 306 -12.17 8.19 -15.32
CA LYS A 306 -13.35 7.96 -16.15
C LYS A 306 -13.03 6.95 -17.25
N SER A 307 -11.86 7.12 -17.87
CA SER A 307 -11.47 6.32 -19.02
C SER A 307 -9.94 6.33 -19.22
N LEU A 308 -9.39 5.18 -19.63
CA LEU A 308 -7.99 5.06 -20.06
C LEU A 308 -7.94 4.18 -21.31
N MET A 309 -7.75 4.82 -22.46
CA MET A 309 -7.82 4.13 -23.75
C MET A 309 -6.47 3.57 -24.14
N LEU A 310 -6.45 2.28 -24.45
CA LEU A 310 -5.27 1.56 -24.89
C LEU A 310 -5.29 1.45 -26.40
N ALA A 311 -4.27 2.01 -27.06
CA ALA A 311 -4.15 1.96 -28.51
C ALA A 311 -4.05 0.52 -28.99
N THR A 312 -4.81 0.20 -30.04
CA THR A 312 -4.75 -1.10 -30.70
C THR A 312 -4.41 -0.91 -32.20
N GLY A 313 -3.74 0.20 -32.52
CA GLY A 313 -3.33 0.48 -33.88
C GLY A 313 -2.33 1.61 -33.99
N MET A 314 -1.85 1.82 -35.22
CA MET A 314 -0.87 2.88 -35.51
C MET A 314 -1.45 4.29 -35.41
N ARG A 315 -0.57 5.30 -35.51
CA ARG A 315 -0.99 6.68 -35.72
C ARG A 315 -1.91 6.77 -36.93
N ASN A 316 -3.03 7.48 -36.78
CA ASN A 316 -3.95 7.72 -37.87
C ASN A 316 -3.52 9.00 -38.57
N VAL A 317 -3.19 8.90 -39.85
CA VAL A 317 -2.78 10.03 -40.67
C VAL A 317 -3.71 10.05 -41.90
N PRO A 318 -4.88 10.72 -41.77
CA PRO A 318 -5.90 10.64 -42.81
C PRO A 318 -5.56 11.47 -44.06
N GLU A 319 -6.26 11.18 -45.14
CA GLU A 319 -6.09 11.88 -46.42
C GLU A 319 -6.96 13.14 -46.42
N GLY B 1 7.87 10.40 -35.97
CA GLY B 1 8.05 9.46 -34.82
C GLY B 1 9.41 8.79 -34.79
N LEU B 2 9.54 7.75 -33.97
CA LEU B 2 10.84 7.13 -33.71
C LEU B 2 11.54 6.59 -34.95
N PHE B 3 10.79 5.92 -35.81
CA PHE B 3 11.37 5.26 -36.99
C PHE B 3 11.16 6.04 -38.29
N GLY B 4 10.50 7.18 -38.20
CA GLY B 4 10.46 8.15 -39.29
C GLY B 4 9.59 7.84 -40.49
N ALA B 5 8.84 6.74 -40.47
CA ALA B 5 8.00 6.36 -41.62
C ALA B 5 6.56 6.86 -41.47
N ILE B 6 5.82 6.30 -40.52
CA ILE B 6 4.42 6.67 -40.31
C ILE B 6 4.38 8.05 -39.67
N ALA B 7 3.61 8.96 -40.27
CA ALA B 7 3.60 10.39 -39.92
C ALA B 7 5.03 11.00 -40.01
N GLY B 8 5.80 10.52 -40.97
CA GLY B 8 7.18 10.94 -41.19
C GLY B 8 7.40 11.14 -42.67
N PHE B 9 8.26 10.32 -43.29
CA PHE B 9 8.52 10.44 -44.73
C PHE B 9 7.35 9.94 -45.61
N ILE B 10 6.52 9.05 -45.08
CA ILE B 10 5.26 8.71 -45.74
C ILE B 10 4.25 9.77 -45.31
N GLU B 11 3.76 10.54 -46.29
CA GLU B 11 2.99 11.75 -46.02
C GLU B 11 1.70 11.49 -45.26
N ASN B 12 1.00 10.42 -45.65
CA ASN B 12 -0.24 10.02 -44.99
C ASN B 12 -0.60 8.58 -45.31
N GLY B 13 -1.60 8.06 -44.59
CA GLY B 13 -2.09 6.71 -44.80
C GLY B 13 -3.12 6.61 -45.91
N TRP B 14 -3.44 5.38 -46.30
CA TRP B 14 -4.41 5.09 -47.34
C TRP B 14 -5.70 4.56 -46.74
N GLU B 15 -6.74 5.40 -46.73
CA GLU B 15 -8.07 4.98 -46.28
C GLU B 15 -8.66 3.88 -47.17
N GLY B 16 -8.30 3.89 -48.46
CA GLY B 16 -8.71 2.85 -49.40
C GLY B 16 -8.13 1.46 -49.20
N MET B 17 -7.07 1.32 -48.40
CA MET B 17 -6.53 0.00 -48.08
C MET B 17 -7.26 -0.58 -46.89
N VAL B 18 -8.18 -1.51 -47.16
CA VAL B 18 -9.05 -2.12 -46.15
C VAL B 18 -8.78 -3.60 -45.87
N ASP B 19 -7.84 -4.21 -46.61
CA ASP B 19 -7.49 -5.62 -46.45
C ASP B 19 -6.12 -5.84 -45.76
N GLY B 20 -5.57 -4.78 -45.16
CA GLY B 20 -4.30 -4.89 -44.43
C GLY B 20 -3.83 -3.57 -43.87
N TRP B 21 -2.76 -3.65 -43.08
CA TRP B 21 -2.19 -2.50 -42.36
C TRP B 21 -1.11 -1.78 -43.15
N TYR B 22 -0.35 -2.55 -43.93
CA TYR B 22 0.73 -2.02 -44.77
C TYR B 22 0.60 -2.61 -46.15
N GLY B 23 1.10 -1.91 -47.16
CA GLY B 23 1.02 -2.44 -48.51
C GLY B 23 1.66 -1.60 -49.59
N PHE B 24 1.28 -1.92 -50.83
CA PHE B 24 1.92 -1.41 -52.03
C PHE B 24 0.91 -0.74 -52.96
N ARG B 25 1.32 0.38 -53.55
CA ARG B 25 0.66 0.93 -54.73
C ARG B 25 1.71 1.06 -55.82
N HIS B 26 1.41 0.58 -57.03
CA HIS B 26 2.35 0.67 -58.15
C HIS B 26 1.79 1.44 -59.34
N GLN B 27 2.69 1.84 -60.23
CA GLN B 27 2.35 2.48 -61.50
C GLN B 27 3.29 1.96 -62.58
N ASN B 28 2.72 1.38 -63.63
CA ASN B 28 3.47 0.96 -64.82
C ASN B 28 2.66 1.24 -66.09
N ALA B 29 3.15 0.82 -67.25
CA ALA B 29 2.45 1.02 -68.52
C ALA B 29 1.04 0.41 -68.55
N GLN B 30 0.89 -0.78 -67.96
CA GLN B 30 -0.41 -1.45 -67.85
C GLN B 30 -1.45 -0.69 -67.01
N GLY B 31 -0.98 0.04 -65.99
CA GLY B 31 -1.85 0.88 -65.16
C GLY B 31 -1.38 0.98 -63.72
N THR B 32 -2.34 1.07 -62.79
CA THR B 32 -2.07 1.12 -61.35
C THR B 32 -2.77 -0.01 -60.60
N GLY B 33 -2.33 -0.23 -59.36
CA GLY B 33 -2.89 -1.30 -58.53
C GLY B 33 -2.56 -1.11 -57.05
N GLN B 34 -3.25 -1.87 -56.20
CA GLN B 34 -3.05 -1.82 -54.76
C GLN B 34 -3.14 -3.23 -54.16
N ALA B 35 -2.22 -3.53 -53.24
CA ALA B 35 -2.20 -4.82 -52.54
C ALA B 35 -1.59 -4.68 -51.15
N ALA B 36 -2.22 -5.32 -50.16
CA ALA B 36 -1.73 -5.32 -48.79
C ALA B 36 -0.58 -6.33 -48.65
N ASP B 37 0.33 -6.04 -47.73
CA ASP B 37 1.40 -6.97 -47.36
C ASP B 37 0.97 -7.77 -46.12
N TYR B 38 0.99 -9.10 -46.23
CA TYR B 38 0.52 -9.98 -45.17
C TYR B 38 1.45 -10.01 -43.94
N LYS B 39 2.74 -10.18 -44.18
CA LYS B 39 3.72 -10.43 -43.10
C LYS B 39 3.88 -9.26 -42.15
N SER B 40 4.05 -8.06 -42.69
CA SER B 40 4.18 -6.84 -41.89
C SER B 40 2.87 -6.55 -41.14
N THR B 41 1.74 -6.73 -41.80
CA THR B 41 0.41 -6.58 -41.17
C THR B 41 0.26 -7.52 -39.98
N GLN B 42 0.54 -8.81 -40.20
CA GLN B 42 0.36 -9.82 -39.17
C GLN B 42 1.36 -9.63 -38.01
N ALA B 43 2.56 -9.14 -38.32
CA ALA B 43 3.57 -8.85 -37.29
C ALA B 43 3.09 -7.79 -36.31
N ALA B 44 2.48 -6.73 -36.84
CA ALA B 44 1.93 -5.64 -36.01
C ALA B 44 0.74 -6.13 -35.20
N ILE B 45 -0.17 -6.85 -35.84
CA ILE B 45 -1.38 -7.37 -35.18
C ILE B 45 -1.03 -8.38 -34.08
N ASP B 46 -0.13 -9.31 -34.37
CA ASP B 46 0.32 -10.30 -33.38
C ASP B 46 0.90 -9.66 -32.11
N GLN B 47 1.69 -8.61 -32.30
CA GLN B 47 2.29 -7.89 -31.17
C GLN B 47 1.26 -7.17 -30.32
N ILE B 48 0.26 -6.57 -30.97
CA ILE B 48 -0.84 -5.89 -30.26
C ILE B 48 -1.74 -6.90 -29.53
N THR B 49 -1.99 -8.05 -30.17
CA THR B 49 -2.70 -9.15 -29.53
C THR B 49 -1.98 -9.62 -28.26
N GLY B 50 -0.65 -9.71 -28.33
CA GLY B 50 0.18 -10.02 -27.16
C GLY B 50 0.02 -9.06 -26.00
N LYS B 51 -0.01 -7.76 -26.30
CA LYS B 51 -0.26 -6.72 -25.29
C LYS B 51 -1.62 -6.88 -24.63
N LEU B 52 -2.64 -7.16 -25.44
CA LEU B 52 -4.03 -7.31 -24.96
C LEU B 52 -4.18 -8.53 -24.05
N ASN B 53 -3.55 -9.64 -24.43
CA ASN B 53 -3.53 -10.86 -23.62
C ASN B 53 -2.91 -10.63 -22.23
N ARG B 54 -1.87 -9.80 -22.17
CA ARG B 54 -1.22 -9.47 -20.90
C ARG B 54 -2.02 -8.48 -20.05
N ILE B 55 -2.57 -7.44 -20.69
CA ILE B 55 -3.16 -6.29 -19.97
C ILE B 55 -4.62 -6.52 -19.57
N ILE B 56 -5.40 -7.16 -20.44
CA ILE B 56 -6.83 -7.36 -20.20
C ILE B 56 -7.01 -8.57 -19.28
N LYS B 57 -6.77 -8.35 -17.98
CA LYS B 57 -6.94 -9.37 -16.94
C LYS B 57 -6.94 -8.76 -15.53
N LYS B 58 -7.51 -9.50 -14.58
CA LYS B 58 -7.51 -9.13 -13.16
C LYS B 58 -6.75 -10.19 -12.37
N THR B 59 -6.40 -9.87 -11.12
CA THR B 59 -5.76 -10.83 -10.22
C THR B 59 -6.81 -11.82 -9.72
N ASN B 60 -6.36 -13.02 -9.36
CA ASN B 60 -7.24 -14.03 -8.75
C ASN B 60 -7.27 -13.97 -7.21
N THR B 61 -6.63 -12.95 -6.62
CA THR B 61 -6.67 -12.73 -5.17
C THR B 61 -8.11 -12.45 -4.74
N GLU B 62 -8.56 -13.14 -3.69
CA GLU B 62 -9.90 -12.95 -3.13
C GLU B 62 -9.81 -11.98 -1.97
N PHE B 63 -10.54 -10.87 -2.07
CA PHE B 63 -10.61 -9.88 -1.00
C PHE B 63 -11.95 -9.96 -0.28
N GLU B 64 -11.93 -9.67 1.02
CA GLU B 64 -13.14 -9.60 1.85
C GLU B 64 -13.31 -8.17 2.37
N SER B 65 -14.47 -7.91 2.97
CA SER B 65 -14.80 -6.56 3.46
C SER B 65 -14.00 -6.18 4.71
N ILE B 66 -13.44 -4.97 4.70
CA ILE B 66 -12.90 -4.32 5.92
C ILE B 66 -13.63 -3.02 6.28
N GLU B 67 -14.69 -2.69 5.53
CA GLU B 67 -15.51 -1.50 5.77
C GLU B 67 -16.98 -1.88 5.71
N SER B 68 -17.74 -1.51 6.74
CA SER B 68 -19.18 -1.75 6.74
C SER B 68 -19.89 -0.72 5.86
N GLU B 69 -20.67 -1.21 4.90
CA GLU B 69 -21.53 -0.38 4.06
C GLU B 69 -22.66 0.29 4.85
N PHE B 70 -23.26 -0.46 5.79
CA PHE B 70 -24.52 -0.09 6.43
C PHE B 70 -24.44 0.19 7.93
N SER B 71 -23.24 0.28 8.50
CA SER B 71 -23.08 0.56 9.94
C SER B 71 -21.75 1.27 10.24
N GLU B 72 -21.60 1.71 11.49
CA GLU B 72 -20.44 2.48 11.92
C GLU B 72 -19.18 1.63 12.02
N ILE B 73 -18.04 2.25 11.68
CA ILE B 73 -16.71 1.65 11.86
C ILE B 73 -16.01 2.47 12.95
N ASP B 74 -15.16 1.80 13.75
CA ASP B 74 -14.44 2.46 14.85
C ASP B 74 -13.56 3.60 14.35
N HIS B 75 -13.46 4.66 15.15
CA HIS B 75 -12.83 5.92 14.72
C HIS B 75 -11.35 5.78 14.34
N GLN B 76 -10.57 5.12 15.20
CA GLN B 76 -9.12 4.98 14.99
C GLN B 76 -8.80 4.08 13.79
N ILE B 77 -9.32 2.86 13.83
CA ILE B 77 -9.14 1.90 12.73
C ILE B 77 -9.74 2.41 11.40
N GLY B 78 -10.87 3.10 11.47
CA GLY B 78 -11.53 3.69 10.31
C GLY B 78 -10.67 4.70 9.55
N ASN B 79 -10.01 5.58 10.29
CA ASN B 79 -9.06 6.56 9.71
C ASN B 79 -7.87 5.86 9.03
N VAL B 80 -7.39 4.77 9.63
CA VAL B 80 -6.28 3.98 9.06
C VAL B 80 -6.73 3.30 7.75
N ILE B 81 -7.96 2.78 7.74
CA ILE B 81 -8.53 2.14 6.55
C ILE B 81 -8.67 3.14 5.40
N ASN B 82 -9.24 4.33 5.69
CA ASN B 82 -9.37 5.39 4.69
C ASN B 82 -8.02 5.85 4.14
N TRP B 83 -7.03 6.02 5.02
CA TRP B 83 -5.68 6.40 4.60
C TRP B 83 -5.07 5.33 3.69
N THR B 84 -5.19 4.07 4.10
CA THR B 84 -4.61 2.95 3.37
C THR B 84 -5.29 2.74 2.01
N LYS B 85 -6.63 2.73 2.00
CA LYS B 85 -7.38 2.55 0.74
C LYS B 85 -7.13 3.67 -0.26
N ASP B 86 -7.11 4.92 0.20
CA ASP B 86 -6.77 6.07 -0.67
C ASP B 86 -5.33 6.02 -1.18
N SER B 87 -4.40 5.56 -0.33
CA SER B 87 -3.01 5.35 -0.74
C SER B 87 -2.87 4.26 -1.80
N ILE B 88 -3.59 3.15 -1.60
CA ILE B 88 -3.66 2.06 -2.57
C ILE B 88 -4.30 2.53 -3.89
N THR B 89 -5.34 3.35 -3.80
CA THR B 89 -6.03 3.88 -4.99
C THR B 89 -5.13 4.81 -5.80
N ASP B 90 -4.39 5.70 -5.14
CA ASP B 90 -3.39 6.55 -5.80
C ASP B 90 -2.34 5.74 -6.55
N ILE B 91 -1.90 4.63 -5.96
CA ILE B 91 -0.90 3.74 -6.58
C ILE B 91 -1.45 3.11 -7.86
N TRP B 92 -2.63 2.50 -7.78
CA TRP B 92 -3.24 1.87 -8.95
C TRP B 92 -3.63 2.85 -10.05
N THR B 93 -4.12 4.03 -9.67
CA THR B 93 -4.44 5.08 -10.63
C THR B 93 -3.19 5.52 -11.37
N TYR B 94 -2.12 5.80 -10.62
CA TYR B 94 -0.83 6.14 -11.18
C TYR B 94 -0.24 5.02 -12.06
N GLN B 95 -0.36 3.78 -11.62
CA GLN B 95 0.15 2.63 -12.37
C GLN B 95 -0.64 2.39 -13.67
N ALA B 96 -1.97 2.57 -13.60
CA ALA B 96 -2.82 2.44 -14.78
C ALA B 96 -2.50 3.50 -15.84
N GLU B 97 -2.34 4.74 -15.40
CA GLU B 97 -1.96 5.85 -16.30
C GLU B 97 -0.60 5.62 -16.97
N LEU B 98 0.38 5.19 -16.19
CA LEU B 98 1.74 4.94 -16.69
C LEU B 98 1.81 3.76 -17.65
N LEU B 99 1.17 2.65 -17.26
CA LEU B 99 1.08 1.46 -18.13
C LEU B 99 0.55 1.82 -19.52
N VAL B 100 -0.61 2.47 -19.55
CA VAL B 100 -1.28 2.75 -20.82
C VAL B 100 -0.50 3.79 -21.63
N ALA B 101 0.08 4.79 -20.96
CA ALA B 101 0.92 5.80 -21.63
C ALA B 101 2.16 5.19 -22.27
N MET B 102 2.86 4.34 -21.51
CA MET B 102 4.05 3.63 -21.99
C MET B 102 3.70 2.66 -23.13
N GLU B 103 2.64 1.88 -22.94
CA GLU B 103 2.21 0.91 -23.97
C GLU B 103 1.75 1.58 -25.26
N ASN B 104 1.05 2.70 -25.14
CA ASN B 104 0.62 3.47 -26.33
C ASN B 104 1.82 4.01 -27.10
N GLN B 105 2.81 4.54 -26.39
CA GLN B 105 4.07 5.01 -27.00
C GLN B 105 4.77 3.88 -27.76
N HIS B 106 4.84 2.71 -27.14
CA HIS B 106 5.47 1.54 -27.75
C HIS B 106 4.66 0.99 -28.95
N THR B 107 3.33 0.98 -28.83
CA THR B 107 2.46 0.48 -29.91
C THR B 107 2.60 1.31 -31.19
N ILE B 108 2.58 2.63 -31.03
CA ILE B 108 2.76 3.58 -32.13
C ILE B 108 4.14 3.43 -32.78
N ASP B 109 5.19 3.37 -31.96
CA ASP B 109 6.56 3.24 -32.48
C ASP B 109 6.84 1.85 -33.07
N MET B 110 6.26 0.80 -32.50
CA MET B 110 6.32 -0.54 -33.09
C MET B 110 5.69 -0.55 -34.49
N ALA B 111 4.50 0.01 -34.63
CA ALA B 111 3.82 0.07 -35.93
C ALA B 111 4.67 0.83 -36.97
N ASP B 112 5.28 1.93 -36.54
CA ASP B 112 6.23 2.71 -37.35
C ASP B 112 7.42 1.85 -37.82
N SER B 113 7.97 1.04 -36.91
CA SER B 113 9.12 0.19 -37.23
C SER B 113 8.76 -0.87 -38.27
N GLU B 114 7.55 -1.45 -38.19
CA GLU B 114 7.11 -2.44 -39.18
C GLU B 114 6.95 -1.86 -40.58
N MET B 115 6.48 -0.60 -40.66
CA MET B 115 6.44 0.14 -41.94
C MET B 115 7.86 0.30 -42.51
N LEU B 116 8.79 0.75 -41.66
CA LEU B 116 10.18 0.96 -42.06
C LEU B 116 10.87 -0.35 -42.47
N ASN B 117 10.60 -1.44 -41.75
CA ASN B 117 11.21 -2.73 -42.08
C ASN B 117 10.75 -3.26 -43.44
N LEU B 118 9.49 -3.04 -43.78
CA LEU B 118 8.96 -3.39 -45.10
C LEU B 118 9.63 -2.56 -46.20
N TYR B 119 9.72 -1.25 -45.97
CA TYR B 119 10.38 -0.32 -46.88
C TYR B 119 11.84 -0.72 -47.10
N GLU B 120 12.54 -1.06 -46.01
CA GLU B 120 13.93 -1.50 -46.06
C GLU B 120 14.12 -2.82 -46.79
N ARG B 121 13.20 -3.76 -46.59
CA ARG B 121 13.21 -5.05 -47.30
C ARG B 121 13.12 -4.84 -48.82
N VAL B 122 12.20 -3.96 -49.23
CA VAL B 122 12.00 -3.64 -50.65
C VAL B 122 13.25 -2.94 -51.22
N ARG B 123 13.81 -2.00 -50.47
CA ARG B 123 15.01 -1.27 -50.91
C ARG B 123 16.16 -2.22 -51.25
N LYS B 124 16.45 -3.14 -50.35
CA LYS B 124 17.54 -4.09 -50.55
C LYS B 124 17.26 -5.07 -51.70
N GLN B 125 16.01 -5.53 -51.81
CA GLN B 125 15.55 -6.33 -52.97
C GLN B 125 15.85 -5.68 -54.33
N LEU B 126 15.52 -4.39 -54.44
CA LEU B 126 15.65 -3.66 -55.71
C LEU B 126 17.10 -3.30 -56.04
N ARG B 127 17.95 -3.20 -55.02
CA ARG B 127 19.40 -3.06 -55.16
C ARG B 127 19.75 -1.82 -56.03
N GLN B 128 20.41 -1.97 -57.18
CA GLN B 128 20.79 -0.82 -58.00
C GLN B 128 19.78 -0.52 -59.10
N ASN B 129 18.64 -1.20 -59.11
CA ASN B 129 17.63 -1.04 -60.17
C ASN B 129 16.58 0.04 -59.90
N ALA B 130 16.64 0.68 -58.73
CA ALA B 130 15.67 1.69 -58.34
C ALA B 130 16.31 2.75 -57.46
N GLU B 131 15.63 3.89 -57.34
CA GLU B 131 16.06 4.99 -56.47
C GLU B 131 14.87 5.44 -55.62
N GLU B 132 15.18 5.93 -54.42
CA GLU B 132 14.16 6.39 -53.48
C GLU B 132 13.78 7.82 -53.81
N ASP B 133 12.47 8.10 -53.88
CA ASP B 133 11.98 9.46 -54.13
C ASP B 133 11.85 10.32 -52.86
N GLY B 134 11.96 9.72 -51.69
CA GLY B 134 11.85 10.45 -50.41
C GLY B 134 10.47 10.45 -49.77
N LYS B 135 9.46 9.93 -50.47
CA LYS B 135 8.07 9.90 -50.00
C LYS B 135 7.56 8.48 -49.76
N GLY B 136 8.46 7.49 -49.80
CA GLY B 136 8.10 6.08 -49.59
C GLY B 136 7.97 5.26 -50.86
N CYS B 137 8.26 5.86 -52.02
CA CYS B 137 8.22 5.14 -53.30
C CYS B 137 9.61 4.87 -53.84
N PHE B 138 9.68 3.88 -54.72
CA PHE B 138 10.89 3.53 -55.44
C PHE B 138 10.61 3.71 -56.93
N GLU B 139 11.39 4.57 -57.57
CA GLU B 139 11.33 4.75 -59.01
C GLU B 139 12.20 3.67 -59.65
N ILE B 140 11.56 2.79 -60.41
CA ILE B 140 12.17 1.58 -60.95
C ILE B 140 12.65 1.88 -62.38
N TYR B 141 13.95 1.81 -62.62
CA TYR B 141 14.53 2.22 -63.91
C TYR B 141 14.53 1.11 -64.98
N HIS B 142 13.49 0.28 -64.99
CA HIS B 142 13.26 -0.70 -66.04
C HIS B 142 11.77 -0.98 -66.17
N ALA B 143 11.38 -1.60 -67.27
CA ALA B 143 10.00 -2.00 -67.49
C ALA B 143 9.63 -3.08 -66.47
N CYS B 144 8.69 -2.76 -65.59
CA CYS B 144 8.27 -3.67 -64.53
C CYS B 144 6.75 -3.86 -64.63
N ASP B 145 6.35 -4.92 -65.33
CA ASP B 145 4.94 -5.25 -65.59
C ASP B 145 4.28 -5.85 -64.34
N ASP B 146 3.02 -6.29 -64.47
CA ASP B 146 2.28 -6.87 -63.33
C ASP B 146 2.97 -8.06 -62.65
N SER B 147 3.55 -8.96 -63.45
CA SER B 147 4.33 -10.10 -62.91
C SER B 147 5.59 -9.65 -62.18
N CYS B 148 6.27 -8.63 -62.72
CA CYS B 148 7.44 -8.03 -62.05
C CYS B 148 7.05 -7.36 -60.74
N MET B 149 5.97 -6.59 -60.75
CA MET B 149 5.45 -5.95 -59.53
C MET B 149 5.07 -7.00 -58.48
N GLU B 150 4.44 -8.08 -58.94
CA GLU B 150 4.10 -9.21 -58.06
C GLU B 150 5.33 -9.85 -57.42
N SER B 151 6.42 -9.98 -58.19
CA SER B 151 7.68 -10.54 -57.68
C SER B 151 8.34 -9.67 -56.58
N ILE B 152 8.17 -8.35 -56.67
CA ILE B 152 8.63 -7.43 -55.63
C ILE B 152 7.81 -7.61 -54.34
N ARG B 153 6.49 -7.77 -54.49
CA ARG B 153 5.60 -8.03 -53.36
C ARG B 153 5.80 -9.44 -52.76
N ASN B 154 6.05 -10.43 -53.63
CA ASN B 154 6.31 -11.83 -53.22
C ASN B 154 7.71 -12.09 -52.64
N ASN B 155 8.59 -11.09 -52.66
CA ASN B 155 9.99 -11.24 -52.22
C ASN B 155 10.80 -12.21 -53.10
N THR B 156 10.44 -12.28 -54.39
CA THR B 156 11.11 -13.16 -55.38
C THR B 156 11.71 -12.38 -56.57
N TYR B 157 11.87 -11.07 -56.41
CA TYR B 157 12.46 -10.21 -57.44
C TYR B 157 13.95 -10.44 -57.49
N ASN B 158 14.47 -10.78 -58.67
CA ASN B 158 15.91 -10.96 -58.88
C ASN B 158 16.47 -9.74 -59.61
N HIS B 159 17.24 -8.92 -58.88
CA HIS B 159 17.79 -7.67 -59.39
C HIS B 159 18.71 -7.84 -60.62
N SER B 160 19.48 -8.93 -60.65
CA SER B 160 20.46 -9.16 -61.72
C SER B 160 19.82 -9.42 -63.09
N GLN B 161 18.56 -9.85 -63.10
CA GLN B 161 17.77 -9.98 -64.32
C GLN B 161 17.55 -8.65 -65.07
N TYR B 162 17.44 -7.55 -64.32
CA TYR B 162 17.15 -6.22 -64.86
C TYR B 162 18.27 -5.19 -64.70
N ARG B 163 19.41 -5.62 -64.15
CA ARG B 163 20.49 -4.70 -63.75
C ARG B 163 21.08 -3.91 -64.92
N GLU B 164 21.35 -4.60 -66.03
CA GLU B 164 21.94 -3.96 -67.21
C GLU B 164 21.02 -2.87 -67.76
N GLU B 165 19.74 -3.20 -67.95
CA GLU B 165 18.72 -2.24 -68.39
C GLU B 165 18.62 -1.03 -67.45
N ALA B 166 18.62 -1.30 -66.15
CA ALA B 166 18.46 -0.24 -65.14
C ALA B 166 19.66 0.70 -65.04
N LEU B 167 20.88 0.15 -65.13
CA LEU B 167 22.09 0.97 -65.12
C LEU B 167 22.21 1.84 -66.38
N LEU B 168 21.75 1.32 -67.51
CA LEU B 168 21.64 2.12 -68.75
C LEU B 168 20.73 3.32 -68.53
N ASN B 169 19.54 3.09 -67.98
CA ASN B 169 18.56 4.16 -67.73
C ASN B 169 18.96 5.10 -66.60
N ARG B 170 19.57 4.57 -65.55
CA ARG B 170 20.01 5.41 -64.41
C ARG B 170 21.23 6.27 -64.71
N LEU B 171 22.23 5.69 -65.38
CA LEU B 171 23.56 6.31 -65.52
C LEU B 171 24.03 6.65 -66.94
N ASN B 172 23.31 6.21 -67.97
CA ASN B 172 23.60 6.55 -69.39
C ASN B 172 25.01 6.17 -69.82
N PRO C 1 34.88 17.94 -53.33
CA PRO C 1 33.50 18.41 -53.46
C PRO C 1 33.03 19.25 -52.27
N ASP C 2 31.87 19.90 -52.43
CA ASP C 2 31.22 20.62 -51.33
C ASP C 2 30.71 19.64 -50.26
N LYS C 3 30.37 20.19 -49.10
CA LYS C 3 30.03 19.39 -47.93
C LYS C 3 28.90 20.04 -47.14
N ILE C 4 27.94 19.23 -46.68
CA ILE C 4 26.98 19.65 -45.67
C ILE C 4 26.98 18.61 -44.56
N CYS C 5 27.16 19.08 -43.32
CA CYS C 5 27.31 18.24 -42.14
C CYS C 5 26.12 18.41 -41.23
N LEU C 6 25.62 17.30 -40.69
CA LEU C 6 24.53 17.32 -39.72
C LEU C 6 25.06 17.07 -38.33
N GLY C 7 24.47 17.75 -37.35
CA GLY C 7 24.93 17.65 -35.97
C GLY C 7 23.88 18.07 -34.96
N HIS C 8 24.28 18.04 -33.69
CA HIS C 8 23.42 18.41 -32.58
C HIS C 8 24.19 19.32 -31.64
N HIS C 9 23.47 20.05 -30.79
CA HIS C 9 24.10 20.96 -29.85
C HIS C 9 24.73 20.23 -28.68
N ALA C 10 25.52 20.97 -27.91
CA ALA C 10 26.08 20.50 -26.65
C ALA C 10 26.30 21.68 -25.72
N VAL C 11 26.57 21.38 -24.45
CA VAL C 11 26.86 22.40 -23.44
C VAL C 11 28.18 22.07 -22.77
N ALA C 12 28.74 23.06 -22.06
CA ALA C 12 30.03 22.92 -21.39
C ALA C 12 29.91 22.03 -20.17
N ASN C 13 28.99 22.41 -19.27
CA ASN C 13 28.72 21.66 -18.03
C ASN C 13 27.39 20.91 -18.12
N GLY C 14 27.45 19.65 -18.51
CA GLY C 14 26.27 18.77 -18.56
C GLY C 14 25.86 18.29 -17.18
N THR C 15 24.70 17.64 -17.10
CA THR C 15 24.15 17.10 -15.84
C THR C 15 24.09 15.57 -15.91
N ILE C 16 24.40 14.91 -14.80
CA ILE C 16 24.36 13.45 -14.69
C ILE C 16 22.96 12.99 -14.32
N VAL C 17 22.49 11.94 -15.00
CA VAL C 17 21.21 11.31 -14.71
C VAL C 17 21.36 9.79 -14.80
N LYS C 18 20.38 9.08 -14.23
CA LYS C 18 20.35 7.63 -14.27
C LYS C 18 19.30 7.17 -15.30
N THR C 19 19.66 6.14 -16.07
CA THR C 19 18.77 5.54 -17.05
C THR C 19 18.55 4.09 -16.63
N LEU C 20 17.85 3.32 -17.47
CA LEU C 20 17.68 1.89 -17.25
C LEU C 20 19.01 1.12 -17.34
N THR C 21 19.92 1.58 -18.18
CA THR C 21 21.17 0.86 -18.49
C THR C 21 22.46 1.51 -17.95
N ASN C 22 22.37 2.74 -17.43
CA ASN C 22 23.55 3.53 -17.10
C ASN C 22 23.31 4.38 -15.84
N GLU C 23 24.15 4.17 -14.82
CA GLU C 23 24.07 4.95 -13.58
C GLU C 23 24.59 6.38 -13.72
N GLN C 24 25.52 6.61 -14.64
CA GLN C 24 26.15 7.91 -14.82
C GLN C 24 26.08 8.34 -16.29
N GLU C 25 24.90 8.78 -16.70
CA GLU C 25 24.65 9.24 -18.06
C GLU C 25 24.65 10.77 -18.08
N GLU C 26 25.50 11.36 -18.91
CA GLU C 26 25.59 12.82 -19.02
C GLU C 26 24.62 13.33 -20.08
N VAL C 27 23.74 14.25 -19.70
CA VAL C 27 22.78 14.88 -20.61
C VAL C 27 22.93 16.40 -20.57
N THR C 28 22.34 17.08 -21.55
CA THR C 28 22.52 18.53 -21.70
C THR C 28 21.84 19.32 -20.59
N ASN C 29 20.66 18.87 -20.20
CA ASN C 29 19.92 19.48 -19.09
C ASN C 29 19.05 18.44 -18.39
N ALA C 30 18.75 18.71 -17.13
CA ALA C 30 17.86 17.86 -16.33
C ALA C 30 17.15 18.69 -15.28
N THR C 31 16.12 18.10 -14.67
CA THR C 31 15.34 18.79 -13.64
C THR C 31 14.97 17.82 -12.51
N GLU C 32 14.93 18.36 -11.29
CA GLU C 32 14.68 17.56 -10.09
C GLU C 32 13.20 17.14 -10.02
N THR C 33 12.96 15.90 -9.58
CA THR C 33 11.60 15.40 -9.33
C THR C 33 11.26 15.16 -7.84
N VAL C 34 12.27 15.18 -6.96
CA VAL C 34 12.07 14.99 -5.52
C VAL C 34 12.37 16.31 -4.80
N GLU C 35 11.37 16.85 -4.12
CA GLU C 35 11.52 18.09 -3.36
C GLU C 35 12.33 17.85 -2.08
N SER C 36 13.38 18.65 -1.89
CA SER C 36 14.24 18.59 -0.70
C SER C 36 14.06 19.76 0.28
N THR C 37 13.57 20.91 -0.19
CA THR C 37 13.47 22.13 0.62
C THR C 37 12.06 22.32 1.17
N SER C 38 11.98 22.74 2.42
CA SER C 38 10.70 23.07 3.08
C SER C 38 10.70 24.52 3.49
N LEU C 39 9.51 25.11 3.49
CA LEU C 39 9.30 26.48 3.93
C LEU C 39 8.97 26.39 5.42
N ASN C 40 9.86 26.90 6.28
CA ASN C 40 9.71 26.82 7.73
C ASN C 40 8.65 27.81 8.23
N ARG C 41 7.41 27.55 7.84
CA ARG C 41 6.30 28.47 8.05
C ARG C 41 4.99 27.80 7.66
N LEU C 42 3.96 27.97 8.49
CA LEU C 42 2.62 27.49 8.15
C LEU C 42 1.94 28.55 7.27
N CYS C 43 1.86 28.26 5.98
CA CYS C 43 1.31 29.17 4.99
C CYS C 43 -0.21 29.11 5.02
N MET C 44 -0.84 30.15 5.62
CA MET C 44 -2.29 30.17 5.88
C MET C 44 -3.12 31.13 5.01
N LYS C 45 -2.54 31.67 3.93
CA LYS C 45 -3.29 32.56 3.04
C LYS C 45 -4.45 31.81 2.37
N GLY C 46 -5.62 32.45 2.34
CA GLY C 46 -6.83 31.84 1.79
C GLY C 46 -7.50 30.80 2.69
N ARG C 47 -7.16 30.80 3.99
CA ARG C 47 -7.72 29.87 4.96
C ARG C 47 -8.18 30.62 6.20
N ASN C 48 -9.45 30.43 6.56
CA ASN C 48 -9.95 30.88 7.86
C ASN C 48 -9.45 29.89 8.92
N HIS C 49 -8.38 30.27 9.61
CA HIS C 49 -7.65 29.36 10.50
C HIS C 49 -7.67 29.75 11.97
N LYS C 50 -7.36 28.77 12.81
CA LYS C 50 -7.28 28.94 14.25
C LYS C 50 -5.99 28.32 14.77
N ASP C 51 -5.06 29.18 15.17
CA ASP C 51 -3.85 28.76 15.89
C ASP C 51 -4.23 28.60 17.36
N LEU C 52 -4.20 27.36 17.86
CA LEU C 52 -4.61 27.09 19.24
C LEU C 52 -3.60 27.58 20.28
N GLY C 53 -2.32 27.68 19.93
CA GLY C 53 -1.29 28.12 20.88
C GLY C 53 -1.03 27.04 21.91
N ASN C 54 -1.13 27.38 23.19
CA ASN C 54 -0.98 26.39 24.28
C ASN C 54 -2.29 25.68 24.66
N CYS C 55 -3.38 25.96 23.93
CA CYS C 55 -4.65 25.25 24.09
C CYS C 55 -4.64 23.91 23.38
N HIS C 56 -4.99 22.84 24.10
CA HIS C 56 -5.17 21.50 23.51
C HIS C 56 -6.61 21.38 23.02
N PRO C 57 -6.84 20.75 21.84
CA PRO C 57 -8.19 20.56 21.26
C PRO C 57 -9.28 20.12 22.24
N ILE C 58 -8.97 19.14 23.09
CA ILE C 58 -9.90 18.66 24.12
C ILE C 58 -10.24 19.75 25.14
N GLY C 59 -9.27 20.62 25.44
CA GLY C 59 -9.49 21.79 26.28
C GLY C 59 -10.54 22.77 25.78
N MET C 60 -10.81 22.78 24.46
CA MET C 60 -11.87 23.61 23.88
C MET C 60 -13.26 23.16 24.34
N LEU C 61 -13.46 21.85 24.50
CA LEU C 61 -14.76 21.29 24.89
C LEU C 61 -15.04 21.38 26.38
N ILE C 62 -14.00 21.20 27.20
CA ILE C 62 -14.15 21.25 28.68
C ILE C 62 -13.92 22.66 29.24
N GLY C 63 -13.13 23.47 28.54
CA GLY C 63 -12.92 24.87 28.90
C GLY C 63 -11.78 25.09 29.87
N THR C 64 -10.61 24.57 29.50
CA THR C 64 -9.38 24.80 30.24
C THR C 64 -9.00 26.28 30.14
N PRO C 65 -8.42 26.88 31.20
CA PRO C 65 -8.04 28.30 31.19
C PRO C 65 -7.29 28.79 29.95
N ALA C 66 -6.33 28.00 29.47
CA ALA C 66 -5.58 28.30 28.24
C ALA C 66 -6.46 28.35 26.96
N CYS C 67 -7.62 27.71 27.00
CA CYS C 67 -8.55 27.64 25.88
C CYS C 67 -9.73 28.64 25.90
N ASP C 68 -9.68 29.65 26.79
CA ASP C 68 -10.79 30.62 26.93
C ASP C 68 -11.09 31.43 25.66
N LEU C 69 -10.07 31.68 24.84
CA LEU C 69 -10.26 32.33 23.54
C LEU C 69 -10.67 31.38 22.42
N HIS C 70 -10.78 30.07 22.72
CA HIS C 70 -11.07 29.04 21.72
C HIS C 70 -12.23 28.13 22.15
N LEU C 71 -13.21 28.68 22.88
CA LEU C 71 -14.36 27.90 23.38
C LEU C 71 -15.43 27.71 22.31
N THR C 72 -15.55 28.67 21.39
CA THR C 72 -16.37 28.55 20.19
C THR C 72 -15.64 29.18 19.02
N GLY C 73 -16.13 28.92 17.81
CA GLY C 73 -15.56 29.51 16.61
C GLY C 73 -15.86 28.69 15.37
N THR C 74 -15.39 29.21 14.23
CA THR C 74 -15.41 28.51 12.96
C THR C 74 -14.06 28.63 12.28
N TRP C 75 -13.72 27.62 11.48
CA TRP C 75 -12.43 27.56 10.80
C TRP C 75 -12.49 26.50 9.71
N ASP C 76 -11.58 26.58 8.75
CA ASP C 76 -11.33 25.48 7.80
C ASP C 76 -10.01 24.77 8.06
N THR C 77 -9.17 25.33 8.95
CA THR C 77 -7.88 24.74 9.32
C THR C 77 -7.61 24.98 10.81
N LEU C 78 -7.34 23.91 11.55
CA LEU C 78 -7.07 23.97 12.99
C LEU C 78 -5.65 23.54 13.27
N ILE C 79 -4.89 24.39 13.99
CA ILE C 79 -3.46 24.17 14.22
C ILE C 79 -3.19 23.87 15.70
N GLU C 80 -2.72 22.64 15.97
CA GLU C 80 -2.33 22.19 17.31
C GLU C 80 -0.82 22.32 17.49
N ARG C 81 -0.39 22.61 18.73
CA ARG C 81 1.02 22.82 19.05
C ARG C 81 1.53 21.79 20.07
N LYS C 82 2.85 21.72 20.19
CA LYS C 82 3.52 20.82 21.14
C LYS C 82 3.30 21.30 22.58
N ASN C 83 3.12 20.34 23.49
CA ASN C 83 2.89 20.61 24.93
C ASN C 83 1.64 21.48 25.17
N ALA C 84 0.60 21.24 24.38
CA ALA C 84 -0.67 21.94 24.52
C ALA C 84 -1.38 21.42 25.79
N ILE C 85 -1.98 22.35 26.53
CA ILE C 85 -2.58 22.04 27.83
C ILE C 85 -4.06 21.67 27.65
N ALA C 86 -4.38 20.41 27.95
CA ALA C 86 -5.77 19.94 28.00
C ALA C 86 -6.31 20.00 29.42
N TYR C 87 -5.54 19.48 30.37
CA TYR C 87 -5.99 19.29 31.75
C TYR C 87 -5.19 20.15 32.72
N CYS C 88 -5.88 21.05 33.43
CA CYS C 88 -5.26 21.83 34.50
C CYS C 88 -5.24 20.98 35.77
N TYR C 89 -6.40 20.45 36.16
CA TYR C 89 -6.48 19.47 37.24
C TYR C 89 -6.04 18.13 36.66
N PRO C 90 -5.17 17.38 37.37
CA PRO C 90 -4.66 16.13 36.79
C PRO C 90 -5.75 15.10 36.43
N GLY C 91 -5.56 14.43 35.30
CA GLY C 91 -6.50 13.42 34.84
C GLY C 91 -6.33 13.09 33.36
N ALA C 92 -7.35 12.43 32.82
CA ALA C 92 -7.31 11.94 31.45
C ALA C 92 -8.71 11.75 30.89
N THR C 93 -8.81 11.67 29.57
CA THR C 93 -10.08 11.41 28.89
C THR C 93 -10.09 9.97 28.40
N VAL C 94 -11.20 9.27 28.66
CA VAL C 94 -11.41 7.93 28.13
C VAL C 94 -11.75 8.09 26.64
N ASN C 95 -11.11 7.27 25.81
CA ASN C 95 -11.27 7.33 24.36
C ASN C 95 -10.79 8.69 23.82
N GLU C 96 -9.60 9.10 24.29
CA GLU C 96 -9.05 10.45 24.06
C GLU C 96 -8.61 10.67 22.61
N LYS C 97 -7.94 9.67 22.03
CA LYS C 97 -7.43 9.77 20.65
C LYS C 97 -8.54 10.03 19.63
N ALA C 98 -9.64 9.29 19.76
CA ALA C 98 -10.80 9.46 18.89
C ALA C 98 -11.43 10.85 19.02
N LEU C 99 -11.52 11.35 20.25
CA LEU C 99 -12.09 12.67 20.51
C LEU C 99 -11.24 13.77 19.89
N ARG C 100 -9.92 13.72 20.11
CA ARG C 100 -8.99 14.69 19.54
C ARG C 100 -9.10 14.72 18.00
N GLN C 101 -9.17 13.55 17.38
CA GLN C 101 -9.32 13.46 15.92
C GLN C 101 -10.62 14.06 15.41
N LYS C 102 -11.73 13.83 16.12
CA LYS C 102 -13.03 14.43 15.77
C LYS C 102 -12.98 15.96 15.79
N ILE C 103 -12.29 16.52 16.78
CA ILE C 103 -12.12 17.97 16.90
C ILE C 103 -11.24 18.51 15.76
N MET C 104 -10.12 17.84 15.51
CA MET C 104 -9.19 18.24 14.44
C MET C 104 -9.74 17.99 13.03
N GLU C 105 -10.74 17.13 12.90
CA GLU C 105 -11.49 16.96 11.65
C GLU C 105 -12.59 18.01 11.44
N SER C 106 -13.03 18.67 12.52
CA SER C 106 -14.15 19.62 12.45
C SER C 106 -13.76 20.95 11.82
N GLY C 107 -14.78 21.75 11.48
CA GLY C 107 -14.60 23.12 11.01
C GLY C 107 -15.27 24.16 11.90
N GLY C 108 -15.28 23.90 13.21
CA GLY C 108 -15.89 24.83 14.18
C GLY C 108 -16.51 24.14 15.37
N ILE C 109 -16.67 24.89 16.46
CA ILE C 109 -17.38 24.44 17.66
C ILE C 109 -18.44 25.48 18.04
N SER C 110 -19.64 25.00 18.33
CA SER C 110 -20.71 25.80 18.96
C SER C 110 -21.01 25.21 20.33
N LYS C 111 -21.46 26.05 21.25
CA LYS C 111 -21.79 25.61 22.62
C LYS C 111 -23.27 25.84 22.90
N ILE C 112 -23.89 24.90 23.62
CA ILE C 112 -25.32 24.96 23.97
C ILE C 112 -25.46 24.67 25.46
N ASN C 113 -26.29 25.45 26.15
CA ASN C 113 -26.49 25.29 27.60
C ASN C 113 -27.23 23.99 27.90
N THR C 114 -26.79 23.27 28.93
CA THR C 114 -27.48 22.08 29.40
C THR C 114 -28.71 22.43 30.24
N GLY C 115 -28.68 23.61 30.86
CA GLY C 115 -29.74 24.04 31.79
C GLY C 115 -29.74 23.28 33.11
N PHE C 116 -28.62 22.67 33.46
CA PHE C 116 -28.50 21.88 34.69
C PHE C 116 -28.51 22.82 35.89
N THR C 117 -29.44 22.60 36.81
CA THR C 117 -29.51 23.36 38.06
C THR C 117 -29.56 22.40 39.24
N TYR C 118 -29.24 22.94 40.42
CA TYR C 118 -28.94 22.12 41.60
C TYR C 118 -29.59 22.72 42.85
N GLY C 119 -30.02 21.82 43.75
CA GLY C 119 -30.61 22.22 45.03
C GLY C 119 -29.63 22.90 45.96
N SER C 120 -30.17 23.62 46.95
CA SER C 120 -29.36 24.48 47.84
C SER C 120 -28.32 23.74 48.68
N SER C 121 -28.52 22.44 48.93
CA SER C 121 -27.53 21.61 49.63
C SER C 121 -26.28 21.28 48.79
N ILE C 122 -26.34 21.49 47.48
CA ILE C 122 -25.17 21.34 46.60
C ILE C 122 -24.48 22.69 46.38
N ASN C 123 -23.16 22.69 46.55
CA ASN C 123 -22.30 23.78 46.09
C ASN C 123 -21.78 23.37 44.70
N SER C 124 -22.20 24.11 43.66
CA SER C 124 -21.80 23.83 42.28
C SER C 124 -20.62 24.68 41.80
N ALA C 125 -20.02 25.46 42.70
CA ALA C 125 -18.94 26.39 42.34
C ALA C 125 -17.58 25.95 42.91
N GLY C 126 -17.31 24.65 42.90
CA GLY C 126 -16.02 24.12 43.35
C GLY C 126 -14.91 24.61 42.43
N THR C 127 -13.80 25.05 43.04
CA THR C 127 -12.64 25.56 42.30
C THR C 127 -11.35 24.95 42.83
N THR C 128 -10.25 25.21 42.13
CA THR C 128 -8.93 24.67 42.49
C THR C 128 -7.79 25.56 41.99
N LYS C 129 -6.69 25.57 42.73
CA LYS C 129 -5.48 26.32 42.34
C LYS C 129 -4.84 25.81 41.05
N ALA C 130 -5.09 24.55 40.70
CA ALA C 130 -4.63 23.96 39.43
C ALA C 130 -5.17 24.70 38.22
N CYS C 131 -6.47 24.99 38.24
CA CYS C 131 -7.15 25.70 37.16
C CYS C 131 -7.30 27.17 37.52
N MET C 132 -6.26 27.95 37.22
CA MET C 132 -6.24 29.38 37.54
C MET C 132 -6.82 30.22 36.41
N ARG C 133 -7.68 31.17 36.79
CA ARG C 133 -8.28 32.11 35.86
C ARG C 133 -8.40 33.46 36.58
N ASN C 134 -7.90 34.52 35.95
CA ASN C 134 -7.90 35.89 36.50
C ASN C 134 -7.19 35.99 37.88
N GLY C 135 -6.08 35.26 38.01
CA GLY C 135 -5.28 35.26 39.24
C GLY C 135 -5.88 34.57 40.46
N GLY C 136 -6.97 33.83 40.28
CA GLY C 136 -7.69 33.17 41.39
C GLY C 136 -8.06 31.74 41.05
N ASN C 137 -8.43 30.98 42.09
CA ASN C 137 -8.89 29.60 41.91
C ASN C 137 -10.14 29.54 41.04
N SER C 138 -10.17 28.58 40.12
CA SER C 138 -11.28 28.45 39.17
C SER C 138 -11.43 26.98 38.78
N PHE C 139 -12.15 26.73 37.68
CA PHE C 139 -12.39 25.37 37.20
C PHE C 139 -12.55 25.39 35.68
N TYR C 140 -12.66 24.20 35.09
CA TYR C 140 -13.01 24.06 33.68
C TYR C 140 -14.31 24.81 33.39
N ALA C 141 -14.28 25.73 32.42
CA ALA C 141 -15.39 26.67 32.16
C ALA C 141 -16.71 26.02 31.74
N GLU C 142 -16.65 24.90 31.02
CA GLU C 142 -17.87 24.23 30.54
C GLU C 142 -18.41 23.17 31.50
N LEU C 143 -17.78 23.03 32.68
CA LEU C 143 -18.17 22.03 33.67
C LEU C 143 -18.29 22.65 35.06
N LYS C 144 -18.89 21.89 35.97
CA LYS C 144 -19.04 22.31 37.36
C LYS C 144 -18.66 21.18 38.32
N TRP C 145 -17.75 21.49 39.24
CA TRP C 145 -17.41 20.58 40.33
C TRP C 145 -18.49 20.71 41.41
N LEU C 146 -19.34 19.69 41.49
CA LEU C 146 -20.44 19.67 42.46
C LEU C 146 -19.95 19.03 43.76
N VAL C 147 -20.09 19.76 44.86
CA VAL C 147 -19.74 19.26 46.20
C VAL C 147 -20.86 19.62 47.18
N SER C 148 -20.86 18.98 48.35
CA SER C 148 -21.86 19.29 49.38
C SER C 148 -21.63 20.69 49.96
N LYS C 149 -22.71 21.43 50.20
CA LYS C 149 -22.65 22.78 50.77
C LYS C 149 -21.97 22.75 52.14
N ASN C 150 -22.43 21.85 52.99
CA ASN C 150 -21.85 21.64 54.32
C ASN C 150 -20.85 20.49 54.27
N LYS C 151 -19.65 20.72 54.81
CA LYS C 151 -18.57 19.72 54.84
C LYS C 151 -18.99 18.47 55.61
N GLY C 152 -18.78 17.31 55.01
CA GLY C 152 -19.07 16.03 55.67
C GLY C 152 -20.43 15.43 55.37
N GLN C 153 -21.40 16.25 54.97
CA GLN C 153 -22.77 15.77 54.75
C GLN C 153 -22.92 15.02 53.43
N ASN C 154 -23.90 14.11 53.38
CA ASN C 154 -24.18 13.33 52.18
C ASN C 154 -24.73 14.23 51.06
N PHE C 155 -23.98 14.27 49.96
CA PHE C 155 -24.42 14.91 48.71
C PHE C 155 -25.74 14.26 48.30
N PRO C 156 -26.77 15.08 47.98
CA PRO C 156 -28.11 14.54 47.76
C PRO C 156 -28.24 13.80 46.43
N GLN C 157 -29.15 12.82 46.40
CA GLN C 157 -29.46 12.08 45.18
C GLN C 157 -30.08 13.04 44.17
N THR C 158 -29.42 13.21 43.03
CA THR C 158 -29.77 14.24 42.05
C THR C 158 -29.89 13.63 40.66
N THR C 159 -30.84 14.16 39.88
CA THR C 159 -31.05 13.76 38.49
C THR C 159 -31.00 15.01 37.62
N ASN C 160 -30.21 14.95 36.54
CA ASN C 160 -30.14 16.02 35.55
C ASN C 160 -30.32 15.38 34.16
N THR C 161 -31.06 16.08 33.30
CA THR C 161 -31.41 15.58 31.97
C THR C 161 -31.16 16.66 30.93
N TYR C 162 -30.31 16.36 29.95
CA TYR C 162 -30.11 17.23 28.79
C TYR C 162 -30.90 16.67 27.61
N ARG C 163 -31.73 17.52 27.00
CA ARG C 163 -32.41 17.17 25.75
C ARG C 163 -31.72 17.89 24.60
N ASN C 164 -31.38 17.13 23.56
CA ASN C 164 -30.90 17.71 22.32
C ASN C 164 -32.13 18.15 21.52
N ALA C 165 -32.43 19.45 21.58
CA ALA C 165 -33.52 20.06 20.81
C ALA C 165 -33.13 20.40 19.36
N ASP C 166 -31.86 20.19 19.00
CA ASP C 166 -31.29 20.56 17.70
C ASP C 166 -31.54 19.46 16.66
N THR C 167 -31.18 19.74 15.41
CA THR C 167 -31.26 18.78 14.31
C THR C 167 -29.94 18.02 14.06
N ALA C 168 -28.85 18.47 14.67
CA ALA C 168 -27.55 17.81 14.57
C ALA C 168 -27.13 17.22 15.93
N GLU C 169 -26.32 16.17 15.88
CA GLU C 169 -25.83 15.52 17.10
C GLU C 169 -24.95 16.48 17.93
N HIS C 170 -25.03 16.34 19.25
CA HIS C 170 -24.22 17.14 20.19
C HIS C 170 -23.25 16.27 20.97
N LEU C 171 -22.07 16.81 21.22
CA LEU C 171 -21.02 16.12 21.97
C LEU C 171 -21.07 16.59 23.43
N ILE C 172 -21.47 15.69 24.32
CA ILE C 172 -21.52 15.96 25.77
C ILE C 172 -20.34 15.30 26.48
N MET C 173 -19.69 16.07 27.35
CA MET C 173 -18.59 15.59 28.18
C MET C 173 -18.96 15.75 29.65
N TRP C 174 -18.43 14.86 30.47
CA TRP C 174 -18.56 14.99 31.92
C TRP C 174 -17.33 14.36 32.56
N GLY C 175 -17.05 14.74 33.80
CA GLY C 175 -15.93 14.20 34.56
C GLY C 175 -16.39 13.36 35.74
N ILE C 176 -15.51 12.48 36.21
CA ILE C 176 -15.72 11.73 37.45
C ILE C 176 -14.52 12.04 38.35
N HIS C 177 -14.78 12.53 39.55
CA HIS C 177 -13.73 12.86 40.51
C HIS C 177 -13.34 11.60 41.28
N HIS C 178 -12.06 11.28 41.25
CA HIS C 178 -11.49 10.16 42.00
C HIS C 178 -10.64 10.76 43.12
N PRO C 179 -11.19 10.86 44.36
CA PRO C 179 -10.47 11.54 45.43
C PRO C 179 -9.13 10.91 45.81
N SER C 180 -8.26 11.74 46.39
CA SER C 180 -6.94 11.30 46.88
C SER C 180 -7.04 10.39 48.10
N SER C 181 -7.88 10.79 49.06
CA SER C 181 -8.02 10.08 50.33
C SER C 181 -9.48 9.96 50.75
N THR C 182 -9.72 9.12 51.76
CA THR C 182 -11.06 8.94 52.34
C THR C 182 -11.52 10.20 53.06
N GLN C 183 -10.58 10.95 53.64
CA GLN C 183 -10.87 12.24 54.25
C GLN C 183 -11.47 13.21 53.24
N GLU C 184 -10.81 13.34 52.08
CA GLU C 184 -11.29 14.23 51.00
C GLU C 184 -12.65 13.78 50.45
N LYS C 185 -12.80 12.47 50.24
CA LYS C 185 -14.04 11.89 49.75
C LYS C 185 -15.23 12.22 50.66
N ASN C 186 -15.04 12.03 51.97
CA ASN C 186 -16.10 12.27 52.96
C ASN C 186 -16.42 13.76 53.14
N ASP C 187 -15.39 14.60 53.13
CA ASP C 187 -15.58 16.07 53.21
C ASP C 187 -16.42 16.63 52.05
N LEU C 188 -16.23 16.10 50.85
CA LEU C 188 -16.90 16.62 49.64
C LEU C 188 -18.27 16.00 49.38
N TYR C 189 -18.37 14.68 49.50
CA TYR C 189 -19.56 13.92 49.11
C TYR C 189 -20.26 13.15 50.23
N GLY C 190 -19.72 13.20 51.45
CA GLY C 190 -20.24 12.44 52.59
C GLY C 190 -19.76 11.00 52.66
N THR C 191 -20.19 10.30 53.72
CA THR C 191 -19.76 8.93 54.00
C THR C 191 -20.49 7.84 53.18
N GLN C 192 -21.57 8.22 52.51
CA GLN C 192 -22.39 7.27 51.73
C GLN C 192 -21.66 6.58 50.59
N SER C 193 -22.29 5.52 50.07
CA SER C 193 -21.82 4.84 48.87
C SER C 193 -22.13 5.71 47.64
N LEU C 194 -21.09 6.14 46.93
CA LEU C 194 -21.24 7.01 45.77
C LEU C 194 -21.46 6.21 44.48
N SER C 195 -22.33 6.73 43.61
CA SER C 195 -22.66 6.07 42.34
C SER C 195 -23.13 7.11 41.32
N ILE C 196 -22.70 6.93 40.06
CA ILE C 196 -23.03 7.86 38.98
C ILE C 196 -23.42 7.05 37.74
N SER C 197 -24.67 7.17 37.30
CA SER C 197 -25.15 6.51 36.08
C SER C 197 -25.53 7.53 35.00
N VAL C 198 -25.23 7.19 33.75
CA VAL C 198 -25.52 8.05 32.59
C VAL C 198 -26.25 7.20 31.55
N GLY C 199 -27.38 7.70 31.05
CA GLY C 199 -28.26 6.94 30.16
C GLY C 199 -29.00 7.76 29.11
N SER C 200 -28.77 7.41 27.85
CA SER C 200 -29.53 7.95 26.70
C SER C 200 -30.08 6.78 25.87
N SER C 201 -30.57 7.06 24.65
CA SER C 201 -31.06 6.02 23.74
C SER C 201 -29.94 5.18 23.11
N THR C 202 -28.76 5.78 22.98
CA THR C 202 -27.62 5.15 22.29
C THR C 202 -26.40 4.91 23.20
N TYR C 203 -26.49 5.28 24.47
CA TYR C 203 -25.37 5.20 25.39
C TYR C 203 -25.86 4.83 26.79
N LYS C 204 -25.06 4.02 27.48
CA LYS C 204 -25.34 3.58 28.84
C LYS C 204 -24.04 3.31 29.55
N ASN C 205 -23.87 3.87 30.74
CA ASN C 205 -22.71 3.58 31.57
C ASN C 205 -22.96 3.96 33.03
N SER C 206 -22.16 3.39 33.92
CA SER C 206 -22.14 3.76 35.33
C SER C 206 -20.69 3.90 35.80
N PHE C 207 -20.51 4.71 36.84
CA PHE C 207 -19.19 5.08 37.36
C PHE C 207 -19.23 5.13 38.88
N VAL C 208 -18.11 4.76 39.50
CA VAL C 208 -17.94 4.87 40.95
C VAL C 208 -16.64 5.63 41.20
N PRO C 209 -16.67 6.68 42.04
CA PRO C 209 -15.44 7.32 42.49
C PRO C 209 -14.53 6.34 43.25
N VAL C 210 -13.22 6.45 43.02
CA VAL C 210 -12.24 5.50 43.54
C VAL C 210 -11.23 6.26 44.39
N VAL C 211 -11.20 5.94 45.69
CA VAL C 211 -10.19 6.47 46.60
C VAL C 211 -8.95 5.57 46.52
N GLY C 212 -7.78 6.19 46.42
CA GLY C 212 -6.52 5.46 46.33
C GLY C 212 -5.32 6.39 46.30
N ALA C 213 -4.19 5.93 46.85
CA ALA C 213 -2.99 6.76 46.98
C ALA C 213 -2.28 6.88 45.63
N ARG C 214 -1.84 8.10 45.29
CA ARG C 214 -1.18 8.40 44.02
C ARG C 214 -0.14 9.50 44.21
N PRO C 215 0.89 9.53 43.34
CA PRO C 215 1.82 10.67 43.39
C PRO C 215 1.19 11.99 42.91
N GLN C 216 1.81 13.09 43.30
CA GLN C 216 1.26 14.41 43.08
C GLN C 216 1.68 14.96 41.71
N VAL C 217 0.70 15.45 40.95
CA VAL C 217 0.93 16.09 39.66
C VAL C 217 0.55 17.57 39.79
N ASN C 218 1.56 18.44 39.67
CA ASN C 218 1.42 19.88 39.95
C ASN C 218 0.88 20.14 41.37
N GLY C 219 1.32 19.31 42.32
CA GLY C 219 0.88 19.39 43.72
C GLY C 219 -0.28 18.51 44.15
N LEU C 220 -1.06 18.00 43.19
CA LEU C 220 -2.32 17.30 43.49
C LEU C 220 -2.26 15.80 43.16
N SER C 221 -2.76 14.98 44.09
CA SER C 221 -2.82 13.52 43.93
C SER C 221 -4.19 13.00 43.48
N GLY C 222 -5.25 13.79 43.67
CA GLY C 222 -6.58 13.45 43.15
C GLY C 222 -6.64 13.47 41.62
N ARG C 223 -7.73 12.92 41.06
CA ARG C 223 -7.88 12.81 39.61
C ARG C 223 -9.30 13.10 39.15
N ILE C 224 -9.43 13.77 38.02
CA ILE C 224 -10.72 13.95 37.32
C ILE C 224 -10.60 13.31 35.94
N ASP C 225 -11.28 12.17 35.76
CA ASP C 225 -11.33 11.48 34.47
C ASP C 225 -12.55 11.93 33.68
N PHE C 226 -12.35 12.26 32.41
CA PHE C 226 -13.42 12.69 31.52
C PHE C 226 -13.94 11.56 30.62
N HIS C 227 -15.25 11.55 30.42
CA HIS C 227 -15.93 10.63 29.51
C HIS C 227 -16.80 11.45 28.57
N TRP C 228 -17.15 10.88 27.43
CA TRP C 228 -17.94 11.59 26.44
C TRP C 228 -18.80 10.66 25.58
N THR C 229 -19.87 11.23 25.04
CA THR C 229 -20.73 10.55 24.09
C THR C 229 -21.43 11.57 23.16
N LEU C 230 -22.05 11.07 22.10
CA LEU C 230 -22.79 11.90 21.17
C LEU C 230 -24.28 11.74 21.43
N VAL C 231 -24.97 12.84 21.69
CA VAL C 231 -26.41 12.84 21.92
C VAL C 231 -27.07 13.12 20.57
N GLN C 232 -27.87 12.17 20.09
CA GLN C 232 -28.51 12.30 18.78
C GLN C 232 -29.64 13.34 18.80
N PRO C 233 -29.99 13.90 17.62
CA PRO C 233 -31.08 14.89 17.56
C PRO C 233 -32.38 14.36 18.14
N GLY C 234 -32.99 15.12 19.04
CA GLY C 234 -34.25 14.72 19.68
C GLY C 234 -34.15 13.73 20.84
N ASP C 235 -32.95 13.23 21.12
CA ASP C 235 -32.73 12.30 22.22
C ASP C 235 -32.40 13.08 23.49
N LYS C 236 -32.57 12.43 24.63
CA LYS C 236 -32.14 12.99 25.91
C LYS C 236 -31.12 12.08 26.60
N ILE C 237 -30.32 12.67 27.47
CA ILE C 237 -29.31 11.95 28.26
C ILE C 237 -29.50 12.31 29.75
N ILE C 238 -29.67 11.27 30.58
CA ILE C 238 -30.05 11.42 31.98
C ILE C 238 -28.87 11.03 32.88
N PHE C 239 -28.44 11.98 33.72
CA PHE C 239 -27.41 11.76 34.73
C PHE C 239 -28.07 11.58 36.10
N SER C 240 -27.82 10.44 36.74
CA SER C 240 -28.24 10.20 38.12
C SER C 240 -26.99 10.06 38.99
N HIS C 241 -26.88 10.87 40.04
CA HIS C 241 -25.64 10.96 40.81
C HIS C 241 -25.86 11.41 42.25
N ASN C 242 -24.98 10.96 43.14
CA ASN C 242 -25.00 11.34 44.56
C ASN C 242 -23.61 11.74 45.09
N GLY C 243 -22.78 12.32 44.22
CA GLY C 243 -21.42 12.75 44.57
C GLY C 243 -20.38 12.13 43.66
N GLY C 244 -19.47 12.95 43.14
CA GLY C 244 -18.39 12.50 42.25
C GLY C 244 -18.49 13.00 40.82
N LEU C 245 -19.69 13.38 40.38
CA LEU C 245 -19.89 13.90 39.02
C LEU C 245 -19.36 15.32 38.87
N ILE C 246 -18.61 15.52 37.79
CA ILE C 246 -18.23 16.84 37.33
C ILE C 246 -19.14 17.07 36.12
N ALA C 247 -20.17 17.90 36.33
CA ALA C 247 -21.32 17.97 35.43
C ALA C 247 -21.18 19.06 34.39
N PRO C 248 -21.67 18.83 33.16
CA PRO C 248 -21.56 19.84 32.12
C PRO C 248 -22.58 20.97 32.28
N SER C 249 -22.11 22.21 32.16
CA SER C 249 -22.98 23.37 32.07
C SER C 249 -23.33 23.66 30.60
N ARG C 250 -22.45 23.25 29.68
CA ARG C 250 -22.73 23.29 28.24
C ARG C 250 -22.27 22.02 27.52
N VAL C 251 -22.94 21.72 26.40
CA VAL C 251 -22.50 20.68 25.45
C VAL C 251 -21.89 21.36 24.22
N SER C 252 -21.19 20.58 23.41
CA SER C 252 -20.56 21.09 22.19
C SER C 252 -21.26 20.55 20.95
N LYS C 253 -21.19 21.33 19.87
CA LYS C 253 -21.61 20.88 18.55
C LYS C 253 -20.46 21.12 17.58
N LEU C 254 -19.92 20.05 17.00
CA LEU C 254 -18.88 20.14 15.99
C LEU C 254 -19.51 20.48 14.64
N ILE C 255 -18.92 21.46 13.94
CA ILE C 255 -19.51 22.07 12.74
C ILE C 255 -18.65 21.77 11.52
N GLY C 256 -19.20 21.03 10.56
CA GLY C 256 -18.56 20.84 9.26
C GLY C 256 -17.23 20.12 9.32
N ARG C 257 -16.35 20.44 8.36
CA ARG C 257 -15.04 19.81 8.27
C ARG C 257 -13.93 20.84 8.09
N GLY C 258 -12.74 20.48 8.55
CA GLY C 258 -11.55 21.31 8.41
C GLY C 258 -10.31 20.44 8.48
N LEU C 259 -9.16 21.02 8.10
CA LEU C 259 -7.88 20.29 8.11
C LEU C 259 -7.16 20.47 9.45
N GLY C 260 -6.90 19.36 10.14
CA GLY C 260 -6.12 19.38 11.38
C GLY C 260 -4.63 19.33 11.09
N ILE C 261 -3.87 20.25 11.70
CA ILE C 261 -2.42 20.33 11.51
C ILE C 261 -1.72 20.30 12.86
N GLN C 262 -0.72 19.44 13.00
CA GLN C 262 0.18 19.39 14.15
C GLN C 262 1.57 19.85 13.69
N SER C 263 2.03 20.98 14.22
CA SER C 263 3.30 21.58 13.81
C SER C 263 3.79 22.61 14.83
N GLU C 264 5.08 22.92 14.73
CA GLU C 264 5.74 23.93 15.59
C GLU C 264 6.09 25.22 14.84
N ALA C 265 5.84 25.27 13.52
CA ALA C 265 6.22 26.41 12.69
C ALA C 265 5.26 27.60 12.87
N PRO C 266 5.77 28.84 12.71
CA PRO C 266 4.92 30.03 12.89
C PRO C 266 4.04 30.32 11.66
N ILE C 267 2.89 30.95 11.90
CA ILE C 267 1.92 31.27 10.82
C ILE C 267 2.48 32.32 9.85
N ASP C 268 2.08 32.21 8.59
CA ASP C 268 2.39 33.20 7.56
C ASP C 268 1.18 33.37 6.65
N ASN C 269 0.60 34.57 6.64
CA ASN C 269 -0.57 34.89 5.80
C ASN C 269 -0.21 35.44 4.41
N SER C 270 1.09 35.55 4.10
CA SER C 270 1.56 36.04 2.79
C SER C 270 1.73 34.96 1.71
N CYS C 271 1.36 33.71 2.02
CA CYS C 271 1.53 32.59 1.09
C CYS C 271 0.48 31.50 1.31
N GLU C 272 0.09 30.84 0.21
CA GLU C 272 -0.92 29.78 0.22
C GLU C 272 -0.27 28.43 -0.01
N SER C 273 -0.71 27.42 0.74
CA SER C 273 -0.17 26.05 0.62
C SER C 273 -1.26 25.00 0.83
N LYS C 274 -1.10 23.87 0.15
CA LYS C 274 -2.02 22.74 0.26
C LYS C 274 -1.43 21.54 1.00
N CYS C 275 -0.16 21.62 1.42
CA CYS C 275 0.53 20.50 2.07
C CYS C 275 1.33 20.96 3.28
N PHE C 276 1.09 20.30 4.42
CA PHE C 276 1.72 20.68 5.67
C PHE C 276 2.33 19.47 6.39
N TRP C 277 3.33 19.74 7.21
CA TRP C 277 3.98 18.73 8.05
C TRP C 277 4.53 19.40 9.32
N ARG C 278 5.16 18.61 10.19
CA ARG C 278 5.70 19.09 11.48
C ARG C 278 6.59 20.33 11.32
N GLY C 279 7.56 20.24 10.43
CA GLY C 279 8.51 21.32 10.14
C GLY C 279 7.96 22.57 9.44
N GLY C 280 6.86 22.44 8.69
CA GLY C 280 6.26 23.60 8.01
C GLY C 280 5.35 23.27 6.84
N SER C 281 5.63 23.90 5.69
CA SER C 281 4.80 23.78 4.48
C SER C 281 5.60 23.35 3.26
N ILE C 282 4.91 22.70 2.32
CA ILE C 282 5.51 22.21 1.08
C ILE C 282 4.73 22.84 -0.08
N ASN C 283 5.36 23.79 -0.78
CA ASN C 283 4.73 24.55 -1.88
C ASN C 283 5.19 24.11 -3.27
N THR C 284 5.72 22.89 -3.37
CA THR C 284 6.34 22.41 -4.61
C THR C 284 5.33 21.98 -5.68
N ARG C 285 5.77 22.06 -6.94
CA ARG C 285 5.04 21.47 -8.06
C ARG C 285 5.48 20.02 -8.35
N LEU C 286 6.54 19.56 -7.69
CA LEU C 286 7.15 18.27 -7.98
C LEU C 286 6.31 17.10 -7.45
N PRO C 287 6.38 15.93 -8.11
CA PRO C 287 5.55 14.77 -7.73
C PRO C 287 5.96 14.08 -6.43
N PHE C 288 7.25 14.16 -6.06
CA PHE C 288 7.79 13.48 -4.88
C PHE C 288 8.45 14.46 -3.91
N GLN C 289 8.62 14.01 -2.66
CA GLN C 289 9.32 14.78 -1.63
C GLN C 289 10.04 13.85 -0.66
N ASN C 290 11.11 14.33 -0.03
CA ASN C 290 11.89 13.54 0.94
C ASN C 290 12.00 14.22 2.32
N LEU C 291 11.05 15.08 2.64
CA LEU C 291 11.06 15.81 3.91
C LEU C 291 10.52 14.96 5.06
N SER C 292 9.37 14.31 4.84
CA SER C 292 8.74 13.49 5.88
C SER C 292 7.66 12.56 5.32
N PRO C 293 7.55 11.33 5.87
CA PRO C 293 6.42 10.47 5.52
C PRO C 293 5.10 10.94 6.15
N ARG C 294 5.17 11.68 7.25
CA ARG C 294 3.99 12.25 7.90
C ARG C 294 3.67 13.63 7.33
N THR C 295 2.68 13.68 6.43
CA THR C 295 2.18 14.93 5.86
C THR C 295 0.66 14.90 5.82
N VAL C 296 0.06 16.09 5.72
CA VAL C 296 -1.40 16.25 5.62
C VAL C 296 -1.79 17.23 4.51
N GLY C 297 -2.93 16.97 3.87
CA GLY C 297 -3.45 17.77 2.76
C GLY C 297 -3.22 17.12 1.41
N GLN C 298 -3.06 17.94 0.37
CA GLN C 298 -2.75 17.49 -1.00
C GLN C 298 -1.24 17.57 -1.23
N CYS C 299 -0.56 16.44 -1.09
CA CYS C 299 0.89 16.40 -0.97
C CYS C 299 1.58 15.57 -2.04
N PRO C 300 2.84 15.90 -2.38
CA PRO C 300 3.68 14.98 -3.15
C PRO C 300 4.01 13.74 -2.32
N LYS C 301 4.27 12.63 -2.99
CA LYS C 301 4.50 11.35 -2.31
C LYS C 301 5.89 11.29 -1.69
N TYR C 302 5.98 10.71 -0.49
CA TYR C 302 7.25 10.56 0.19
C TYR C 302 8.08 9.44 -0.43
N VAL C 303 9.36 9.70 -0.67
CA VAL C 303 10.30 8.72 -1.20
C VAL C 303 11.61 8.76 -0.43
N ASN C 304 12.26 7.60 -0.28
CA ASN C 304 13.59 7.49 0.34
C ASN C 304 14.67 7.76 -0.71
N LYS C 305 14.75 9.01 -1.17
CA LYS C 305 15.71 9.43 -2.19
C LYS C 305 16.13 10.87 -1.92
N LYS C 306 17.44 11.14 -2.00
CA LYS C 306 17.96 12.50 -1.92
C LYS C 306 17.59 13.28 -3.19
N SER C 307 17.72 12.63 -4.35
CA SER C 307 17.50 13.28 -5.64
C SER C 307 17.17 12.27 -6.75
N LEU C 308 16.25 12.66 -7.65
CA LEU C 308 15.98 11.91 -8.89
C LEU C 308 15.86 12.90 -10.05
N MET C 309 16.94 13.01 -10.84
CA MET C 309 17.00 13.97 -11.93
C MET C 309 16.38 13.43 -13.22
N LEU C 310 15.35 14.14 -13.71
CA LEU C 310 14.68 13.81 -14.96
C LEU C 310 15.37 14.53 -16.11
N ALA C 311 15.77 13.80 -17.13
CA ALA C 311 16.46 14.36 -18.29
C ALA C 311 15.50 15.21 -19.11
N THR C 312 15.93 16.42 -19.47
CA THR C 312 15.17 17.32 -20.34
C THR C 312 16.00 17.68 -21.57
N GLY C 313 16.82 16.73 -22.01
CA GLY C 313 17.71 16.95 -23.13
C GLY C 313 18.41 15.67 -23.58
N MET C 314 19.11 15.78 -24.71
CA MET C 314 19.89 14.67 -25.28
C MET C 314 21.17 14.36 -24.49
N ARG C 315 21.86 13.29 -24.88
CA ARG C 315 23.21 13.00 -24.39
C ARG C 315 24.14 14.17 -24.67
N ASN C 316 24.92 14.58 -23.67
CA ASN C 316 25.90 15.64 -23.84
C ASN C 316 27.23 15.03 -24.27
N VAL C 317 27.67 15.38 -25.48
CA VAL C 317 28.94 14.90 -26.03
C VAL C 317 29.78 16.13 -26.37
N PRO C 318 30.53 16.66 -25.37
CA PRO C 318 31.25 17.92 -25.58
C PRO C 318 32.47 17.81 -26.49
N GLU C 319 33.00 18.98 -26.87
CA GLU C 319 34.16 19.07 -27.77
C GLU C 319 35.46 19.14 -26.97
N GLY D 1 24.17 4.52 -29.16
CA GLY D 1 22.74 4.52 -28.71
C GLY D 1 21.82 3.82 -29.69
N LEU D 2 20.54 3.75 -29.33
CA LEU D 2 19.54 2.98 -30.11
C LEU D 2 19.51 3.29 -31.61
N PHE D 3 19.58 4.57 -31.95
CA PHE D 3 19.51 5.01 -33.35
C PHE D 3 20.84 5.41 -33.97
N GLY D 4 21.92 5.32 -33.19
CA GLY D 4 23.28 5.31 -33.71
C GLY D 4 23.87 6.63 -34.16
N ALA D 5 23.17 7.75 -33.95
CA ALA D 5 23.63 9.06 -34.41
C ALA D 5 24.31 9.84 -33.26
N ILE D 6 23.53 10.19 -32.24
CA ILE D 6 24.05 10.96 -31.09
C ILE D 6 24.90 10.02 -30.23
N ALA D 7 26.14 10.43 -29.96
CA ALA D 7 27.17 9.56 -29.37
C ALA D 7 27.36 8.27 -30.18
N GLY D 8 27.24 8.40 -31.50
CA GLY D 8 27.35 7.29 -32.44
C GLY D 8 28.19 7.73 -33.62
N PHE D 9 27.60 7.69 -34.83
CA PHE D 9 28.34 8.12 -36.04
C PHE D 9 28.63 9.63 -36.10
N ILE D 10 27.82 10.44 -35.42
CA ILE D 10 28.17 11.85 -35.20
C ILE D 10 29.09 11.87 -33.98
N GLU D 11 30.33 12.31 -34.20
CA GLU D 11 31.41 12.15 -33.22
C GLU D 11 31.15 12.91 -31.93
N ASN D 12 30.64 14.13 -32.05
CA ASN D 12 30.31 14.95 -30.89
C ASN D 12 29.32 16.04 -31.23
N GLY D 13 28.85 16.75 -30.20
CA GLY D 13 27.95 17.89 -30.37
C GLY D 13 28.69 19.18 -30.64
N TRP D 14 27.93 20.23 -30.95
CA TRP D 14 28.46 21.56 -31.23
C TRP D 14 28.06 22.53 -30.12
N GLU D 15 29.03 22.94 -29.30
CA GLU D 15 28.79 23.91 -28.23
C GLU D 15 28.41 25.31 -28.76
N GLY D 16 28.91 25.64 -29.95
CA GLY D 16 28.58 26.91 -30.62
C GLY D 16 27.13 27.10 -31.01
N MET D 17 26.44 26.01 -31.35
CA MET D 17 25.03 26.08 -31.76
C MET D 17 24.10 26.29 -30.54
N VAL D 18 23.87 27.56 -30.23
CA VAL D 18 23.00 27.96 -29.12
C VAL D 18 21.56 28.32 -29.53
N ASP D 19 21.29 28.33 -30.84
CA ASP D 19 19.94 28.68 -31.36
C ASP D 19 19.13 27.47 -31.83
N GLY D 20 19.45 26.28 -31.34
CA GLY D 20 18.74 25.06 -31.72
C GLY D 20 19.41 23.80 -31.25
N TRP D 21 18.67 22.70 -31.32
CA TRP D 21 19.11 21.40 -30.81
C TRP D 21 19.82 20.60 -31.90
N TYR D 22 19.32 20.69 -33.13
CA TYR D 22 19.92 20.05 -34.29
C TYR D 22 20.12 21.09 -35.38
N GLY D 23 21.04 20.84 -36.29
CA GLY D 23 21.31 21.79 -37.37
C GLY D 23 22.29 21.33 -38.43
N PHE D 24 22.70 22.29 -39.26
CA PHE D 24 23.56 22.06 -40.40
C PHE D 24 24.81 22.93 -40.28
N ARG D 25 25.96 22.35 -40.64
CA ARG D 25 27.18 23.11 -40.90
C ARG D 25 27.60 22.78 -42.33
N HIS D 26 27.91 23.79 -43.14
CA HIS D 26 28.25 23.57 -44.55
C HIS D 26 29.57 24.21 -44.95
N GLN D 27 30.04 23.80 -46.13
CA GLN D 27 31.24 24.37 -46.75
C GLN D 27 31.02 24.44 -48.26
N ASN D 28 31.07 25.66 -48.81
CA ASN D 28 31.00 25.90 -50.27
C ASN D 28 31.99 27.00 -50.64
N ALA D 29 32.05 27.35 -51.93
CA ALA D 29 32.97 28.40 -52.41
C ALA D 29 32.87 29.73 -51.64
N GLN D 30 31.65 30.12 -51.29
CA GLN D 30 31.41 31.40 -50.59
C GLN D 30 31.91 31.41 -49.14
N GLY D 31 31.97 30.24 -48.52
CA GLY D 31 32.50 30.09 -47.17
C GLY D 31 31.85 28.96 -46.41
N THR D 32 31.78 29.10 -45.09
CA THR D 32 31.09 28.15 -44.21
C THR D 32 29.99 28.87 -43.44
N GLY D 33 29.06 28.10 -42.89
CA GLY D 33 27.96 28.64 -42.12
C GLY D 33 27.36 27.62 -41.17
N GLN D 34 26.50 28.11 -40.29
CA GLN D 34 25.78 27.28 -39.33
C GLN D 34 24.34 27.73 -39.26
N ALA D 35 23.42 26.77 -39.24
CA ALA D 35 21.99 27.04 -39.17
C ALA D 35 21.27 25.90 -38.44
N ALA D 36 20.52 26.24 -37.41
CA ALA D 36 19.68 25.27 -36.70
C ALA D 36 18.48 24.88 -37.56
N ASP D 37 17.96 23.68 -37.32
CA ASP D 37 16.73 23.20 -37.95
C ASP D 37 15.60 23.33 -36.93
N TYR D 38 14.57 24.08 -37.30
CA TYR D 38 13.46 24.36 -36.40
C TYR D 38 12.57 23.14 -36.14
N LYS D 39 12.20 22.43 -37.20
CA LYS D 39 11.21 21.34 -37.11
C LYS D 39 11.69 20.17 -36.24
N SER D 40 12.95 19.78 -36.40
CA SER D 40 13.54 18.70 -35.60
C SER D 40 13.73 19.14 -34.14
N THR D 41 14.27 20.34 -33.95
CA THR D 41 14.42 20.94 -32.61
C THR D 41 13.09 21.00 -31.87
N GLN D 42 12.06 21.50 -32.55
CA GLN D 42 10.72 21.63 -31.98
C GLN D 42 10.09 20.27 -31.66
N ALA D 43 10.30 19.30 -32.56
CA ALA D 43 9.79 17.94 -32.34
C ALA D 43 10.33 17.31 -31.05
N ALA D 44 11.62 17.54 -30.78
CA ALA D 44 12.27 17.05 -29.57
C ALA D 44 11.81 17.81 -28.31
N ILE D 45 11.73 19.14 -28.41
CA ILE D 45 11.28 19.98 -27.29
C ILE D 45 9.82 19.67 -26.90
N ASP D 46 8.95 19.56 -27.90
CA ASP D 46 7.53 19.26 -27.69
C ASP D 46 7.30 17.95 -26.96
N GLN D 47 8.05 16.91 -27.34
CA GLN D 47 7.95 15.61 -26.69
C GLN D 47 8.42 15.64 -25.22
N ILE D 48 9.49 16.39 -24.96
CA ILE D 48 10.01 16.58 -23.60
C ILE D 48 9.05 17.42 -22.74
N THR D 49 8.47 18.46 -23.33
CA THR D 49 7.44 19.26 -22.66
C THR D 49 6.22 18.41 -22.30
N GLY D 50 5.83 17.51 -23.20
CA GLY D 50 4.77 16.54 -22.95
C GLY D 50 5.03 15.65 -21.75
N LYS D 51 6.27 15.18 -21.60
CA LYS D 51 6.68 14.39 -20.43
C LYS D 51 6.59 15.19 -19.14
N LEU D 52 7.11 16.42 -19.17
CA LEU D 52 7.11 17.29 -18.00
C LEU D 52 5.71 17.61 -17.50
N ASN D 53 4.79 17.86 -18.42
CA ASN D 53 3.38 18.11 -18.08
C ASN D 53 2.71 16.92 -17.40
N ARG D 54 3.07 15.70 -17.82
CA ARG D 54 2.54 14.48 -17.21
C ARG D 54 3.22 14.12 -15.89
N ILE D 55 4.53 14.40 -15.77
CA ILE D 55 5.34 13.95 -14.61
C ILE D 55 5.38 14.98 -13.47
N ILE D 56 5.59 16.25 -13.80
CA ILE D 56 5.65 17.32 -12.79
C ILE D 56 4.22 17.63 -12.35
N LYS D 57 3.70 16.80 -11.44
CA LYS D 57 2.30 16.79 -11.05
C LYS D 57 2.08 15.92 -9.80
N LYS D 58 1.17 16.34 -8.92
CA LYS D 58 0.78 15.55 -7.74
C LYS D 58 -0.70 15.21 -7.81
N THR D 59 -1.11 14.18 -7.06
CA THR D 59 -2.52 13.78 -7.00
C THR D 59 -3.34 14.81 -6.21
N ASN D 60 -4.63 14.85 -6.49
CA ASN D 60 -5.57 15.73 -5.78
C ASN D 60 -6.17 15.09 -4.51
N THR D 61 -5.75 13.87 -4.16
CA THR D 61 -6.25 13.18 -2.96
C THR D 61 -5.85 13.93 -1.69
N GLU D 62 -6.84 14.21 -0.83
CA GLU D 62 -6.61 14.89 0.44
C GLU D 62 -6.43 13.84 1.54
N PHE D 63 -5.26 13.84 2.17
CA PHE D 63 -4.95 12.92 3.27
C PHE D 63 -4.99 13.69 4.59
N GLU D 64 -5.45 13.01 5.64
CA GLU D 64 -5.43 13.54 7.01
C GLU D 64 -4.57 12.66 7.89
N SER D 65 -4.29 13.14 9.10
CA SER D 65 -3.32 12.50 9.99
C SER D 65 -3.84 11.19 10.59
N ILE D 66 -3.00 10.17 10.55
CA ILE D 66 -3.20 8.91 11.30
C ILE D 66 -2.06 8.62 12.31
N GLU D 67 -1.07 9.52 12.41
CA GLU D 67 0.02 9.42 13.37
C GLU D 67 0.12 10.74 14.14
N SER D 68 -0.13 10.69 15.45
CA SER D 68 -0.05 11.87 16.30
C SER D 68 1.41 12.31 16.49
N GLU D 69 1.71 13.54 16.09
CA GLU D 69 3.04 14.15 16.27
C GLU D 69 3.40 14.35 17.74
N PHE D 70 2.47 14.89 18.52
CA PHE D 70 2.71 15.27 19.92
C PHE D 70 2.14 14.31 20.97
N SER D 71 1.84 13.07 20.58
CA SER D 71 1.27 12.08 21.49
C SER D 71 1.57 10.65 21.03
N GLU D 72 1.53 9.71 21.98
CA GLU D 72 1.80 8.29 21.70
C GLU D 72 0.61 7.63 21.03
N ILE D 73 0.88 6.81 20.01
CA ILE D 73 -0.14 5.99 19.35
C ILE D 73 -0.34 4.70 20.11
N ASP D 74 -1.46 4.00 19.85
CA ASP D 74 -1.70 2.67 20.42
C ASP D 74 -0.68 1.69 19.86
N HIS D 75 -0.25 0.74 20.68
CA HIS D 75 0.88 -0.16 20.36
C HIS D 75 0.60 -1.05 19.15
N GLN D 76 -0.53 -1.77 19.19
CA GLN D 76 -0.91 -2.70 18.12
C GLN D 76 -1.16 -1.99 16.79
N ILE D 77 -1.99 -0.94 16.82
CA ILE D 77 -2.31 -0.15 15.62
C ILE D 77 -1.10 0.64 15.09
N GLY D 78 -0.25 1.13 16.01
CA GLY D 78 0.97 1.85 15.65
C GLY D 78 1.97 1.03 14.84
N ASN D 79 2.08 -0.26 15.15
CA ASN D 79 2.94 -1.17 14.38
C ASN D 79 2.37 -1.43 12.98
N VAL D 80 1.04 -1.53 12.88
CA VAL D 80 0.37 -1.69 11.59
C VAL D 80 0.55 -0.45 10.71
N ILE D 81 0.44 0.74 11.31
CA ILE D 81 0.64 2.00 10.59
C ILE D 81 2.08 2.13 10.08
N ASN D 82 3.05 1.83 10.95
CA ASN D 82 4.47 1.83 10.55
C ASN D 82 4.79 0.83 9.44
N TRP D 83 4.19 -0.36 9.50
CA TRP D 83 4.38 -1.37 8.46
C TRP D 83 3.77 -0.93 7.12
N THR D 84 2.57 -0.33 7.19
CA THR D 84 1.85 0.12 6.00
C THR D 84 2.57 1.30 5.34
N LYS D 85 2.91 2.32 6.12
CA LYS D 85 3.62 3.50 5.60
C LYS D 85 4.98 3.16 4.97
N ASP D 86 5.73 2.28 5.62
CA ASP D 86 7.01 1.81 5.05
C ASP D 86 6.83 0.98 3.79
N SER D 87 5.79 0.14 3.75
CA SER D 87 5.44 -0.60 2.55
C SER D 87 5.06 0.33 1.40
N ILE D 88 4.25 1.35 1.70
CA ILE D 88 3.84 2.36 0.73
C ILE D 88 5.03 3.19 0.24
N THR D 89 5.89 3.62 1.18
CA THR D 89 7.12 4.36 0.83
C THR D 89 8.08 3.54 -0.03
N ASP D 90 8.21 2.24 0.24
CA ASP D 90 9.00 1.35 -0.62
C ASP D 90 8.43 1.30 -2.04
N ILE D 91 7.11 1.25 -2.16
CA ILE D 91 6.43 1.23 -3.46
C ILE D 91 6.68 2.53 -4.24
N TRP D 92 6.50 3.68 -3.60
CA TRP D 92 6.67 4.99 -4.27
C TRP D 92 8.12 5.29 -4.61
N THR D 93 9.04 4.91 -3.73
CA THR D 93 10.48 5.03 -4.00
C THR D 93 10.85 4.22 -5.23
N TYR D 94 10.38 2.97 -5.28
CA TYR D 94 10.61 2.09 -6.42
C TYR D 94 10.02 2.62 -7.72
N GLN D 95 8.76 3.05 -7.64
CA GLN D 95 8.05 3.55 -8.83
C GLN D 95 8.70 4.83 -9.37
N ALA D 96 9.09 5.73 -8.47
CA ALA D 96 9.79 6.95 -8.85
C ALA D 96 11.13 6.64 -9.53
N GLU D 97 11.89 5.73 -8.94
CA GLU D 97 13.17 5.29 -9.52
C GLU D 97 13.01 4.69 -10.91
N LEU D 98 11.99 3.84 -11.08
CA LEU D 98 11.71 3.22 -12.38
C LEU D 98 11.19 4.22 -13.41
N LEU D 99 10.26 5.08 -12.97
CA LEU D 99 9.71 6.15 -13.82
C LEU D 99 10.82 6.95 -14.47
N VAL D 100 11.67 7.55 -13.64
CA VAL D 100 12.68 8.49 -14.10
C VAL D 100 13.74 7.78 -14.96
N ALA D 101 14.14 6.57 -14.56
CA ALA D 101 15.08 5.75 -15.35
C ALA D 101 14.52 5.41 -16.73
N MET D 102 13.27 4.92 -16.75
CA MET D 102 12.57 4.61 -18.01
C MET D 102 12.42 5.85 -18.90
N GLU D 103 11.97 6.95 -18.30
CA GLU D 103 11.80 8.21 -19.04
C GLU D 103 13.10 8.79 -19.59
N ASN D 104 14.17 8.73 -18.80
CA ASN D 104 15.49 9.20 -19.24
C ASN D 104 16.01 8.39 -20.41
N GLN D 105 15.81 7.08 -20.37
CA GLN D 105 16.18 6.20 -21.48
C GLN D 105 15.45 6.60 -22.78
N HIS D 106 14.14 6.78 -22.67
CA HIS D 106 13.32 7.17 -23.82
C HIS D 106 13.66 8.58 -24.34
N THR D 107 13.88 9.53 -23.43
CA THR D 107 14.28 10.90 -23.81
C THR D 107 15.57 10.92 -24.65
N ILE D 108 16.58 10.20 -24.16
CA ILE D 108 17.88 10.10 -24.83
C ILE D 108 17.76 9.46 -26.21
N ASP D 109 17.01 8.36 -26.29
CA ASP D 109 16.82 7.65 -27.55
C ASP D 109 15.88 8.39 -28.50
N MET D 110 14.90 9.10 -27.96
CA MET D 110 14.00 9.94 -28.76
C MET D 110 14.80 11.07 -29.45
N ALA D 111 15.65 11.74 -28.66
CA ALA D 111 16.54 12.77 -29.21
C ALA D 111 17.46 12.24 -30.32
N ASP D 112 18.00 11.03 -30.10
CA ASP D 112 18.79 10.31 -31.08
C ASP D 112 18.00 10.06 -32.39
N SER D 113 16.75 9.63 -32.27
CA SER D 113 15.92 9.34 -33.44
C SER D 113 15.62 10.57 -34.29
N GLU D 114 15.43 11.72 -33.64
CA GLU D 114 15.19 12.99 -34.36
C GLU D 114 16.42 13.46 -35.13
N MET D 115 17.62 13.26 -34.56
CA MET D 115 18.88 13.50 -35.29
C MET D 115 18.94 12.63 -36.54
N LEU D 116 18.65 11.33 -36.38
CA LEU D 116 18.66 10.39 -37.49
C LEU D 116 17.61 10.71 -38.55
N ASN D 117 16.42 11.12 -38.11
CA ASN D 117 15.32 11.43 -39.04
C ASN D 117 15.67 12.63 -39.94
N LEU D 118 16.33 13.63 -39.37
CA LEU D 118 16.83 14.78 -40.14
C LEU D 118 17.90 14.34 -41.14
N TYR D 119 18.81 13.47 -40.68
CA TYR D 119 19.88 12.90 -41.51
C TYR D 119 19.34 12.10 -42.69
N GLU D 120 18.34 11.27 -42.44
CA GLU D 120 17.68 10.48 -43.47
C GLU D 120 16.92 11.33 -44.48
N ARG D 121 16.24 12.37 -43.98
CA ARG D 121 15.50 13.33 -44.81
C ARG D 121 16.43 13.96 -45.84
N VAL D 122 17.57 14.46 -45.37
CA VAL D 122 18.59 15.07 -46.23
C VAL D 122 19.18 14.07 -47.21
N ARG D 123 19.55 12.88 -46.72
CA ARG D 123 20.03 11.80 -47.60
C ARG D 123 19.09 11.58 -48.78
N LYS D 124 17.79 11.41 -48.47
CA LYS D 124 16.78 11.14 -49.50
C LYS D 124 16.58 12.31 -50.48
N GLN D 125 16.69 13.55 -50.00
CA GLN D 125 16.63 14.74 -50.88
C GLN D 125 17.77 14.78 -51.90
N LEU D 126 19.00 14.55 -51.42
CA LEU D 126 20.20 14.62 -52.25
C LEU D 126 20.25 13.50 -53.30
N ARG D 127 19.59 12.38 -53.02
CA ARG D 127 19.43 11.30 -54.00
C ARG D 127 20.80 10.82 -54.52
N GLN D 128 21.07 10.91 -55.83
CA GLN D 128 22.33 10.39 -56.39
C GLN D 128 23.40 11.48 -56.57
N ASN D 129 23.17 12.65 -55.97
CA ASN D 129 24.07 13.80 -56.14
C ASN D 129 25.12 13.94 -55.04
N ALA D 130 24.97 13.17 -53.96
CA ALA D 130 25.92 13.21 -52.85
C ALA D 130 26.20 11.81 -52.32
N GLU D 131 27.20 11.73 -51.44
CA GLU D 131 27.57 10.48 -50.77
C GLU D 131 27.81 10.74 -49.29
N GLU D 132 27.52 9.73 -48.47
CA GLU D 132 27.70 9.80 -47.03
C GLU D 132 29.17 9.57 -46.70
N ASP D 133 29.74 10.38 -45.82
CA ASP D 133 31.13 10.18 -45.38
C ASP D 133 31.28 9.29 -44.13
N GLY D 134 30.17 8.96 -43.47
CA GLY D 134 30.19 8.13 -42.26
C GLY D 134 30.26 8.87 -40.94
N LYS D 135 30.41 10.21 -41.00
CA LYS D 135 30.53 11.06 -39.81
C LYS D 135 29.34 12.02 -39.66
N GLY D 136 28.24 11.73 -40.36
CA GLY D 136 27.07 12.61 -40.37
C GLY D 136 27.07 13.70 -41.43
N CYS D 137 28.05 13.67 -42.35
CA CYS D 137 28.13 14.65 -43.44
C CYS D 137 27.86 14.02 -44.79
N PHE D 138 27.46 14.86 -45.75
CA PHE D 138 27.26 14.44 -47.13
C PHE D 138 28.21 15.23 -48.01
N GLU D 139 28.98 14.51 -48.82
CA GLU D 139 29.85 15.14 -49.81
C GLU D 139 29.05 15.28 -51.10
N ILE D 140 28.76 16.52 -51.48
CA ILE D 140 27.89 16.86 -52.61
C ILE D 140 28.76 17.01 -53.86
N TYR D 141 28.50 16.22 -54.90
CA TYR D 141 29.35 16.18 -56.11
C TYR D 141 29.01 17.23 -57.20
N HIS D 142 28.62 18.42 -56.77
CA HIS D 142 28.41 19.56 -57.67
C HIS D 142 28.49 20.83 -56.83
N ALA D 143 28.68 21.97 -57.51
CA ALA D 143 28.74 23.26 -56.83
C ALA D 143 27.40 23.56 -56.18
N CYS D 144 27.45 23.99 -54.92
CA CYS D 144 26.24 24.22 -54.12
C CYS D 144 26.38 25.52 -53.30
N ASP D 145 25.99 26.62 -53.93
CA ASP D 145 26.09 27.96 -53.33
C ASP D 145 25.11 28.17 -52.15
N ASP D 146 25.12 29.37 -51.56
CA ASP D 146 24.31 29.67 -50.38
C ASP D 146 22.79 29.52 -50.62
N SER D 147 22.35 29.70 -51.86
CA SER D 147 20.96 29.39 -52.24
C SER D 147 20.74 27.88 -52.27
N CYS D 148 21.65 27.16 -52.92
CA CYS D 148 21.60 25.69 -53.00
C CYS D 148 21.63 25.05 -51.61
N MET D 149 22.54 25.54 -50.75
CA MET D 149 22.61 25.09 -49.36
C MET D 149 21.32 25.42 -48.60
N GLU D 150 20.79 26.63 -48.83
CA GLU D 150 19.50 27.04 -48.26
C GLU D 150 18.38 26.09 -48.67
N SER D 151 18.34 25.70 -49.95
CA SER D 151 17.32 24.78 -50.46
C SER D 151 17.37 23.39 -49.82
N ILE D 152 18.57 22.92 -49.48
CA ILE D 152 18.74 21.65 -48.75
C ILE D 152 18.14 21.79 -47.34
N ARG D 153 18.49 22.87 -46.64
CA ARG D 153 17.94 23.16 -45.31
C ARG D 153 16.44 23.48 -45.33
N ASN D 154 15.97 24.14 -46.39
CA ASN D 154 14.57 24.52 -46.57
C ASN D 154 13.69 23.33 -46.99
N ASN D 155 14.32 22.24 -47.43
CA ASN D 155 13.62 21.03 -47.93
C ASN D 155 13.01 21.27 -49.32
N THR D 156 13.68 22.10 -50.12
CA THR D 156 13.24 22.43 -51.49
C THR D 156 14.35 22.19 -52.54
N TYR D 157 15.34 21.38 -52.18
CA TYR D 157 16.43 21.03 -53.10
C TYR D 157 15.90 20.05 -54.14
N ASN D 158 16.07 20.39 -55.42
CA ASN D 158 15.64 19.52 -56.52
C ASN D 158 16.87 18.84 -57.13
N HIS D 159 16.94 17.53 -56.95
CA HIS D 159 18.11 16.74 -57.35
C HIS D 159 18.32 16.68 -58.86
N SER D 160 17.23 16.70 -59.63
CA SER D 160 17.30 16.47 -61.07
C SER D 160 18.05 17.57 -61.81
N GLN D 161 18.05 18.79 -61.26
CA GLN D 161 18.82 19.91 -61.81
C GLN D 161 20.32 19.61 -61.88
N TYR D 162 20.87 19.06 -60.79
CA TYR D 162 22.31 18.84 -60.65
C TYR D 162 22.77 17.40 -60.99
N ARG D 163 21.85 16.55 -61.43
CA ARG D 163 22.10 15.11 -61.52
C ARG D 163 23.17 14.73 -62.53
N GLU D 164 23.10 15.28 -63.74
CA GLU D 164 24.07 14.95 -64.79
C GLU D 164 25.50 15.35 -64.38
N GLU D 165 25.65 16.54 -63.83
CA GLU D 165 26.93 17.02 -63.33
C GLU D 165 27.44 16.15 -62.19
N ALA D 166 26.55 15.84 -61.25
CA ALA D 166 26.91 15.02 -60.10
C ALA D 166 27.37 13.63 -60.51
N LEU D 167 26.63 13.00 -61.42
CA LEU D 167 26.95 11.64 -61.87
C LEU D 167 28.28 11.56 -62.62
N LEU D 168 28.57 12.56 -63.43
CA LEU D 168 29.87 12.65 -64.12
C LEU D 168 31.01 12.75 -63.11
N ASN D 169 30.84 13.61 -62.10
CA ASN D 169 31.84 13.77 -61.03
C ASN D 169 31.99 12.52 -60.15
N ARG D 170 30.87 11.86 -59.86
CA ARG D 170 30.88 10.64 -59.05
C ARG D 170 31.52 9.45 -59.77
N LEU D 171 31.13 9.24 -61.03
CA LEU D 171 31.67 8.14 -61.84
C LEU D 171 33.07 8.43 -62.39
N ASN D 172 33.39 9.71 -62.59
CA ASN D 172 34.73 10.18 -63.01
C ASN D 172 35.16 9.60 -64.36
N PRO E 1 32.57 -11.69 -56.56
CA PRO E 1 33.11 -10.66 -55.68
C PRO E 1 33.47 -11.19 -54.30
N ASP E 2 34.45 -10.56 -53.65
CA ASP E 2 34.74 -10.84 -52.24
C ASP E 2 33.55 -10.38 -51.39
N LYS E 3 33.46 -10.87 -50.16
CA LYS E 3 32.36 -10.43 -49.29
C LYS E 3 32.69 -10.44 -47.82
N ILE E 4 32.02 -9.54 -47.10
CA ILE E 4 32.07 -9.44 -45.66
C ILE E 4 30.62 -9.48 -45.16
N CYS E 5 30.36 -10.37 -44.21
CA CYS E 5 29.02 -10.62 -43.68
C CYS E 5 28.96 -10.23 -42.23
N LEU E 6 27.88 -9.58 -41.84
CA LEU E 6 27.67 -9.23 -40.45
C LEU E 6 26.68 -10.17 -39.80
N GLY E 7 26.92 -10.44 -38.52
CA GLY E 7 26.11 -11.41 -37.82
C GLY E 7 26.26 -11.32 -36.33
N HIS E 8 25.55 -12.21 -35.66
CA HIS E 8 25.50 -12.23 -34.21
C HIS E 8 25.54 -13.68 -33.75
N HIS E 9 25.85 -13.87 -32.48
CA HIS E 9 25.92 -15.22 -31.94
C HIS E 9 24.54 -15.84 -31.71
N ALA E 10 24.55 -17.15 -31.53
CA ALA E 10 23.38 -17.90 -31.07
C ALA E 10 23.88 -19.03 -30.18
N VAL E 11 22.97 -19.65 -29.45
CA VAL E 11 23.28 -20.80 -28.60
C VAL E 11 22.36 -21.96 -28.96
N ALA E 12 22.81 -23.17 -28.67
CA ALA E 12 22.04 -24.38 -28.98
C ALA E 12 20.75 -24.43 -28.15
N ASN E 13 20.89 -24.20 -26.85
CA ASN E 13 19.77 -24.20 -25.91
C ASN E 13 19.51 -22.81 -25.32
N GLY E 14 18.56 -22.09 -25.90
CA GLY E 14 18.12 -20.79 -25.39
C GLY E 14 17.20 -20.92 -24.19
N THR E 15 16.74 -19.78 -23.68
CA THR E 15 15.82 -19.73 -22.55
C THR E 15 14.58 -18.91 -22.93
N ILE E 16 13.42 -19.34 -22.44
CA ILE E 16 12.15 -18.69 -22.72
C ILE E 16 11.90 -17.55 -21.71
N VAL E 17 11.60 -16.36 -22.22
CA VAL E 17 11.19 -15.22 -21.40
C VAL E 17 9.90 -14.60 -21.96
N LYS E 18 9.29 -13.73 -21.15
CA LYS E 18 8.08 -13.01 -21.54
C LYS E 18 8.42 -11.55 -21.75
N THR E 19 7.89 -10.99 -22.84
CA THR E 19 8.04 -9.56 -23.15
C THR E 19 6.67 -8.90 -23.10
N LEU E 20 6.61 -7.62 -23.44
CA LEU E 20 5.35 -6.91 -23.56
C LEU E 20 4.42 -7.54 -24.59
N THR E 21 4.98 -8.04 -25.68
CA THR E 21 4.22 -8.52 -26.84
C THR E 21 4.22 -10.03 -27.08
N ASN E 22 5.01 -10.79 -26.32
CA ASN E 22 5.19 -12.22 -26.59
C ASN E 22 5.42 -12.99 -25.28
N GLU E 23 4.58 -14.00 -25.05
CA GLU E 23 4.72 -14.88 -23.87
C GLU E 23 5.82 -15.93 -23.98
N GLN E 24 6.24 -16.26 -25.21
CA GLN E 24 7.18 -17.35 -25.46
C GLN E 24 8.32 -16.87 -26.36
N GLU E 25 9.16 -15.99 -25.82
CA GLU E 25 10.28 -15.41 -26.56
C GLU E 25 11.58 -16.11 -26.16
N GLU E 26 12.28 -16.70 -27.15
CA GLU E 26 13.55 -17.38 -26.89
C GLU E 26 14.72 -16.41 -26.96
N VAL E 27 15.47 -16.32 -25.87
CA VAL E 27 16.69 -15.52 -25.81
C VAL E 27 17.90 -16.41 -25.50
N THR E 28 19.09 -15.85 -25.71
CA THR E 28 20.34 -16.62 -25.55
C THR E 28 20.61 -16.98 -24.10
N ASN E 29 20.17 -16.11 -23.19
CA ASN E 29 20.38 -16.31 -21.76
C ASN E 29 19.39 -15.47 -20.94
N ALA E 30 19.10 -15.94 -19.73
CA ALA E 30 18.26 -15.21 -18.80
C ALA E 30 18.54 -15.64 -17.37
N THR E 31 18.07 -14.82 -16.42
CA THR E 31 18.29 -15.09 -15.00
C THR E 31 17.02 -14.85 -14.17
N GLU E 32 16.87 -15.66 -13.13
CA GLU E 32 15.68 -15.63 -12.27
C GLU E 32 15.68 -14.37 -11.39
N THR E 33 14.52 -13.77 -11.22
CA THR E 33 14.32 -12.63 -10.31
C THR E 33 13.50 -12.95 -9.07
N VAL E 34 12.84 -14.11 -9.04
CA VAL E 34 12.01 -14.56 -7.91
C VAL E 34 12.66 -15.74 -7.19
N GLU E 35 13.05 -15.54 -5.92
CA GLU E 35 13.63 -16.61 -5.11
C GLU E 35 12.58 -17.64 -4.68
N SER E 36 12.84 -18.91 -5.04
CA SER E 36 11.95 -20.05 -4.74
C SER E 36 12.45 -20.97 -3.61
N THR E 37 13.73 -20.86 -3.23
CA THR E 37 14.33 -21.77 -2.25
C THR E 37 14.59 -21.04 -0.93
N SER E 38 14.40 -21.77 0.17
CA SER E 38 14.73 -21.28 1.51
C SER E 38 15.66 -22.25 2.21
N LEU E 39 16.53 -21.70 3.06
CA LEU E 39 17.34 -22.50 3.97
C LEU E 39 16.46 -22.82 5.18
N ASN E 40 16.35 -24.09 5.54
CA ASN E 40 15.47 -24.54 6.65
C ASN E 40 16.11 -24.37 8.03
N ARG E 41 16.64 -23.17 8.28
CA ARG E 41 17.41 -22.91 9.46
C ARG E 41 17.43 -21.40 9.63
N LEU E 42 17.59 -20.98 10.86
CA LEU E 42 17.73 -19.58 11.21
C LEU E 42 19.21 -19.29 11.23
N CYS E 43 19.63 -18.43 10.30
CA CYS E 43 21.01 -18.10 10.07
C CYS E 43 21.43 -16.97 11.00
N MET E 44 22.20 -17.31 12.03
CA MET E 44 22.52 -16.39 13.12
C MET E 44 23.98 -15.92 13.16
N LYS E 45 24.75 -16.11 12.08
CA LYS E 45 26.14 -15.63 12.03
C LYS E 45 26.17 -14.10 12.14
N GLY E 46 27.05 -13.59 12.99
CA GLY E 46 27.14 -12.16 13.26
C GLY E 46 25.97 -11.57 14.04
N ARG E 47 25.23 -12.42 14.76
CA ARG E 47 24.09 -11.99 15.56
C ARG E 47 24.20 -12.52 16.99
N ASN E 48 24.23 -11.61 17.97
CA ASN E 48 24.08 -11.97 19.37
C ASN E 48 22.59 -12.25 19.62
N HIS E 49 22.24 -13.53 19.72
CA HIS E 49 20.84 -13.95 19.75
C HIS E 49 20.45 -14.73 20.99
N LYS E 50 19.13 -14.84 21.18
CA LYS E 50 18.55 -15.61 22.27
C LYS E 50 17.43 -16.48 21.70
N ASP E 51 17.63 -17.79 21.76
CA ASP E 51 16.59 -18.76 21.48
C ASP E 51 15.85 -19.05 22.78
N LEU E 52 14.56 -18.74 22.82
CA LEU E 52 13.76 -18.89 24.03
C LEU E 52 13.33 -20.33 24.33
N GLY E 53 13.39 -21.22 23.34
CA GLY E 53 12.96 -22.61 23.55
C GLY E 53 11.49 -22.65 23.92
N ASN E 54 11.16 -23.37 25.00
CA ASN E 54 9.77 -23.40 25.48
C ASN E 54 9.38 -22.23 26.43
N CYS E 55 10.20 -21.17 26.48
CA CYS E 55 9.88 -19.96 27.25
C CYS E 55 9.15 -18.92 26.39
N HIS E 56 8.00 -18.46 26.86
CA HIS E 56 7.23 -17.42 26.19
C HIS E 56 7.77 -16.05 26.63
N PRO E 57 7.84 -15.05 25.71
CA PRO E 57 8.37 -13.73 26.06
C PRO E 57 7.83 -13.09 27.34
N ILE E 58 6.52 -13.20 27.57
CA ILE E 58 5.91 -12.68 28.80
C ILE E 58 6.42 -13.41 30.04
N GLY E 59 6.64 -14.73 29.92
CA GLY E 59 7.29 -15.51 30.99
C GLY E 59 8.65 -14.98 31.43
N MET E 60 9.37 -14.30 30.55
CA MET E 60 10.64 -13.64 30.87
C MET E 60 10.48 -12.52 31.91
N LEU E 61 9.35 -11.82 31.88
CA LEU E 61 9.09 -10.71 32.80
C LEU E 61 8.55 -11.14 34.16
N ILE E 62 7.72 -12.18 34.17
CA ILE E 62 7.11 -12.67 35.42
C ILE E 62 7.91 -13.80 36.07
N GLY E 63 8.72 -14.51 35.29
CA GLY E 63 9.62 -15.53 35.84
C GLY E 63 8.99 -16.88 36.00
N THR E 64 8.33 -17.34 34.93
CA THR E 64 7.81 -18.70 34.84
C THR E 64 9.01 -19.65 34.85
N PRO E 65 8.90 -20.84 35.49
CA PRO E 65 10.06 -21.77 35.55
C PRO E 65 10.77 -22.05 34.22
N ALA E 66 10.01 -22.22 33.15
CA ALA E 66 10.57 -22.43 31.81
C ALA E 66 11.47 -21.29 31.34
N CYS E 67 11.28 -20.10 31.91
CA CYS E 67 12.06 -18.90 31.57
C CYS E 67 13.19 -18.54 32.55
N ASP E 68 13.54 -19.43 33.48
CA ASP E 68 14.56 -19.11 34.50
C ASP E 68 15.92 -18.68 33.93
N LEU E 69 16.31 -19.24 32.78
CA LEU E 69 17.55 -18.84 32.11
C LEU E 69 17.39 -17.63 31.15
N HIS E 70 16.18 -17.05 31.09
CA HIS E 70 15.89 -15.93 30.18
C HIS E 70 15.25 -14.74 30.91
N LEU E 71 15.61 -14.52 32.18
CA LEU E 71 15.07 -13.41 32.98
C LEU E 71 15.75 -12.09 32.68
N THR E 72 17.01 -12.15 32.24
CA THR E 72 17.76 -10.97 31.82
C THR E 72 18.61 -11.32 30.60
N GLY E 73 19.17 -10.31 29.95
CA GLY E 73 20.03 -10.53 28.79
C GLY E 73 20.10 -9.33 27.87
N THR E 74 21.01 -9.42 26.92
CA THR E 74 21.06 -8.52 25.76
C THR E 74 21.11 -9.40 24.51
N TRP E 75 20.55 -8.88 23.43
CA TRP E 75 20.46 -9.59 22.15
C TRP E 75 20.14 -8.59 21.04
N ASP E 76 20.53 -8.93 19.82
CA ASP E 76 20.05 -8.20 18.63
C ASP E 76 18.90 -8.95 17.93
N THR E 77 18.70 -10.22 18.30
CA THR E 77 17.66 -11.06 17.73
C THR E 77 17.07 -11.95 18.84
N LEU E 78 15.75 -11.95 18.96
CA LEU E 78 15.04 -12.79 19.93
C LEU E 78 14.14 -13.76 19.17
N ILE E 79 14.28 -15.06 19.46
CA ILE E 79 13.57 -16.11 18.74
C ILE E 79 12.52 -16.77 19.65
N GLU E 80 11.26 -16.67 19.25
CA GLU E 80 10.12 -17.30 19.94
C GLU E 80 9.71 -18.57 19.20
N ARG E 81 9.37 -19.60 19.96
CA ARG E 81 8.98 -20.91 19.41
C ARG E 81 7.51 -21.20 19.64
N LYS E 82 7.03 -22.21 18.92
CA LYS E 82 5.63 -22.64 19.00
C LYS E 82 5.33 -23.29 20.34
N ASN E 83 4.12 -23.08 20.85
CA ASN E 83 3.65 -23.65 22.13
C ASN E 83 4.51 -23.24 23.34
N ALA E 84 5.08 -22.05 23.30
CA ALA E 84 5.91 -21.56 24.40
C ALA E 84 5.04 -21.30 25.64
N ILE E 85 5.66 -21.43 26.81
CA ILE E 85 4.94 -21.39 28.09
C ILE E 85 5.13 -20.02 28.75
N ALA E 86 4.00 -19.37 29.05
CA ALA E 86 3.98 -18.11 29.78
C ALA E 86 3.46 -18.27 31.21
N TYR E 87 2.41 -19.08 31.40
CA TYR E 87 1.68 -19.16 32.66
C TYR E 87 1.68 -20.58 33.22
N CYS E 88 2.19 -20.71 34.44
CA CYS E 88 2.19 -22.00 35.14
C CYS E 88 0.89 -22.12 35.95
N TYR E 89 0.60 -21.10 36.76
CA TYR E 89 -0.71 -20.96 37.40
C TYR E 89 -1.68 -20.43 36.33
N PRO E 90 -2.92 -20.98 36.27
CA PRO E 90 -3.88 -20.52 35.24
C PRO E 90 -4.14 -19.02 35.24
N GLY E 91 -4.24 -18.44 34.06
CA GLY E 91 -4.50 -17.01 33.94
C GLY E 91 -4.12 -16.43 32.60
N ALA E 92 -4.04 -15.10 32.56
CA ALA E 92 -3.78 -14.35 31.34
C ALA E 92 -3.29 -12.95 31.68
N THR E 93 -2.73 -12.28 30.68
CA THR E 93 -2.26 -10.91 30.84
C THR E 93 -3.17 -9.98 30.07
N VAL E 94 -3.58 -8.89 30.70
CA VAL E 94 -4.36 -7.85 30.05
C VAL E 94 -3.44 -7.07 29.12
N ASN E 95 -3.90 -6.86 27.88
CA ASN E 95 -3.11 -6.21 26.84
C ASN E 95 -1.86 -7.05 26.52
N GLU E 96 -2.07 -8.36 26.39
CA GLU E 96 -1.01 -9.35 26.18
C GLU E 96 -0.25 -9.15 24.86
N LYS E 97 -0.98 -8.78 23.81
CA LYS E 97 -0.38 -8.63 22.47
C LYS E 97 0.59 -7.45 22.41
N ALA E 98 0.21 -6.32 23.00
CA ALA E 98 1.08 -5.15 23.06
C ALA E 98 2.34 -5.42 23.87
N LEU E 99 2.20 -6.17 24.97
CA LEU E 99 3.34 -6.51 25.83
C LEU E 99 4.32 -7.44 25.12
N ARG E 100 3.80 -8.50 24.49
CA ARG E 100 4.64 -9.45 23.77
C ARG E 100 5.45 -8.78 22.66
N GLN E 101 4.81 -7.86 21.92
CA GLN E 101 5.48 -7.16 20.83
C GLN E 101 6.57 -6.20 21.33
N LYS E 102 6.34 -5.55 22.48
CA LYS E 102 7.37 -4.73 23.13
C LYS E 102 8.63 -5.55 23.47
N ILE E 103 8.41 -6.76 23.98
CA ILE E 103 9.52 -7.64 24.34
C ILE E 103 10.27 -8.11 23.08
N MET E 104 9.51 -8.52 22.07
CA MET E 104 10.08 -8.98 20.80
C MET E 104 10.71 -7.86 19.94
N GLU E 105 10.39 -6.61 20.25
CA GLU E 105 11.07 -5.45 19.65
C GLU E 105 12.36 -5.05 20.38
N SER E 106 12.52 -5.45 21.64
CA SER E 106 13.66 -5.01 22.46
C SER E 106 14.98 -5.66 22.07
N GLY E 107 16.07 -5.08 22.57
CA GLY E 107 17.41 -5.63 22.44
C GLY E 107 17.99 -6.15 23.75
N GLY E 108 17.13 -6.56 24.68
CA GLY E 108 17.56 -7.05 25.98
C GLY E 108 16.63 -6.66 27.10
N ILE E 109 16.78 -7.34 28.24
CA ILE E 109 16.04 -7.04 29.47
C ILE E 109 17.02 -6.98 30.64
N SER E 110 16.88 -5.92 31.45
CA SER E 110 17.52 -5.81 32.75
C SER E 110 16.43 -5.88 33.79
N LYS E 111 16.78 -6.36 34.98
CA LYS E 111 15.85 -6.45 36.11
C LYS E 111 16.37 -5.59 37.25
N ILE E 112 15.47 -4.84 37.87
CA ILE E 112 15.79 -3.97 39.01
C ILE E 112 14.84 -4.33 40.14
N ASN E 113 15.36 -4.41 41.37
CA ASN E 113 14.56 -4.78 42.53
C ASN E 113 13.56 -3.67 42.86
N THR E 114 12.34 -4.06 43.24
CA THR E 114 11.36 -3.11 43.72
C THR E 114 11.73 -2.66 45.13
N GLY E 115 12.31 -3.58 45.90
CA GLY E 115 12.64 -3.34 47.30
C GLY E 115 11.43 -3.44 48.21
N PHE E 116 10.36 -4.09 47.75
CA PHE E 116 9.13 -4.24 48.54
C PHE E 116 9.40 -5.16 49.72
N THR E 117 9.10 -4.67 50.91
CA THR E 117 9.14 -5.47 52.13
C THR E 117 7.74 -5.55 52.72
N TYR E 118 7.50 -6.60 53.50
CA TYR E 118 6.19 -6.89 54.05
C TYR E 118 6.28 -7.12 55.54
N GLY E 119 5.24 -6.71 56.26
CA GLY E 119 5.16 -6.88 57.71
C GLY E 119 4.97 -8.33 58.10
N SER E 120 5.12 -8.61 59.40
CA SER E 120 5.07 -9.98 59.93
C SER E 120 3.71 -10.66 59.84
N SER E 121 2.65 -9.91 59.57
CA SER E 121 1.32 -10.47 59.29
C SER E 121 1.20 -11.07 57.88
N ILE E 122 2.14 -10.73 56.98
CA ILE E 122 2.13 -11.21 55.59
C ILE E 122 3.14 -12.34 55.39
N ASN E 123 2.65 -13.46 54.85
CA ASN E 123 3.49 -14.52 54.30
C ASN E 123 3.66 -14.25 52.80
N SER E 124 4.86 -13.82 52.41
CA SER E 124 5.16 -13.52 51.01
C SER E 124 5.68 -14.72 50.21
N ALA E 125 5.68 -15.92 50.80
CA ALA E 125 6.28 -17.11 50.17
C ALA E 125 5.22 -18.16 49.78
N GLY E 126 4.07 -17.70 49.30
CA GLY E 126 3.04 -18.61 48.79
C GLY E 126 3.51 -19.32 47.53
N THR E 127 3.22 -20.62 47.43
CA THR E 127 3.64 -21.45 46.30
C THR E 127 2.50 -22.38 45.87
N THR E 128 2.70 -23.06 44.74
CA THR E 128 1.68 -23.93 44.16
C THR E 128 2.29 -25.10 43.39
N LYS E 129 1.57 -26.24 43.38
CA LYS E 129 1.92 -27.40 42.54
C LYS E 129 1.89 -27.11 41.04
N ALA E 130 1.17 -26.08 40.63
CA ALA E 130 1.13 -25.66 39.23
C ALA E 130 2.45 -25.11 38.70
N CYS E 131 3.26 -24.50 39.59
CA CYS E 131 4.54 -23.89 39.23
C CYS E 131 5.67 -24.67 39.91
N MET E 132 6.00 -25.83 39.35
CA MET E 132 7.04 -26.71 39.89
C MET E 132 8.43 -26.19 39.51
N ARG E 133 9.35 -26.29 40.47
CA ARG E 133 10.77 -26.00 40.25
C ARG E 133 11.58 -27.05 41.01
N ASN E 134 12.36 -27.84 40.29
CA ASN E 134 13.18 -28.90 40.88
C ASN E 134 12.37 -29.88 41.74
N GLY E 135 11.18 -30.22 41.26
CA GLY E 135 10.29 -31.17 41.95
C GLY E 135 9.56 -30.66 43.18
N GLY E 136 9.64 -29.35 43.45
CA GLY E 136 8.98 -28.73 44.60
C GLY E 136 8.04 -27.61 44.19
N ASN E 137 7.03 -27.36 45.02
CA ASN E 137 6.08 -26.27 44.79
C ASN E 137 6.81 -24.95 44.80
N SER E 138 6.48 -24.07 43.86
CA SER E 138 7.19 -22.82 43.69
C SER E 138 6.24 -21.75 43.13
N PHE E 139 6.79 -20.68 42.57
CA PHE E 139 5.98 -19.57 42.08
C PHE E 139 6.79 -18.78 41.07
N TYR E 140 6.09 -17.93 40.32
CA TYR E 140 6.70 -16.94 39.45
C TYR E 140 7.86 -16.26 40.20
N ALA E 141 9.06 -16.34 39.63
CA ALA E 141 10.29 -15.87 40.30
C ALA E 141 10.34 -14.36 40.54
N GLU E 142 9.69 -13.58 39.68
CA GLU E 142 9.72 -12.11 39.77
C GLU E 142 8.57 -11.51 40.57
N LEU E 143 7.66 -12.35 41.06
CA LEU E 143 6.54 -11.90 41.87
C LEU E 143 6.44 -12.71 43.15
N LYS E 144 5.58 -12.27 44.05
CA LYS E 144 5.34 -12.97 45.32
C LYS E 144 3.84 -13.06 45.61
N TRP E 145 3.39 -14.28 45.88
CA TRP E 145 2.01 -14.53 46.28
C TRP E 145 1.87 -14.18 47.76
N LEU E 146 1.41 -12.96 48.04
CA LEU E 146 1.27 -12.47 49.41
C LEU E 146 -0.03 -13.02 50.01
N VAL E 147 0.08 -13.68 51.16
CA VAL E 147 -1.09 -14.19 51.90
C VAL E 147 -0.95 -13.89 53.38
N SER E 148 -2.03 -14.08 54.14
CA SER E 148 -2.00 -13.89 55.59
C SER E 148 -1.18 -15.01 56.24
N LYS E 149 -0.26 -14.64 57.14
CA LYS E 149 0.59 -15.62 57.82
C LYS E 149 -0.21 -16.63 58.63
N ASN E 150 -1.26 -16.14 59.30
CA ASN E 150 -2.16 -16.99 60.06
C ASN E 150 -3.38 -17.31 59.21
N LYS E 151 -3.63 -18.60 59.02
CA LYS E 151 -4.69 -19.09 58.13
C LYS E 151 -6.08 -18.61 58.59
N GLY E 152 -6.74 -17.81 57.75
CA GLY E 152 -8.07 -17.29 58.05
C GLY E 152 -8.13 -15.84 58.49
N GLN E 153 -7.00 -15.30 58.96
CA GLN E 153 -6.94 -13.93 59.47
C GLN E 153 -6.94 -12.90 58.34
N ASN E 154 -7.42 -11.69 58.63
CA ASN E 154 -7.48 -10.60 57.66
C ASN E 154 -6.09 -10.08 57.26
N PHE E 155 -5.84 -10.04 55.95
CA PHE E 155 -4.63 -9.47 55.37
C PHE E 155 -4.62 -7.96 55.64
N PRO E 156 -3.51 -7.43 56.23
CA PRO E 156 -3.51 -6.03 56.65
C PRO E 156 -3.49 -5.03 55.49
N GLN E 157 -3.95 -3.81 55.75
CA GLN E 157 -3.92 -2.74 54.75
C GLN E 157 -2.47 -2.32 54.53
N THR E 158 -1.95 -2.65 53.34
CA THR E 158 -0.53 -2.53 53.02
C THR E 158 -0.31 -1.48 51.93
N THR E 159 0.82 -0.78 52.01
CA THR E 159 1.27 0.11 50.94
C THR E 159 2.70 -0.25 50.54
N ASN E 160 2.92 -0.42 49.23
CA ASN E 160 4.25 -0.62 48.66
C ASN E 160 4.42 0.40 47.54
N THR E 161 5.59 1.06 47.51
CA THR E 161 5.87 2.12 46.54
C THR E 161 7.19 1.85 45.83
N TYR E 162 7.16 1.85 44.49
CA TYR E 162 8.37 1.76 43.68
C TYR E 162 8.66 3.10 43.02
N ARG E 163 9.89 3.59 43.16
CA ARG E 163 10.37 4.81 42.50
C ARG E 163 11.40 4.46 41.44
N ASN E 164 11.22 5.00 40.23
CA ASN E 164 12.20 4.82 39.15
C ASN E 164 13.30 5.87 39.31
N ALA E 165 14.46 5.43 39.83
CA ALA E 165 15.64 6.30 39.99
C ALA E 165 16.52 6.35 38.73
N ASP E 166 16.21 5.51 37.74
CA ASP E 166 16.98 5.44 36.48
C ASP E 166 16.57 6.59 35.56
N THR E 167 17.39 6.83 34.53
CA THR E 167 17.08 7.81 33.48
C THR E 167 16.12 7.28 32.38
N ALA E 168 15.83 5.98 32.38
CA ALA E 168 14.92 5.36 31.41
C ALA E 168 13.67 4.80 32.10
N GLU E 169 12.61 4.61 31.31
CA GLU E 169 11.34 4.08 31.82
C GLU E 169 11.45 2.60 32.17
N HIS E 170 10.76 2.18 33.23
CA HIS E 170 10.74 0.78 33.68
C HIS E 170 9.34 0.17 33.56
N LEU E 171 9.29 -1.06 33.06
CA LEU E 171 8.05 -1.81 32.92
C LEU E 171 7.81 -2.58 34.21
N ILE E 172 6.67 -2.33 34.86
CA ILE E 172 6.28 -3.04 36.07
C ILE E 172 5.04 -3.90 35.81
N MET E 173 5.03 -5.09 36.39
CA MET E 173 3.90 -6.01 36.30
C MET E 173 3.43 -6.41 37.68
N TRP E 174 2.16 -6.80 37.76
CA TRP E 174 1.59 -7.38 38.98
C TRP E 174 0.43 -8.28 38.59
N GLY E 175 0.02 -9.11 39.53
CA GLY E 175 -1.09 -10.03 39.32
C GLY E 175 -2.21 -9.80 40.32
N ILE E 176 -3.41 -10.21 39.93
CA ILE E 176 -4.57 -10.22 40.82
C ILE E 176 -5.04 -11.66 40.89
N HIS E 177 -5.14 -12.20 42.10
CA HIS E 177 -5.63 -13.55 42.32
C HIS E 177 -7.15 -13.54 42.41
N HIS E 178 -7.79 -14.41 41.64
CA HIS E 178 -9.23 -14.60 41.65
C HIS E 178 -9.49 -16.03 42.13
N PRO E 179 -9.75 -16.20 43.44
CA PRO E 179 -9.92 -17.55 44.01
C PRO E 179 -11.02 -18.40 43.38
N SER E 180 -10.89 -19.72 43.56
CA SER E 180 -11.85 -20.69 43.05
C SER E 180 -13.11 -20.76 43.92
N SER E 181 -12.91 -20.73 45.24
CA SER E 181 -13.99 -20.86 46.21
C SER E 181 -13.87 -19.82 47.32
N THR E 182 -14.97 -19.57 48.02
CA THR E 182 -15.01 -18.59 49.11
C THR E 182 -14.13 -19.04 50.28
N GLN E 183 -14.18 -20.34 50.59
CA GLN E 183 -13.31 -20.91 51.63
C GLN E 183 -11.81 -20.72 51.36
N GLU E 184 -11.40 -20.77 50.10
CA GLU E 184 -10.00 -20.48 49.75
C GLU E 184 -9.69 -18.97 49.87
N LYS E 185 -10.62 -18.13 49.42
CA LYS E 185 -10.50 -16.67 49.56
C LYS E 185 -10.30 -16.27 51.03
N ASN E 186 -11.10 -16.86 51.91
CA ASN E 186 -11.06 -16.56 53.34
C ASN E 186 -9.75 -17.03 54.01
N ASP E 187 -9.30 -18.23 53.65
CA ASP E 187 -8.05 -18.81 54.19
C ASP E 187 -6.82 -17.93 53.95
N LEU E 188 -6.70 -17.39 52.74
CA LEU E 188 -5.50 -16.65 52.33
C LEU E 188 -5.53 -15.18 52.71
N TYR E 189 -6.71 -14.54 52.61
CA TYR E 189 -6.85 -13.09 52.81
C TYR E 189 -7.82 -12.64 53.91
N GLY E 190 -8.64 -13.55 54.43
CA GLY E 190 -9.65 -13.23 55.45
C GLY E 190 -11.03 -12.94 54.87
N THR E 191 -12.01 -12.80 55.76
CA THR E 191 -13.42 -12.57 55.37
C THR E 191 -13.72 -11.14 54.90
N GLN E 192 -12.79 -10.20 55.12
CA GLN E 192 -12.96 -8.80 54.72
C GLN E 192 -13.18 -8.60 53.22
N SER E 193 -13.67 -7.40 52.88
CA SER E 193 -13.83 -6.99 51.49
C SER E 193 -12.46 -6.65 50.92
N LEU E 194 -12.09 -7.31 49.81
CA LEU E 194 -10.76 -7.17 49.20
C LEU E 194 -10.77 -6.12 48.09
N SER E 195 -9.70 -5.34 48.03
CA SER E 195 -9.58 -4.26 47.06
C SER E 195 -8.10 -3.93 46.82
N ILE E 196 -7.70 -3.84 45.54
CA ILE E 196 -6.33 -3.46 45.18
C ILE E 196 -6.38 -2.19 44.35
N SER E 197 -5.61 -1.20 44.76
CA SER E 197 -5.50 0.08 44.04
C SER E 197 -4.05 0.27 43.61
N VAL E 198 -3.85 0.77 42.39
CA VAL E 198 -2.53 1.02 41.82
C VAL E 198 -2.55 2.40 41.17
N GLY E 199 -1.61 3.27 41.57
CA GLY E 199 -1.59 4.65 41.06
C GLY E 199 -0.19 5.23 40.88
N SER E 200 0.02 5.86 39.71
CA SER E 200 1.22 6.63 39.41
C SER E 200 0.81 7.99 38.86
N SER E 201 1.77 8.76 38.34
CA SER E 201 1.48 10.04 37.69
C SER E 201 0.81 9.88 36.31
N THR E 202 1.10 8.79 35.61
CA THR E 202 0.58 8.53 34.26
C THR E 202 -0.43 7.37 34.16
N TYR E 203 -0.71 6.69 35.27
CA TYR E 203 -1.58 5.50 35.28
C TYR E 203 -2.31 5.41 36.61
N LYS E 204 -3.53 4.87 36.57
CA LYS E 204 -4.24 4.46 37.77
C LYS E 204 -5.30 3.42 37.43
N ASN E 205 -5.60 2.54 38.39
CA ASN E 205 -6.60 1.49 38.21
C ASN E 205 -6.96 0.89 39.57
N SER E 206 -8.08 0.18 39.60
CA SER E 206 -8.54 -0.51 40.81
C SER E 206 -8.99 -1.92 40.44
N PHE E 207 -8.79 -2.87 41.36
CA PHE E 207 -9.09 -4.28 41.08
C PHE E 207 -9.76 -4.90 42.28
N VAL E 208 -10.63 -5.86 42.04
CA VAL E 208 -11.33 -6.59 43.10
C VAL E 208 -11.25 -8.08 42.74
N PRO E 209 -10.67 -8.92 43.63
CA PRO E 209 -10.73 -10.36 43.46
C PRO E 209 -12.17 -10.87 43.40
N VAL E 210 -12.45 -11.75 42.45
CA VAL E 210 -13.79 -12.32 42.27
C VAL E 210 -13.70 -13.82 42.49
N VAL E 211 -14.52 -14.32 43.40
CA VAL E 211 -14.68 -15.74 43.62
C VAL E 211 -15.71 -16.23 42.63
N GLY E 212 -15.44 -17.35 41.98
CA GLY E 212 -16.34 -17.89 40.98
C GLY E 212 -15.94 -19.27 40.51
N ALA E 213 -16.94 -20.09 40.18
CA ALA E 213 -16.70 -21.43 39.66
C ALA E 213 -16.16 -21.32 38.22
N ARG E 214 -15.08 -22.05 37.95
CA ARG E 214 -14.49 -22.13 36.61
C ARG E 214 -13.99 -23.55 36.44
N PRO E 215 -13.75 -24.00 35.20
CA PRO E 215 -13.13 -25.31 35.04
C PRO E 215 -11.66 -25.30 35.48
N GLN E 216 -11.14 -26.50 35.75
CA GLN E 216 -9.75 -26.66 36.17
C GLN E 216 -8.80 -26.57 34.97
N VAL E 217 -7.77 -25.74 35.10
CA VAL E 217 -6.63 -25.70 34.17
C VAL E 217 -5.41 -26.10 35.01
N ASN E 218 -4.66 -27.10 34.55
CA ASN E 218 -3.58 -27.70 35.34
C ASN E 218 -4.04 -28.07 36.76
N GLY E 219 -5.26 -28.60 36.87
CA GLY E 219 -5.88 -28.98 38.14
C GLY E 219 -6.49 -27.89 39.03
N LEU E 220 -6.43 -26.62 38.58
CA LEU E 220 -6.84 -25.48 39.42
C LEU E 220 -7.93 -24.61 38.78
N SER E 221 -8.97 -24.30 39.56
CA SER E 221 -10.06 -23.40 39.13
C SER E 221 -9.75 -21.92 39.39
N GLY E 222 -8.76 -21.64 40.23
CA GLY E 222 -8.31 -20.28 40.48
C GLY E 222 -7.62 -19.67 39.27
N ARG E 223 -7.49 -18.35 39.26
CA ARG E 223 -6.82 -17.62 38.18
C ARG E 223 -5.97 -16.49 38.75
N ILE E 224 -4.83 -16.24 38.12
CA ILE E 224 -4.05 -15.03 38.36
C ILE E 224 -3.97 -14.26 37.03
N ASP E 225 -4.58 -13.08 37.01
CA ASP E 225 -4.53 -12.19 35.86
C ASP E 225 -3.43 -11.18 36.07
N PHE E 226 -2.64 -10.93 35.04
CA PHE E 226 -1.54 -9.97 35.11
C PHE E 226 -1.90 -8.64 34.45
N HIS E 227 -1.37 -7.57 35.02
CA HIS E 227 -1.53 -6.22 34.50
C HIS E 227 -0.16 -5.54 34.47
N TRP E 228 -0.03 -4.48 33.68
CA TRP E 228 1.25 -3.80 33.54
C TRP E 228 1.14 -2.34 33.10
N THR E 229 2.20 -1.60 33.39
CA THR E 229 2.36 -0.21 32.96
C THR E 229 3.84 0.19 32.96
N LEU E 230 4.11 1.34 32.34
CA LEU E 230 5.47 1.90 32.29
C LEU E 230 5.59 3.01 33.34
N VAL E 231 6.57 2.90 34.23
CA VAL E 231 6.89 3.93 35.23
C VAL E 231 7.98 4.83 34.66
N GLN E 232 7.67 6.11 34.48
CA GLN E 232 8.58 7.06 33.83
C GLN E 232 9.71 7.50 34.76
N PRO E 233 10.87 7.92 34.20
CA PRO E 233 12.04 8.29 35.01
C PRO E 233 11.71 9.35 36.05
N GLY E 234 12.00 9.06 37.32
CA GLY E 234 11.70 9.98 38.42
C GLY E 234 10.35 9.75 39.09
N ASP E 235 9.38 9.25 38.34
CA ASP E 235 8.02 9.01 38.85
C ASP E 235 8.00 7.82 39.82
N LYS E 236 6.96 7.77 40.65
CA LYS E 236 6.72 6.63 41.54
C LYS E 236 5.37 5.99 41.25
N ILE E 237 5.24 4.71 41.62
CA ILE E 237 3.98 3.97 41.49
C ILE E 237 3.66 3.35 42.84
N ILE E 238 2.41 3.51 43.28
CA ILE E 238 1.98 3.11 44.63
C ILE E 238 0.95 1.99 44.54
N PHE E 239 1.20 0.90 45.27
CA PHE E 239 0.27 -0.23 45.39
C PHE E 239 -0.37 -0.18 46.76
N SER E 240 -1.70 -0.10 46.81
CA SER E 240 -2.47 -0.15 48.05
C SER E 240 -3.38 -1.37 47.98
N HIS E 241 -3.29 -2.24 48.98
CA HIS E 241 -3.97 -3.55 48.92
C HIS E 241 -4.19 -4.18 50.29
N ASN E 242 -5.16 -5.07 50.35
CA ASN E 242 -5.49 -5.81 51.58
C ASN E 242 -5.86 -7.27 51.31
N GLY E 243 -5.18 -7.88 50.34
CA GLY E 243 -5.38 -9.30 50.00
C GLY E 243 -5.70 -9.49 48.52
N GLY E 244 -4.89 -10.32 47.85
CA GLY E 244 -5.13 -10.71 46.46
C GLY E 244 -4.12 -10.16 45.46
N LEU E 245 -3.24 -9.25 45.90
CA LEU E 245 -2.18 -8.74 45.04
C LEU E 245 -1.07 -9.77 44.94
N ILE E 246 -0.68 -10.08 43.71
CA ILE E 246 0.56 -10.81 43.43
C ILE E 246 1.57 -9.72 43.13
N ALA E 247 2.47 -9.45 44.09
CA ALA E 247 3.31 -8.25 44.06
C ALA E 247 4.65 -8.52 43.37
N PRO E 248 5.19 -7.54 42.63
CA PRO E 248 6.50 -7.71 41.99
C PRO E 248 7.67 -7.51 42.95
N SER E 249 8.59 -8.48 42.97
CA SER E 249 9.87 -8.31 43.66
C SER E 249 10.89 -7.59 42.76
N ARG E 250 10.68 -7.65 41.44
CA ARG E 250 11.51 -6.92 40.48
C ARG E 250 10.67 -6.25 39.39
N VAL E 251 11.23 -5.23 38.77
CA VAL E 251 10.69 -4.60 37.55
C VAL E 251 11.67 -4.81 36.42
N SER E 252 11.18 -4.65 35.18
CA SER E 252 11.99 -4.84 33.98
C SER E 252 12.32 -3.52 33.31
N LYS E 253 13.50 -3.47 32.68
CA LYS E 253 13.87 -2.39 31.78
C LYS E 253 14.26 -3.01 30.44
N LEU E 254 13.53 -2.64 29.38
CA LEU E 254 13.84 -3.09 28.02
C LEU E 254 14.91 -2.16 27.44
N ILE E 255 15.93 -2.74 26.83
CA ILE E 255 17.09 -1.97 26.35
C ILE E 255 17.20 -2.08 24.84
N GLY E 256 17.27 -0.92 24.18
CA GLY E 256 17.57 -0.85 22.75
C GLY E 256 16.53 -1.54 21.89
N ARG E 257 16.97 -1.98 20.71
CA ARG E 257 16.08 -2.66 19.77
C ARG E 257 16.72 -3.93 19.25
N GLY E 258 15.86 -4.89 18.90
CA GLY E 258 16.27 -6.14 18.28
C GLY E 258 15.16 -6.65 17.38
N LEU E 259 15.49 -7.65 16.57
CA LEU E 259 14.55 -8.25 15.63
C LEU E 259 13.89 -9.47 16.28
N GLY E 260 12.58 -9.42 16.46
CA GLY E 260 11.82 -10.57 16.94
C GLY E 260 11.48 -11.51 15.79
N ILE E 261 11.78 -12.79 15.97
CA ILE E 261 11.48 -13.83 14.98
C ILE E 261 10.61 -14.89 15.66
N GLN E 262 9.57 -15.32 14.96
CA GLN E 262 8.77 -16.47 15.37
C GLN E 262 9.01 -17.54 14.32
N SER E 263 9.61 -18.67 14.72
CA SER E 263 9.99 -19.72 13.77
C SER E 263 10.22 -21.05 14.45
N GLU E 264 10.07 -22.13 13.68
CA GLU E 264 10.27 -23.49 14.16
C GLU E 264 11.60 -24.09 13.67
N ALA E 265 12.43 -23.29 12.99
CA ALA E 265 13.66 -23.77 12.36
C ALA E 265 14.86 -23.68 13.32
N PRO E 266 15.79 -24.66 13.25
CA PRO E 266 16.94 -24.69 14.16
C PRO E 266 17.99 -23.61 13.86
N ILE E 267 18.73 -23.21 14.89
CA ILE E 267 19.78 -22.18 14.77
C ILE E 267 20.96 -22.74 13.96
N ASP E 268 21.54 -21.88 13.13
CA ASP E 268 22.78 -22.18 12.40
C ASP E 268 23.70 -20.97 12.54
N ASN E 269 24.76 -21.10 13.31
CA ASN E 269 25.74 -20.01 13.51
C ASN E 269 26.72 -19.83 12.34
N SER E 270 26.77 -20.80 11.41
CA SER E 270 27.64 -20.72 10.23
C SER E 270 27.00 -20.03 9.01
N CYS E 271 25.70 -19.77 9.09
CA CYS E 271 24.94 -19.09 8.03
C CYS E 271 24.61 -17.67 8.51
N GLU E 272 24.70 -16.69 7.60
CA GLU E 272 24.35 -15.28 7.89
C GLU E 272 23.16 -14.84 7.05
N SER E 273 22.25 -14.05 7.63
CA SER E 273 21.05 -13.58 6.91
C SER E 273 20.44 -12.29 7.48
N LYS E 274 19.68 -11.60 6.62
CA LYS E 274 18.93 -10.40 6.99
C LYS E 274 17.41 -10.61 6.97
N CYS E 275 16.95 -11.73 6.43
CA CYS E 275 15.51 -11.97 6.22
C CYS E 275 15.11 -13.34 6.75
N PHE E 276 14.03 -13.38 7.52
CA PHE E 276 13.57 -14.60 8.18
C PHE E 276 12.05 -14.78 8.04
N TRP E 277 11.62 -16.04 8.07
CA TRP E 277 10.20 -16.39 8.09
C TRP E 277 9.99 -17.66 8.92
N ARG E 278 8.74 -18.11 9.03
CA ARG E 278 8.40 -19.28 9.86
C ARG E 278 9.27 -20.51 9.56
N GLY E 279 9.54 -20.74 8.27
CA GLY E 279 10.30 -21.88 7.79
C GLY E 279 11.82 -21.75 7.71
N GLY E 280 12.35 -20.56 7.99
CA GLY E 280 13.81 -20.37 8.10
C GLY E 280 14.28 -19.02 7.61
N SER E 281 15.37 -19.02 6.83
CA SER E 281 16.02 -17.80 6.35
C SER E 281 15.92 -17.69 4.82
N ILE E 282 15.86 -16.44 4.35
CA ILE E 282 15.89 -16.15 2.91
C ILE E 282 17.21 -15.45 2.63
N ASN E 283 18.19 -16.23 2.16
CA ASN E 283 19.50 -15.74 1.75
C ASN E 283 19.55 -15.67 0.24
N THR E 284 19.21 -14.50 -0.30
CA THR E 284 19.20 -14.28 -1.73
C THR E 284 19.51 -12.83 -2.04
N ARG E 285 20.10 -12.59 -3.20
CA ARG E 285 20.29 -11.23 -3.70
C ARG E 285 19.13 -10.80 -4.61
N LEU E 286 18.17 -11.70 -4.87
CA LEU E 286 17.08 -11.43 -5.80
C LEU E 286 16.04 -10.48 -5.21
N PRO E 287 15.43 -9.63 -6.05
CA PRO E 287 14.49 -8.60 -5.57
C PRO E 287 13.15 -9.15 -5.05
N PHE E 288 12.74 -10.33 -5.52
CA PHE E 288 11.45 -10.92 -5.17
C PHE E 288 11.59 -12.34 -4.61
N GLN E 289 10.56 -12.79 -3.91
CA GLN E 289 10.49 -14.16 -3.38
C GLN E 289 9.05 -14.64 -3.31
N ASN E 290 8.88 -15.96 -3.40
CA ASN E 290 7.55 -16.58 -3.36
C ASN E 290 7.37 -17.55 -2.18
N LEU E 291 8.21 -17.39 -1.15
CA LEU E 291 8.19 -18.31 0.00
C LEU E 291 7.04 -18.03 0.95
N SER E 292 6.89 -16.77 1.34
CA SER E 292 5.82 -16.37 2.25
C SER E 292 5.62 -14.86 2.26
N PRO E 293 4.35 -14.39 2.38
CA PRO E 293 4.10 -12.98 2.62
C PRO E 293 4.44 -12.52 4.06
N ARG E 294 4.67 -13.46 4.97
CA ARG E 294 5.04 -13.14 6.36
C ARG E 294 6.53 -13.29 6.57
N THR E 295 7.25 -12.18 6.45
CA THR E 295 8.70 -12.13 6.69
C THR E 295 9.05 -10.97 7.63
N VAL E 296 10.22 -11.07 8.24
CA VAL E 296 10.79 -10.00 9.08
C VAL E 296 12.23 -9.74 8.68
N GLY E 297 12.67 -8.50 8.88
CA GLY E 297 14.03 -8.07 8.56
C GLY E 297 14.07 -7.25 7.27
N GLN E 298 15.21 -7.31 6.57
CA GLN E 298 15.39 -6.63 5.29
C GLN E 298 15.23 -7.68 4.19
N CYS E 299 14.07 -7.65 3.52
CA CYS E 299 13.63 -8.80 2.72
C CYS E 299 13.33 -8.48 1.26
N PRO E 300 13.38 -9.52 0.39
CA PRO E 300 12.79 -9.37 -0.93
C PRO E 300 11.28 -9.31 -0.83
N LYS E 301 10.65 -8.62 -1.77
CA LYS E 301 9.19 -8.44 -1.74
C LYS E 301 8.49 -9.72 -2.17
N TYR E 302 7.44 -10.08 -1.45
CA TYR E 302 6.66 -11.28 -1.78
C TYR E 302 5.83 -11.04 -3.04
N VAL E 303 5.84 -12.02 -3.94
CA VAL E 303 5.03 -11.98 -5.17
C VAL E 303 4.35 -13.33 -5.40
N ASN E 304 3.12 -13.29 -5.95
CA ASN E 304 2.39 -14.52 -6.33
C ASN E 304 2.83 -14.99 -7.71
N LYS E 305 4.05 -15.50 -7.79
CA LYS E 305 4.63 -15.95 -9.06
C LYS E 305 5.69 -17.02 -8.80
N LYS E 306 5.65 -18.11 -9.55
CA LYS E 306 6.66 -19.16 -9.43
C LYS E 306 8.00 -18.66 -9.97
N SER E 307 7.99 -18.06 -11.15
CA SER E 307 9.20 -17.62 -11.85
C SER E 307 8.97 -16.34 -12.65
N LEU E 308 10.00 -15.50 -12.72
CA LEU E 308 10.03 -14.33 -13.62
C LEU E 308 11.45 -14.15 -14.17
N MET E 309 11.67 -14.63 -15.38
CA MET E 309 13.02 -14.66 -15.97
C MET E 309 13.34 -13.34 -16.66
N LEU E 310 14.47 -12.74 -16.25
CA LEU E 310 14.97 -11.52 -16.85
C LEU E 310 15.98 -11.85 -17.94
N ALA E 311 15.72 -11.38 -19.16
CA ALA E 311 16.62 -11.64 -20.29
C ALA E 311 17.98 -10.97 -20.05
N THR E 312 19.04 -11.72 -20.33
CA THR E 312 20.41 -11.21 -20.23
C THR E 312 21.13 -11.39 -21.56
N GLY E 313 20.36 -11.51 -22.64
CA GLY E 313 20.90 -11.66 -23.97
C GLY E 313 19.87 -11.39 -25.06
N MET E 314 20.34 -11.39 -26.30
CA MET E 314 19.50 -11.15 -27.47
C MET E 314 18.54 -12.30 -27.78
N ARG E 315 17.63 -12.08 -28.72
CA ARG E 315 16.84 -13.17 -29.30
C ARG E 315 17.77 -14.26 -29.83
N ASN E 316 17.46 -15.50 -29.48
CA ASN E 316 18.21 -16.65 -29.96
C ASN E 316 17.59 -17.14 -31.26
N VAL E 317 18.36 -17.09 -32.33
CA VAL E 317 17.90 -17.51 -33.65
C VAL E 317 18.87 -18.59 -34.11
N PRO E 318 18.59 -19.87 -33.76
CA PRO E 318 19.54 -20.94 -34.09
C PRO E 318 19.59 -21.31 -35.57
N GLU E 319 20.60 -22.09 -35.93
CA GLU E 319 20.88 -22.45 -37.32
C GLU E 319 20.12 -23.71 -37.71
N GLY F 1 11.85 -7.83 -35.82
CA GLY F 1 11.99 -7.01 -34.57
C GLY F 1 12.08 -5.52 -34.86
N LEU F 2 12.29 -4.76 -33.80
CA LEU F 2 12.15 -3.30 -33.84
C LEU F 2 13.17 -2.61 -34.77
N PHE F 3 14.40 -3.10 -34.81
CA PHE F 3 15.42 -2.54 -35.72
C PHE F 3 15.66 -3.37 -36.98
N GLY F 4 14.93 -4.48 -37.12
CA GLY F 4 14.87 -5.23 -38.36
C GLY F 4 16.03 -6.14 -38.70
N ALA F 5 17.05 -6.22 -37.84
CA ALA F 5 18.26 -7.01 -38.12
C ALA F 5 18.22 -8.40 -37.47
N ILE F 6 18.26 -8.45 -36.14
CA ILE F 6 18.22 -9.74 -35.41
C ILE F 6 16.79 -10.31 -35.50
N ALA F 7 16.70 -11.58 -35.90
CA ALA F 7 15.43 -12.21 -36.30
C ALA F 7 14.73 -11.41 -37.40
N GLY F 8 15.53 -10.78 -38.27
CA GLY F 8 15.05 -9.88 -39.31
C GLY F 8 15.77 -10.21 -40.60
N PHE F 9 16.49 -9.24 -41.17
CA PHE F 9 17.20 -9.49 -42.45
C PHE F 9 18.43 -10.41 -42.30
N ILE F 10 18.99 -10.48 -41.09
CA ILE F 10 19.97 -11.51 -40.75
C ILE F 10 19.17 -12.76 -40.45
N GLU F 11 19.34 -13.79 -41.26
CA GLU F 11 18.48 -14.98 -41.21
C GLU F 11 18.58 -15.74 -39.90
N ASN F 12 19.80 -15.86 -39.37
CA ASN F 12 20.03 -16.54 -38.08
C ASN F 12 21.37 -16.14 -37.45
N GLY F 13 21.54 -16.54 -36.19
CA GLY F 13 22.78 -16.31 -35.45
C GLY F 13 23.81 -17.36 -35.77
N TRP F 14 25.04 -17.12 -35.30
CA TRP F 14 26.17 -18.02 -35.52
C TRP F 14 26.54 -18.70 -34.20
N GLU F 15 26.26 -19.99 -34.10
CA GLU F 15 26.63 -20.75 -32.90
C GLU F 15 28.15 -20.88 -32.73
N GLY F 16 28.89 -20.85 -33.84
CA GLY F 16 30.36 -20.86 -33.82
C GLY F 16 31.08 -19.57 -33.45
N MET F 17 30.35 -18.47 -33.22
CA MET F 17 30.97 -17.25 -32.72
C MET F 17 30.88 -17.24 -31.19
N VAL F 18 31.92 -17.79 -30.56
CA VAL F 18 32.00 -17.96 -29.11
C VAL F 18 32.80 -16.87 -28.40
N ASP F 19 33.52 -16.05 -29.15
CA ASP F 19 34.36 -14.98 -28.58
C ASP F 19 33.69 -13.59 -28.57
N GLY F 20 32.41 -13.53 -28.94
CA GLY F 20 31.66 -12.28 -28.91
C GLY F 20 30.22 -12.43 -29.31
N TRP F 21 29.47 -11.35 -29.17
CA TRP F 21 28.03 -11.30 -29.44
C TRP F 21 27.73 -10.92 -30.89
N TYR F 22 28.55 -10.02 -31.44
CA TYR F 22 28.45 -9.59 -32.84
C TYR F 22 29.80 -9.73 -33.51
N GLY F 23 29.80 -9.88 -34.83
CA GLY F 23 31.05 -9.96 -35.55
C GLY F 23 30.94 -10.04 -37.06
N PHE F 24 32.05 -10.43 -37.67
CA PHE F 24 32.21 -10.45 -39.10
C PHE F 24 32.59 -11.86 -39.54
N ARG F 25 32.03 -12.29 -40.67
CA ARG F 25 32.59 -13.39 -41.45
C ARG F 25 32.98 -12.82 -42.80
N HIS F 26 34.01 -13.37 -43.42
CA HIS F 26 34.42 -12.90 -44.74
C HIS F 26 34.93 -14.01 -45.65
N GLN F 27 34.99 -13.69 -46.93
CA GLN F 27 35.56 -14.58 -47.93
C GLN F 27 36.33 -13.75 -48.94
N ASN F 28 37.60 -14.09 -49.13
CA ASN F 28 38.43 -13.50 -50.17
C ASN F 28 39.31 -14.58 -50.79
N ALA F 29 40.25 -14.20 -51.66
CA ALA F 29 41.16 -15.16 -52.28
C ALA F 29 41.98 -15.93 -51.25
N GLN F 30 42.48 -15.23 -50.23
CA GLN F 30 43.34 -15.83 -49.20
C GLN F 30 42.65 -16.88 -48.34
N GLY F 31 41.39 -16.63 -47.96
CA GLY F 31 40.65 -17.60 -47.14
C GLY F 31 39.31 -17.15 -46.62
N THR F 32 38.77 -17.96 -45.72
CA THR F 32 37.52 -17.70 -45.02
C THR F 32 37.87 -17.21 -43.62
N GLY F 33 37.25 -16.11 -43.21
CA GLY F 33 37.55 -15.49 -41.93
C GLY F 33 36.34 -15.33 -41.02
N GLN F 34 36.61 -15.24 -39.73
CA GLN F 34 35.60 -14.90 -38.72
C GLN F 34 36.27 -14.19 -37.57
N ALA F 35 35.62 -13.15 -37.06
CA ALA F 35 36.15 -12.36 -35.95
C ALA F 35 35.05 -11.59 -35.24
N ALA F 36 35.07 -11.62 -33.90
CA ALA F 36 34.12 -10.88 -33.09
C ALA F 36 34.43 -9.40 -33.14
N ASP F 37 33.38 -8.57 -33.01
CA ASP F 37 33.54 -7.12 -32.86
C ASP F 37 33.42 -6.77 -31.39
N TYR F 38 34.48 -6.18 -30.83
CA TYR F 38 34.59 -5.90 -29.41
C TYR F 38 33.67 -4.76 -28.95
N LYS F 39 33.61 -3.67 -29.71
CA LYS F 39 32.86 -2.47 -29.32
C LYS F 39 31.36 -2.70 -29.18
N SER F 40 30.76 -3.36 -30.18
CA SER F 40 29.32 -3.62 -30.16
C SER F 40 28.96 -4.67 -29.10
N THR F 41 29.76 -5.73 -29.02
CA THR F 41 29.59 -6.76 -27.99
C THR F 41 29.61 -6.15 -26.59
N GLN F 42 30.61 -5.33 -26.32
CA GLN F 42 30.76 -4.71 -25.01
C GLN F 42 29.67 -3.68 -24.72
N ALA F 43 29.20 -2.98 -25.75
CA ALA F 43 28.10 -2.02 -25.60
C ALA F 43 26.82 -2.71 -25.11
N ALA F 44 26.51 -3.88 -25.68
CA ALA F 44 25.35 -4.66 -25.27
C ALA F 44 25.51 -5.22 -23.85
N ILE F 45 26.67 -5.82 -23.58
CA ILE F 45 26.97 -6.42 -22.28
C ILE F 45 26.92 -5.38 -21.16
N ASP F 46 27.54 -4.22 -21.39
CA ASP F 46 27.52 -3.13 -20.40
C ASP F 46 26.10 -2.66 -20.07
N GLN F 47 25.24 -2.58 -21.08
CA GLN F 47 23.85 -2.14 -20.88
C GLN F 47 23.04 -3.18 -20.11
N ILE F 48 23.22 -4.47 -20.43
CA ILE F 48 22.60 -5.55 -19.67
C ILE F 48 23.11 -5.60 -18.21
N THR F 49 24.42 -5.39 -18.04
CA THR F 49 25.02 -5.33 -16.70
C THR F 49 24.43 -4.17 -15.86
N GLY F 50 24.23 -3.02 -16.49
CA GLY F 50 23.58 -1.88 -15.85
C GLY F 50 22.17 -2.16 -15.35
N LYS F 51 21.38 -2.88 -16.16
CA LYS F 51 20.04 -3.33 -15.77
C LYS F 51 20.08 -4.27 -14.59
N LEU F 52 20.95 -5.26 -14.65
CA LEU F 52 21.15 -6.22 -13.55
C LEU F 52 21.54 -5.53 -12.24
N ASN F 53 22.44 -4.54 -12.34
CA ASN F 53 22.85 -3.75 -11.17
C ASN F 53 21.68 -3.01 -10.52
N ARG F 54 20.75 -2.51 -11.34
CA ARG F 54 19.55 -1.84 -10.84
C ARG F 54 18.48 -2.80 -10.33
N ILE F 55 18.26 -3.91 -11.04
CA ILE F 55 17.17 -4.83 -10.74
C ILE F 55 17.48 -5.81 -9.61
N ILE F 56 18.66 -6.42 -9.63
CA ILE F 56 19.03 -7.46 -8.65
C ILE F 56 19.44 -6.78 -7.34
N LYS F 57 18.44 -6.45 -6.52
CA LYS F 57 18.59 -5.51 -5.41
C LYS F 57 17.36 -5.53 -4.50
N LYS F 58 17.55 -5.15 -3.24
CA LYS F 58 16.45 -5.01 -2.26
C LYS F 58 16.36 -3.58 -1.76
N THR F 59 15.27 -3.31 -1.05
CA THR F 59 15.16 -2.09 -0.25
C THR F 59 15.96 -2.29 1.04
N ASN F 60 16.44 -1.19 1.61
CA ASN F 60 17.15 -1.20 2.90
C ASN F 60 16.19 -1.19 4.10
N THR F 61 14.88 -1.15 3.86
CA THR F 61 13.88 -1.02 4.93
C THR F 61 13.77 -2.30 5.75
N GLU F 62 13.82 -2.16 7.07
CA GLU F 62 13.73 -3.29 7.99
C GLU F 62 12.30 -3.38 8.52
N PHE F 63 11.64 -4.49 8.22
CA PHE F 63 10.26 -4.74 8.64
C PHE F 63 10.21 -5.69 9.83
N GLU F 64 9.36 -5.35 10.79
CA GLU F 64 9.10 -6.18 11.98
C GLU F 64 7.72 -6.83 11.82
N SER F 65 7.46 -7.81 12.68
CA SER F 65 6.24 -8.61 12.58
C SER F 65 5.00 -7.82 13.02
N ILE F 66 3.94 -7.90 12.21
CA ILE F 66 2.60 -7.42 12.59
C ILE F 66 1.54 -8.54 12.58
N GLU F 67 1.98 -9.79 12.39
CA GLU F 67 1.13 -10.98 12.47
C GLU F 67 1.82 -12.03 13.33
N SER F 68 1.14 -12.51 14.36
CA SER F 68 1.69 -13.56 15.22
C SER F 68 1.58 -14.93 14.55
N GLU F 69 2.73 -15.59 14.35
CA GLU F 69 2.77 -16.95 13.82
C GLU F 69 2.08 -18.00 14.69
N PHE F 70 2.15 -17.83 16.02
CA PHE F 70 1.76 -18.89 16.97
C PHE F 70 0.51 -18.63 17.82
N SER F 71 0.01 -17.39 17.83
CA SER F 71 -1.20 -17.02 18.58
C SER F 71 -2.15 -16.19 17.72
N GLU F 72 -3.39 -16.05 18.19
CA GLU F 72 -4.45 -15.39 17.41
C GLU F 72 -4.25 -13.87 17.37
N ILE F 73 -4.41 -13.28 16.18
CA ILE F 73 -4.45 -11.83 15.99
C ILE F 73 -5.85 -11.33 16.28
N ASP F 74 -5.97 -10.05 16.66
CA ASP F 74 -7.28 -9.42 16.91
C ASP F 74 -8.14 -9.43 15.65
N HIS F 75 -9.45 -9.61 15.82
CA HIS F 75 -10.36 -9.91 14.72
C HIS F 75 -10.45 -8.81 13.66
N GLN F 76 -10.74 -7.59 14.10
CA GLN F 76 -10.88 -6.45 13.17
C GLN F 76 -9.55 -6.07 12.52
N ILE F 77 -8.52 -5.86 13.34
CA ILE F 77 -7.19 -5.47 12.86
C ILE F 77 -6.54 -6.58 12.01
N GLY F 78 -6.82 -7.84 12.36
CA GLY F 78 -6.39 -9.00 11.56
C GLY F 78 -6.93 -8.98 10.14
N ASN F 79 -8.21 -8.62 10.00
CA ASN F 79 -8.83 -8.44 8.67
C ASN F 79 -8.20 -7.29 7.88
N VAL F 80 -7.90 -6.19 8.58
CA VAL F 80 -7.25 -5.03 7.94
C VAL F 80 -5.83 -5.38 7.47
N ILE F 81 -5.09 -6.11 8.32
CA ILE F 81 -3.74 -6.59 7.98
C ILE F 81 -3.74 -7.52 6.78
N ASN F 82 -4.68 -8.48 6.77
CA ASN F 82 -4.82 -9.40 5.62
C ASN F 82 -5.16 -8.66 4.33
N TRP F 83 -6.10 -7.73 4.41
CA TRP F 83 -6.48 -6.90 3.25
C TRP F 83 -5.29 -6.08 2.75
N THR F 84 -4.58 -5.44 3.68
CA THR F 84 -3.44 -4.60 3.32
C THR F 84 -2.29 -5.42 2.73
N LYS F 85 -1.95 -6.55 3.36
CA LYS F 85 -0.87 -7.41 2.85
C LYS F 85 -1.17 -7.95 1.45
N ASP F 86 -2.39 -8.44 1.25
CA ASP F 86 -2.81 -8.94 -0.06
C ASP F 86 -2.87 -7.83 -1.11
N SER F 87 -3.25 -6.62 -0.70
CA SER F 87 -3.19 -5.45 -1.58
C SER F 87 -1.76 -5.09 -1.98
N ILE F 88 -0.84 -5.14 -1.02
CA ILE F 88 0.58 -4.87 -1.28
C ILE F 88 1.17 -5.97 -2.19
N THR F 89 0.84 -7.22 -1.90
CA THR F 89 1.27 -8.36 -2.72
C THR F 89 0.81 -8.22 -4.17
N ASP F 90 -0.44 -7.80 -4.39
CA ASP F 90 -0.94 -7.59 -5.75
C ASP F 90 -0.18 -6.47 -6.48
N ILE F 91 0.20 -5.41 -5.77
CA ILE F 91 0.99 -4.33 -6.35
C ILE F 91 2.39 -4.81 -6.77
N TRP F 92 3.08 -5.51 -5.87
CA TRP F 92 4.44 -5.99 -6.17
C TRP F 92 4.47 -7.07 -7.26
N THR F 93 3.47 -7.94 -7.25
CA THR F 93 3.33 -8.96 -8.30
C THR F 93 3.11 -8.29 -9.67
N TYR F 94 2.27 -7.26 -9.69
CA TYR F 94 2.05 -6.48 -10.90
C TYR F 94 3.30 -5.74 -11.36
N GLN F 95 3.94 -5.02 -10.42
CA GLN F 95 5.18 -4.27 -10.70
C GLN F 95 6.31 -5.17 -11.20
N ALA F 96 6.43 -6.37 -10.62
CA ALA F 96 7.45 -7.33 -11.01
C ALA F 96 7.22 -7.82 -12.43
N GLU F 97 5.98 -8.21 -12.74
CA GLU F 97 5.61 -8.68 -14.07
C GLU F 97 5.84 -7.63 -15.15
N LEU F 98 5.42 -6.40 -14.85
CA LEU F 98 5.58 -5.27 -15.77
C LEU F 98 7.05 -4.96 -16.01
N LEU F 99 7.80 -4.81 -14.92
CA LEU F 99 9.24 -4.53 -14.97
C LEU F 99 9.96 -5.49 -15.90
N VAL F 100 9.79 -6.78 -15.65
CA VAL F 100 10.55 -7.80 -16.39
C VAL F 100 10.08 -7.88 -17.85
N ALA F 101 8.78 -7.76 -18.09
CA ALA F 101 8.25 -7.75 -19.47
C ALA F 101 8.78 -6.55 -20.26
N MET F 102 8.79 -5.38 -19.62
CA MET F 102 9.30 -4.14 -20.22
C MET F 102 10.81 -4.20 -20.48
N GLU F 103 11.56 -4.61 -19.46
CA GLU F 103 13.02 -4.75 -19.53
C GLU F 103 13.45 -5.78 -20.59
N ASN F 104 12.72 -6.89 -20.66
CA ASN F 104 12.97 -7.93 -21.67
C ASN F 104 12.75 -7.43 -23.10
N GLN F 105 11.69 -6.65 -23.30
CA GLN F 105 11.40 -6.03 -24.60
C GLN F 105 12.53 -5.10 -25.02
N HIS F 106 12.96 -4.25 -24.08
CA HIS F 106 14.06 -3.31 -24.31
C HIS F 106 15.41 -3.99 -24.55
N THR F 107 15.70 -5.07 -23.80
CA THR F 107 16.96 -5.80 -23.94
C THR F 107 17.10 -6.36 -25.35
N ILE F 108 16.05 -7.05 -25.79
CA ILE F 108 15.97 -7.64 -27.14
C ILE F 108 16.11 -6.60 -28.25
N ASP F 109 15.43 -5.46 -28.08
CA ASP F 109 15.46 -4.37 -29.07
C ASP F 109 16.79 -3.60 -29.06
N MET F 110 17.34 -3.38 -27.87
CA MET F 110 18.69 -2.80 -27.74
C MET F 110 19.74 -3.68 -28.45
N ALA F 111 19.64 -5.00 -28.28
CA ALA F 111 20.58 -5.92 -28.92
C ALA F 111 20.46 -5.86 -30.44
N ASP F 112 19.22 -5.80 -30.92
CA ASP F 112 18.88 -5.59 -32.34
C ASP F 112 19.53 -4.30 -32.86
N SER F 113 19.41 -3.22 -32.09
CA SER F 113 20.00 -1.93 -32.48
C SER F 113 21.53 -1.95 -32.58
N GLU F 114 22.21 -2.64 -31.67
CA GLU F 114 23.67 -2.76 -31.73
C GLU F 114 24.11 -3.53 -32.99
N MET F 115 23.33 -4.53 -33.39
CA MET F 115 23.59 -5.27 -34.64
C MET F 115 23.46 -4.35 -35.85
N LEU F 116 22.38 -3.57 -35.90
CA LEU F 116 22.14 -2.62 -36.98
C LEU F 116 23.19 -1.51 -37.03
N ASN F 117 23.58 -1.00 -35.86
CA ASN F 117 24.61 0.03 -35.78
C ASN F 117 25.97 -0.44 -36.31
N LEU F 118 26.27 -1.72 -36.15
CA LEU F 118 27.50 -2.30 -36.70
C LEU F 118 27.42 -2.43 -38.22
N TYR F 119 26.30 -2.98 -38.69
CA TYR F 119 25.97 -3.04 -40.13
C TYR F 119 26.06 -1.69 -40.82
N GLU F 120 25.47 -0.67 -40.19
CA GLU F 120 25.48 0.69 -40.75
C GLU F 120 26.87 1.33 -40.75
N ARG F 121 27.63 1.10 -39.69
CA ARG F 121 29.01 1.55 -39.61
C ARG F 121 29.82 0.97 -40.78
N VAL F 122 29.64 -0.31 -41.08
CA VAL F 122 30.32 -0.95 -42.20
C VAL F 122 29.81 -0.46 -43.56
N ARG F 123 28.48 -0.27 -43.69
CA ARG F 123 27.90 0.24 -44.93
C ARG F 123 28.53 1.58 -45.31
N LYS F 124 28.61 2.48 -44.34
CA LYS F 124 29.17 3.82 -44.56
C LYS F 124 30.69 3.81 -44.82
N GLN F 125 31.41 2.87 -44.22
CA GLN F 125 32.85 2.69 -44.51
C GLN F 125 33.10 2.30 -45.97
N LEU F 126 32.35 1.31 -46.45
CA LEU F 126 32.54 0.76 -47.79
C LEU F 126 32.07 1.69 -48.90
N ARG F 127 31.17 2.63 -48.58
CA ARG F 127 30.78 3.70 -49.49
C ARG F 127 30.30 3.14 -50.85
N GLN F 128 30.93 3.49 -51.97
CA GLN F 128 30.49 3.03 -53.29
C GLN F 128 31.25 1.81 -53.79
N ASN F 129 32.00 1.15 -52.90
CA ASN F 129 32.84 0.01 -53.28
C ASN F 129 32.16 -1.34 -53.06
N ALA F 130 30.99 -1.31 -52.43
CA ALA F 130 30.24 -2.54 -52.13
C ALA F 130 28.75 -2.35 -52.31
N GLU F 131 28.03 -3.45 -52.40
CA GLU F 131 26.56 -3.45 -52.46
C GLU F 131 26.00 -4.45 -51.45
N GLU F 132 24.84 -4.12 -50.88
CA GLU F 132 24.17 -4.95 -49.88
C GLU F 132 23.44 -6.08 -50.59
N ASP F 133 23.54 -7.29 -50.07
CA ASP F 133 22.82 -8.45 -50.64
C ASP F 133 21.43 -8.67 -50.01
N GLY F 134 21.11 -7.94 -48.95
CA GLY F 134 19.82 -8.06 -48.27
C GLY F 134 19.77 -9.05 -47.11
N LYS F 135 20.85 -9.80 -46.90
CA LYS F 135 20.95 -10.84 -45.86
C LYS F 135 21.95 -10.48 -44.77
N GLY F 136 22.42 -9.23 -44.77
CA GLY F 136 23.44 -8.78 -43.82
C GLY F 136 24.87 -8.78 -44.36
N CYS F 137 25.06 -9.19 -45.61
CA CYS F 137 26.38 -9.19 -46.24
C CYS F 137 26.57 -8.03 -47.21
N PHE F 138 27.84 -7.69 -47.43
CA PHE F 138 28.25 -6.71 -48.42
C PHE F 138 29.12 -7.39 -49.45
N GLU F 139 28.70 -7.35 -50.72
CA GLU F 139 29.52 -7.84 -51.82
C GLU F 139 30.50 -6.72 -52.19
N ILE F 140 31.80 -7.01 -52.06
CA ILE F 140 32.85 -6.01 -52.23
C ILE F 140 33.38 -6.14 -53.65
N TYR F 141 33.38 -5.04 -54.39
CA TYR F 141 33.66 -5.08 -55.84
C TYR F 141 35.12 -4.81 -56.20
N HIS F 142 36.02 -5.00 -55.24
CA HIS F 142 37.47 -5.06 -55.49
C HIS F 142 38.08 -6.20 -54.71
N ALA F 143 39.30 -6.58 -55.07
CA ALA F 143 40.05 -7.56 -54.29
C ALA F 143 40.30 -6.97 -52.92
N CYS F 144 39.79 -7.64 -51.88
CA CYS F 144 39.93 -7.18 -50.49
C CYS F 144 40.60 -8.31 -49.68
N ASP F 145 41.93 -8.22 -49.59
CA ASP F 145 42.74 -9.23 -48.91
C ASP F 145 42.60 -9.16 -47.39
N ASP F 146 43.32 -10.02 -46.66
CA ASP F 146 43.18 -10.09 -45.20
C ASP F 146 43.46 -8.74 -44.50
N SER F 147 44.48 -8.01 -44.95
CA SER F 147 44.76 -6.66 -44.43
C SER F 147 43.59 -5.70 -44.72
N CYS F 148 43.03 -5.76 -45.92
CA CYS F 148 41.85 -4.97 -46.30
C CYS F 148 40.65 -5.32 -45.39
N MET F 149 40.41 -6.61 -45.20
CA MET F 149 39.34 -7.06 -44.29
C MET F 149 39.55 -6.58 -42.86
N GLU F 150 40.80 -6.65 -42.37
CA GLU F 150 41.16 -6.09 -41.05
C GLU F 150 40.85 -4.61 -40.95
N SER F 151 41.19 -3.85 -41.99
CA SER F 151 40.95 -2.40 -42.00
C SER F 151 39.46 -2.06 -41.85
N ILE F 152 38.59 -2.89 -42.43
CA ILE F 152 37.14 -2.73 -42.28
C ILE F 152 36.77 -2.95 -40.81
N ARG F 153 37.24 -4.06 -40.23
CA ARG F 153 36.98 -4.38 -38.82
C ARG F 153 37.59 -3.36 -37.85
N ASN F 154 38.74 -2.81 -38.22
CA ASN F 154 39.43 -1.78 -37.43
C ASN F 154 38.87 -0.35 -37.60
N ASN F 155 37.92 -0.15 -38.52
CA ASN F 155 37.42 1.18 -38.87
C ASN F 155 38.51 2.12 -39.45
N THR F 156 39.44 1.55 -40.21
CA THR F 156 40.50 2.31 -40.90
C THR F 156 40.52 2.05 -42.41
N TYR F 157 39.46 1.45 -42.95
CA TYR F 157 39.33 1.22 -44.39
C TYR F 157 39.14 2.57 -45.08
N ASN F 158 39.92 2.79 -46.14
CA ASN F 158 39.85 4.02 -46.94
C ASN F 158 39.29 3.67 -48.32
N HIS F 159 38.03 4.06 -48.54
CA HIS F 159 37.28 3.72 -49.76
C HIS F 159 37.92 4.24 -51.05
N SER F 160 38.52 5.43 -50.98
CA SER F 160 39.05 6.10 -52.16
C SER F 160 40.28 5.39 -52.74
N GLN F 161 40.97 4.61 -51.90
CA GLN F 161 42.09 3.76 -52.35
C GLN F 161 41.65 2.66 -53.35
N TYR F 162 40.42 2.19 -53.23
CA TYR F 162 39.88 1.10 -54.08
C TYR F 162 38.75 1.54 -55.04
N ARG F 163 38.41 2.82 -55.04
CA ARG F 163 37.18 3.30 -55.71
C ARG F 163 37.16 3.03 -57.23
N GLU F 164 38.25 3.35 -57.92
CA GLU F 164 38.38 3.11 -59.37
C GLU F 164 38.07 1.66 -59.75
N GLU F 165 38.80 0.73 -59.17
CA GLU F 165 38.60 -0.71 -59.39
C GLU F 165 37.16 -1.12 -59.12
N ALA F 166 36.62 -0.66 -58.00
CA ALA F 166 35.26 -1.01 -57.58
C ALA F 166 34.18 -0.52 -58.55
N LEU F 167 34.27 0.75 -58.95
CA LEU F 167 33.26 1.34 -59.86
C LEU F 167 33.28 0.69 -61.24
N LEU F 168 34.45 0.33 -61.74
CA LEU F 168 34.57 -0.40 -63.02
C LEU F 168 33.93 -1.78 -62.97
N ASN F 169 34.13 -2.49 -61.85
CA ASN F 169 33.53 -3.81 -61.64
C ASN F 169 32.01 -3.75 -61.39
N ARG F 170 31.56 -2.76 -60.62
CA ARG F 170 30.13 -2.55 -60.35
C ARG F 170 29.31 -2.23 -61.60
N LEU F 171 29.85 -1.35 -62.43
CA LEU F 171 29.22 -0.94 -63.70
C LEU F 171 29.56 -1.88 -64.86
N ASN F 172 30.45 -2.84 -64.63
CA ASN F 172 30.85 -3.87 -65.59
C ASN F 172 31.65 -3.25 -66.75
#